data_5WSK
#
_entry.id   5WSK
#
_cell.length_a   110.720
_cell.length_b   110.720
_cell.length_c   200.956
_cell.angle_alpha   90.00
_cell.angle_beta   90.00
_cell.angle_gamma   90.00
#
_symmetry.space_group_name_H-M   'P 4'
#
loop_
_entity.id
_entity.type
_entity.pdbx_description
1 polymer 'Ribulose bisphosphate carboxylase large chain'
2 polymer 'Ribulose bisphosphate carboxylase small chain'
3 non-polymer 'MAGNESIUM ION'
4 water water
#
loop_
_entity_poly.entity_id
_entity_poly.type
_entity_poly.pdbx_seq_one_letter_code
_entity_poly.pdbx_strand_id
1 'polypeptide(L)'
;MSPQTETKAGVGFKAGVKDYKLTYYTPEYETKDTDILAAFRVSPQPGVPPEEAGAAVAAESSTGTWTTVWTDGLTSLDRY
KGRCYHIEPVAGEDSQWICYVAYPLDLFEEGSVTNMFTSIVGNVFGFKALRALRLEDLRIPPTYSKTFQGPPHGIQVERD
KLNKYGRPLLGCTIKPKLGLSAKNYGRACYECLRGGLDFT(KCX)DDENVNSQPFMRWRDRFVFCAEAIYKSQAETGEIK
GHYLNATAGTCEEMIKRAVFARELGVPIVMHDYLTGGFTANTTLAHYCRDNGLLLHIHRAMHAVIDRQKNHGMHFRVLAK
ALRMSGGDHIHSGTVVGKLEGEREMTLGFVDLLRDDFIEKDRARGIFFTQDWVSMPGVIPVASGGIHVWHMPALTEIFGD
DSVLQFGGGTLGHPWGNAPGAAANRVALEACVQARNEGRDLAREGNEIIRAACKWSPELAAACEVWKAIKFEFEPVDTID
K
;
A,B,C,D
2 'polypeptide(L)'
;MAPTVMASSATSVAPFQGLKSTAGLPVSRRSNGASLGSVSNGGRIRCMQVWPIEGIKKFETLSYLPPLSTEALLKQVDYL
IRSKWVPCLEFSKVGFIFREHNASPGYYDGRYWTMWKLPMFGCTDATQVINEVEEVKKEYPDAYVRIIGFDNMRQVQCVS
FIAFKPPGCEESGKA
;
E,F,H,G
#
# COMPACT_ATOMS: atom_id res chain seq x y z
N LEU A 22 25.10 29.51 -6.99
CA LEU A 22 24.52 28.35 -7.65
C LEU A 22 24.33 28.60 -9.15
N THR A 23 23.50 27.78 -9.80
CA THR A 23 23.43 27.67 -11.27
C THR A 23 22.85 28.91 -12.01
N TYR A 24 22.27 29.84 -11.26
CA TYR A 24 21.66 31.04 -11.83
C TYR A 24 22.52 32.28 -11.67
N TYR A 25 23.66 32.13 -10.98
CA TYR A 25 24.69 33.15 -10.96
C TYR A 25 25.78 32.73 -11.96
N THR A 26 25.94 33.54 -13.00
CA THR A 26 26.84 33.24 -14.13
C THR A 26 27.65 34.49 -14.46
N PRO A 27 28.67 34.79 -13.66
CA PRO A 27 29.38 36.07 -13.81
C PRO A 27 30.22 36.16 -15.08
N GLU A 28 30.39 35.04 -15.77
CA GLU A 28 31.15 35.06 -16.99
C GLU A 28 30.24 35.13 -18.23
N TYR A 29 28.92 35.19 -18.01
CA TYR A 29 27.96 35.29 -19.11
C TYR A 29 28.11 36.59 -19.88
N GLU A 30 28.20 36.48 -21.20
CA GLU A 30 28.18 37.63 -22.08
C GLU A 30 26.77 37.86 -22.57
N THR A 31 26.23 39.05 -22.32
CA THR A 31 24.84 39.29 -22.67
C THR A 31 24.65 39.31 -24.19
N LYS A 32 23.51 38.80 -24.65
CA LYS A 32 23.18 38.82 -26.07
C LYS A 32 22.57 40.19 -26.42
N ASP A 33 22.71 40.62 -27.67
CA ASP A 33 22.10 41.89 -28.10
C ASP A 33 20.58 41.83 -28.12
N THR A 34 20.02 40.63 -28.03
CA THR A 34 18.58 40.42 -27.98
C THR A 34 18.03 40.24 -26.55
N ASP A 35 18.91 40.13 -25.55
CA ASP A 35 18.47 39.94 -24.16
C ASP A 35 17.79 41.18 -23.61
N ILE A 36 16.81 40.96 -22.74
CA ILE A 36 16.33 42.05 -21.88
C ILE A 36 17.15 41.99 -20.62
N LEU A 37 17.75 43.12 -20.27
CA LEU A 37 18.57 43.20 -19.06
C LEU A 37 17.83 44.00 -17.99
N ALA A 38 17.96 43.54 -16.75
CA ALA A 38 17.35 44.21 -15.60
C ALA A 38 18.41 44.51 -14.54
N ALA A 39 18.35 45.70 -13.98
CA ALA A 39 19.19 46.06 -12.85
C ALA A 39 18.33 46.17 -11.62
N PHE A 40 18.56 45.28 -10.65
CA PHE A 40 17.82 45.23 -9.38
C PHE A 40 18.67 45.71 -8.22
N ARG A 41 18.06 46.50 -7.36
CA ARG A 41 18.66 46.85 -6.07
C ARG A 41 18.16 45.85 -5.08
N VAL A 42 19.06 44.98 -4.63
CA VAL A 42 18.74 43.81 -3.83
C VAL A 42 19.13 43.97 -2.37
N SER A 43 18.15 43.80 -1.48
CA SER A 43 18.40 43.85 -0.02
C SER A 43 18.14 42.46 0.59
N PRO A 44 19.21 41.65 0.74
CA PRO A 44 18.96 40.29 1.25
C PRO A 44 18.69 40.25 2.75
N GLN A 45 17.99 39.21 3.19
CA GLN A 45 17.83 38.95 4.62
C GLN A 45 19.22 38.74 5.21
N PRO A 46 19.39 39.02 6.52
CA PRO A 46 20.69 38.74 7.16
C PRO A 46 21.11 37.28 6.96
N GLY A 47 22.36 37.05 6.59
CA GLY A 47 22.86 35.70 6.40
C GLY A 47 22.64 35.10 5.02
N VAL A 48 21.99 35.86 4.14
CA VAL A 48 21.81 35.42 2.75
C VAL A 48 22.90 36.08 1.89
N PRO A 49 23.85 35.29 1.37
CA PRO A 49 24.92 35.92 0.60
C PRO A 49 24.40 36.62 -0.65
N PRO A 50 25.08 37.69 -1.10
CA PRO A 50 24.66 38.45 -2.29
C PRO A 50 24.50 37.57 -3.55
N GLU A 51 25.39 36.60 -3.73
CA GLU A 51 25.35 35.75 -4.92
C GLU A 51 24.12 34.86 -4.90
N GLU A 52 23.77 34.34 -3.74
CA GLU A 52 22.52 33.57 -3.63
C GLU A 52 21.30 34.44 -3.88
N ALA A 53 21.34 35.68 -3.38
CA ALA A 53 20.20 36.58 -3.54
C ALA A 53 19.98 36.85 -5.03
N GLY A 54 21.04 37.27 -5.72
CA GLY A 54 21.00 37.53 -7.15
C GLY A 54 20.58 36.31 -7.96
N ALA A 55 21.16 35.15 -7.63
CA ALA A 55 20.73 33.90 -8.24
C ALA A 55 19.25 33.67 -8.01
N ALA A 56 18.78 33.93 -6.80
CA ALA A 56 17.38 33.75 -6.50
C ALA A 56 16.50 34.75 -7.30
N VAL A 57 16.93 36.00 -7.38
CA VAL A 57 16.20 37.01 -8.16
C VAL A 57 16.10 36.49 -9.61
N ALA A 58 17.19 35.93 -10.14
CA ALA A 58 17.19 35.39 -11.49
C ALA A 58 16.34 34.13 -11.62
N ALA A 59 16.42 33.25 -10.65
CA ALA A 59 15.69 32.01 -10.75
C ALA A 59 14.20 32.27 -10.48
N GLU A 60 13.90 33.20 -9.59
CA GLU A 60 12.51 33.45 -9.21
C GLU A 60 11.80 34.37 -10.22
N SER A 61 12.56 35.11 -11.03
CA SER A 61 11.95 35.89 -12.13
C SER A 61 12.01 35.14 -13.45
N SER A 62 12.42 33.87 -13.41
CA SER A 62 12.36 33.05 -14.62
C SER A 62 11.86 31.62 -14.34
N THR A 63 12.80 30.67 -14.33
CA THR A 63 12.48 29.22 -14.38
C THR A 63 12.45 28.48 -13.04
N GLY A 64 12.92 29.13 -11.96
CA GLY A 64 13.04 28.49 -10.65
C GLY A 64 11.80 27.80 -10.08
N THR A 65 11.85 26.48 -9.96
CA THR A 65 10.73 25.68 -9.49
C THR A 65 11.16 24.86 -8.26
N TRP A 66 10.29 24.79 -7.25
CA TRP A 66 10.69 24.33 -5.92
C TRP A 66 10.98 22.83 -5.82
N THR A 67 10.55 22.07 -6.82
CA THR A 67 10.92 20.67 -6.93
C THR A 67 11.22 20.41 -8.40
N THR A 68 11.95 19.34 -8.70
CA THR A 68 12.22 18.96 -10.09
C THR A 68 10.98 18.32 -10.68
N VAL A 69 10.74 18.59 -11.96
CA VAL A 69 9.59 18.04 -12.66
C VAL A 69 10.10 17.36 -13.93
N TRP A 70 9.54 16.20 -14.26
CA TRP A 70 10.03 15.40 -15.38
C TRP A 70 9.87 16.14 -16.70
N THR A 71 8.93 17.07 -16.78
CA THR A 71 8.70 17.80 -18.03
C THR A 71 9.88 18.69 -18.44
N ASP A 72 10.76 19.04 -17.49
CA ASP A 72 11.96 19.81 -17.82
C ASP A 72 12.81 19.03 -18.85
N GLY A 73 12.65 17.71 -18.83
CA GLY A 73 13.36 16.83 -19.75
C GLY A 73 12.77 16.83 -21.15
N LEU A 74 11.61 17.47 -21.32
CA LEU A 74 10.99 17.61 -22.65
C LEU A 74 11.47 18.87 -23.36
N THR A 75 12.32 19.64 -22.69
CA THR A 75 12.82 20.86 -23.28
C THR A 75 14.26 21.14 -22.82
N SER A 76 14.79 22.29 -23.22
CA SER A 76 16.11 22.74 -22.77
C SER A 76 15.94 24.02 -21.97
N LEU A 77 15.97 23.90 -20.64
CA LEU A 77 15.59 25.02 -19.77
C LEU A 77 16.66 26.10 -19.76
N ASP A 78 17.91 25.70 -20.01
CA ASP A 78 19.01 26.64 -20.11
C ASP A 78 18.62 27.79 -21.03
N ARG A 79 17.87 27.48 -22.08
CA ARG A 79 17.44 28.48 -23.07
C ARG A 79 16.51 29.57 -22.51
N TYR A 80 15.82 29.28 -21.40
CA TYR A 80 14.80 30.17 -20.86
C TYR A 80 15.15 30.67 -19.45
N LYS A 81 16.38 30.41 -19.04
CA LYS A 81 16.78 30.83 -17.72
C LYS A 81 17.12 32.32 -17.74
N GLY A 82 16.59 33.03 -16.75
CA GLY A 82 17.17 34.29 -16.35
C GLY A 82 18.54 33.93 -15.80
N ARG A 83 19.51 34.81 -16.00
CA ARG A 83 20.86 34.65 -15.43
C ARG A 83 21.28 35.91 -14.73
N CYS A 84 21.72 35.78 -13.48
CA CYS A 84 22.40 36.89 -12.85
C CYS A 84 23.86 36.87 -13.28
N TYR A 85 24.31 37.91 -13.98
CA TYR A 85 25.65 37.91 -14.58
C TYR A 85 26.58 38.94 -13.96
N HIS A 86 26.06 39.78 -13.08
CA HIS A 86 26.88 40.76 -12.42
C HIS A 86 26.25 41.19 -11.10
N ILE A 87 27.10 41.35 -10.10
CA ILE A 87 26.70 41.80 -8.77
C ILE A 87 27.71 42.81 -8.31
N GLU A 88 27.25 43.86 -7.66
CA GLU A 88 28.17 44.83 -7.06
C GLU A 88 27.54 45.47 -5.84
N PRO A 89 28.38 45.82 -4.84
CA PRO A 89 27.91 46.48 -3.64
C PRO A 89 27.50 47.92 -3.90
N VAL A 90 26.68 48.45 -3.00
CA VAL A 90 26.21 49.81 -3.08
C VAL A 90 26.93 50.64 -2.02
N ALA A 91 27.66 51.66 -2.46
CA ALA A 91 28.41 52.55 -1.57
C ALA A 91 27.62 53.02 -0.35
N GLY A 92 26.59 53.83 -0.58
CA GLY A 92 25.89 54.52 0.50
C GLY A 92 25.30 53.63 1.59
N GLU A 93 25.32 52.32 1.36
CA GLU A 93 24.62 51.39 2.23
C GLU A 93 25.48 50.24 2.68
N ASP A 94 24.86 49.40 3.50
CA ASP A 94 25.39 48.12 3.89
C ASP A 94 24.24 47.14 3.64
N SER A 95 24.58 45.95 3.14
CA SER A 95 23.59 44.91 2.83
C SER A 95 22.64 45.32 1.69
N GLN A 96 23.18 46.01 0.70
CA GLN A 96 22.47 46.31 -0.54
C GLN A 96 23.42 46.08 -1.69
N TRP A 97 22.96 45.36 -2.72
CA TRP A 97 23.75 45.06 -3.90
C TRP A 97 22.93 45.39 -5.17
N ILE A 98 23.60 45.81 -6.24
CA ILE A 98 22.95 45.86 -7.54
C ILE A 98 23.24 44.55 -8.25
N CYS A 99 22.19 43.84 -8.62
CA CYS A 99 22.30 42.58 -9.35
C CYS A 99 21.74 42.79 -10.77
N TYR A 100 22.50 42.33 -11.78
CA TYR A 100 22.08 42.41 -13.18
C TYR A 100 21.60 41.05 -13.64
N VAL A 101 20.42 41.04 -14.28
CA VAL A 101 19.79 39.81 -14.71
C VAL A 101 19.54 39.88 -16.23
N ALA A 102 19.87 38.82 -16.95
CA ALA A 102 19.57 38.76 -18.39
C ALA A 102 18.43 37.78 -18.67
N TYR A 103 17.45 38.25 -19.42
CA TYR A 103 16.31 37.46 -19.85
C TYR A 103 16.32 37.26 -21.37
N PRO A 104 16.17 36.02 -21.82
CA PRO A 104 16.09 35.79 -23.27
C PRO A 104 14.87 36.42 -23.93
N LEU A 105 15.06 36.88 -25.16
CA LEU A 105 13.99 37.50 -25.95
C LEU A 105 12.73 36.65 -26.06
N ASP A 106 12.91 35.33 -26.14
CA ASP A 106 11.81 34.41 -26.39
C ASP A 106 10.81 34.30 -25.26
N LEU A 107 11.14 34.85 -24.09
CA LEU A 107 10.21 34.84 -22.96
C LEU A 107 9.03 35.78 -23.15
N PHE A 108 9.19 36.75 -24.04
CA PHE A 108 8.30 37.91 -24.07
C PHE A 108 7.36 37.94 -25.27
N GLU A 109 6.11 38.28 -24.98
CA GLU A 109 5.12 38.49 -26.02
C GLU A 109 5.43 39.82 -26.70
N GLU A 110 5.55 39.75 -28.02
CA GLU A 110 5.76 40.93 -28.84
C GLU A 110 4.68 41.99 -28.58
N GLY A 111 5.11 43.24 -28.40
CA GLY A 111 4.19 44.35 -28.33
C GLY A 111 3.39 44.49 -27.03
N SER A 112 3.77 43.73 -26.01
CA SER A 112 3.01 43.68 -24.75
C SER A 112 3.81 44.12 -23.55
N VAL A 113 3.64 45.37 -23.12
CA VAL A 113 4.28 45.80 -21.89
C VAL A 113 3.76 44.99 -20.71
N THR A 114 2.51 44.58 -20.82
CA THR A 114 1.86 43.78 -19.78
C THR A 114 2.66 42.52 -19.53
N ASN A 115 2.99 41.82 -20.61
CA ASN A 115 3.76 40.58 -20.47
C ASN A 115 5.18 40.83 -20.02
N MET A 116 5.80 41.90 -20.51
CA MET A 116 7.13 42.24 -20.06
C MET A 116 7.18 42.43 -18.52
N PHE A 117 6.23 43.17 -17.95
CA PHE A 117 6.21 43.34 -16.50
C PHE A 117 5.80 42.07 -15.78
N THR A 118 4.83 41.34 -16.31
CA THR A 118 4.45 40.10 -15.67
C THR A 118 5.67 39.20 -15.52
N SER A 119 6.45 39.13 -16.59
CA SER A 119 7.56 38.21 -16.67
C SER A 119 8.70 38.59 -15.73
N ILE A 120 9.00 39.87 -15.64
CA ILE A 120 10.16 40.32 -14.90
C ILE A 120 9.80 40.65 -13.44
N VAL A 121 8.70 41.35 -13.19
CA VAL A 121 8.39 41.76 -11.82
C VAL A 121 7.15 41.05 -11.25
N GLY A 122 6.66 40.03 -11.92
CA GLY A 122 5.44 39.39 -11.49
C GLY A 122 5.50 38.68 -10.16
N ASN A 123 6.65 38.15 -9.80
CA ASN A 123 6.77 37.23 -8.68
C ASN A 123 7.91 37.49 -7.68
N VAL A 124 9.05 37.95 -8.17
CA VAL A 124 10.26 37.98 -7.34
C VAL A 124 10.25 38.94 -6.14
N PHE A 125 9.36 39.94 -6.14
CA PHE A 125 9.40 40.92 -5.05
C PHE A 125 8.90 40.34 -3.73
N GLY A 126 8.29 39.16 -3.79
CA GLY A 126 7.73 38.54 -2.60
C GLY A 126 8.66 37.50 -1.98
N PHE A 127 9.85 37.33 -2.54
CA PHE A 127 10.73 36.24 -2.14
C PHE A 127 11.22 36.46 -0.71
N LYS A 128 10.99 35.46 0.13
CA LYS A 128 11.33 35.41 1.56
C LYS A 128 12.76 35.84 1.93
N ALA A 129 13.73 35.44 1.11
CA ALA A 129 15.15 35.67 1.40
C ALA A 129 15.61 37.09 1.10
N LEU A 130 14.69 37.91 0.58
CA LEU A 130 14.93 39.32 0.34
C LEU A 130 14.15 40.16 1.36
N ARG A 131 14.82 41.12 1.97
CA ARG A 131 14.15 42.10 2.80
C ARG A 131 13.40 43.08 1.92
N ALA A 132 13.97 43.38 0.76
CA ALA A 132 13.45 44.41 -0.15
C ALA A 132 14.07 44.25 -1.53
N LEU A 133 13.36 44.72 -2.54
CA LEU A 133 13.83 44.62 -3.94
C LEU A 133 13.33 45.80 -4.70
N ARG A 134 14.21 46.43 -5.46
CA ARG A 134 13.79 47.50 -6.35
C ARG A 134 14.32 47.30 -7.77
N LEU A 135 13.43 47.40 -8.77
CA LEU A 135 13.88 47.40 -10.17
C LEU A 135 14.27 48.82 -10.58
N GLU A 136 15.56 49.00 -10.90
CA GLU A 136 16.10 50.33 -11.21
C GLU A 136 16.13 50.64 -12.70
N ASP A 137 16.38 49.66 -13.57
CA ASP A 137 16.48 49.96 -14.99
C ASP A 137 16.28 48.67 -15.77
N LEU A 138 15.91 48.85 -17.04
CA LEU A 138 15.76 47.75 -18.00
C LEU A 138 16.45 48.13 -19.29
N ARG A 139 17.22 47.20 -19.86
CA ARG A 139 17.77 47.37 -21.18
C ARG A 139 16.76 46.76 -22.13
N ILE A 140 16.04 47.59 -22.88
CA ILE A 140 15.08 47.10 -23.88
C ILE A 140 15.83 47.01 -25.20
N PRO A 141 16.07 45.78 -25.70
CA PRO A 141 16.83 45.66 -26.95
C PRO A 141 15.98 46.06 -28.17
N PRO A 142 16.64 46.51 -29.24
CA PRO A 142 15.89 46.91 -30.46
C PRO A 142 15.01 45.83 -31.02
N THR A 143 15.46 44.59 -30.88
CA THR A 143 14.71 43.49 -31.42
C THR A 143 13.34 43.38 -30.72
N TYR A 144 13.25 43.83 -29.46
CA TYR A 144 11.96 43.81 -28.77
C TYR A 144 11.20 45.12 -28.94
N SER A 145 11.88 46.25 -28.88
CA SER A 145 11.16 47.52 -28.96
C SER A 145 10.57 47.72 -30.36
N LYS A 146 11.19 47.14 -31.40
CA LYS A 146 10.60 47.27 -32.74
C LYS A 146 9.26 46.54 -32.90
N THR A 147 8.88 45.73 -31.93
CA THR A 147 7.54 45.14 -31.95
C THR A 147 6.43 46.03 -31.33
N PHE A 148 6.77 47.27 -30.98
CA PHE A 148 5.84 48.21 -30.34
C PHE A 148 5.65 49.44 -31.21
N GLN A 149 4.42 49.94 -31.26
CA GLN A 149 4.16 51.16 -32.00
C GLN A 149 4.98 52.32 -31.41
N GLY A 150 4.94 52.41 -30.10
CA GLY A 150 5.50 53.55 -29.41
C GLY A 150 4.53 54.72 -29.49
N PRO A 151 5.06 55.93 -29.32
CA PRO A 151 4.21 57.14 -29.29
C PRO A 151 3.34 57.25 -30.53
N PRO A 152 2.05 57.63 -30.37
CA PRO A 152 1.21 57.87 -31.55
C PRO A 152 1.84 58.88 -32.53
N HIS A 153 2.57 59.88 -31.99
CA HIS A 153 3.19 60.90 -32.82
C HIS A 153 4.63 61.21 -32.41
N GLY A 154 4.84 61.56 -31.14
CA GLY A 154 6.16 61.85 -30.62
C GLY A 154 6.54 63.31 -30.84
N ILE A 155 7.71 63.68 -30.32
CA ILE A 155 8.09 65.08 -30.13
C ILE A 155 8.07 65.86 -31.43
N GLN A 156 8.72 65.33 -32.45
CA GLN A 156 8.84 66.10 -33.70
C GLN A 156 7.51 66.27 -34.44
N VAL A 157 6.74 65.19 -34.57
CA VAL A 157 5.45 65.28 -35.23
C VAL A 157 4.53 66.24 -34.49
N GLU A 158 4.58 66.20 -33.17
CA GLU A 158 3.70 67.06 -32.38
C GLU A 158 4.01 68.55 -32.65
N ARG A 159 5.28 68.92 -32.68
CA ARG A 159 5.65 70.31 -32.95
C ARG A 159 5.15 70.71 -34.35
N ASP A 160 5.31 69.81 -35.32
CA ASP A 160 4.94 70.07 -36.68
C ASP A 160 3.41 70.24 -36.79
N LYS A 161 2.65 69.37 -36.12
CA LYS A 161 1.19 69.45 -36.17
C LYS A 161 0.66 70.74 -35.55
N LEU A 162 1.28 71.15 -34.45
CA LEU A 162 0.82 72.33 -33.72
C LEU A 162 1.50 73.62 -34.18
N ASN A 163 2.48 73.48 -35.07
CA ASN A 163 3.22 74.62 -35.58
C ASN A 163 3.85 75.41 -34.44
N LYS A 164 4.45 74.70 -33.48
CA LYS A 164 5.10 75.30 -32.30
C LYS A 164 6.59 74.88 -32.22
N TYR A 165 7.48 75.87 -32.26
CA TYR A 165 8.93 75.64 -32.28
C TYR A 165 9.70 76.61 -31.38
N GLY A 166 10.75 76.11 -30.74
CA GLY A 166 11.76 76.96 -30.11
C GLY A 166 11.53 77.40 -28.68
N ARG A 167 10.56 76.76 -28.04
CA ARG A 167 10.24 77.06 -26.68
C ARG A 167 9.52 75.86 -26.07
N PRO A 168 9.60 75.73 -24.75
CA PRO A 168 8.68 74.84 -24.03
C PRO A 168 7.23 75.19 -24.30
N LEU A 169 6.39 74.17 -24.28
CA LEU A 169 4.96 74.41 -24.33
C LEU A 169 4.44 74.71 -22.93
N LEU A 170 3.30 75.35 -22.88
CA LEU A 170 2.74 75.79 -21.61
C LEU A 170 1.33 75.32 -21.44
N GLY A 171 1.01 74.86 -20.26
CA GLY A 171 -0.34 74.40 -19.99
C GLY A 171 -0.77 74.76 -18.60
N CYS A 172 -2.05 74.55 -18.33
CA CYS A 172 -2.59 74.78 -17.00
C CYS A 172 -3.67 73.75 -16.69
N THR A 173 -3.65 73.23 -15.46
CA THR A 173 -4.69 72.29 -15.03
C THR A 173 -5.84 73.07 -14.40
N ILE A 174 -7.07 72.76 -14.81
CA ILE A 174 -8.22 73.52 -14.34
C ILE A 174 -8.58 73.08 -12.94
N LYS A 175 -8.62 74.04 -12.03
CA LYS A 175 -8.98 73.75 -10.65
C LYS A 175 -10.08 74.72 -10.15
N PRO A 176 -10.90 74.28 -9.18
CA PRO A 176 -10.84 72.96 -8.51
C PRO A 176 -11.14 71.82 -9.48
N LYS A 177 -10.48 70.68 -9.29
CA LYS A 177 -10.67 69.54 -10.18
C LYS A 177 -12.16 69.20 -10.29
N LEU A 178 -12.81 69.01 -9.14
CA LEU A 178 -14.27 68.85 -9.12
C LEU A 178 -14.93 69.98 -8.33
N GLY A 179 -16.17 70.26 -8.69
CA GLY A 179 -16.88 71.41 -8.21
C GLY A 179 -17.66 72.02 -9.37
N LEU A 180 -16.94 72.39 -10.42
CA LEU A 180 -17.53 73.18 -11.48
C LEU A 180 -18.57 72.41 -12.30
N SER A 181 -19.53 73.15 -12.85
CA SER A 181 -20.35 72.67 -13.97
C SER A 181 -19.43 72.56 -15.18
N ALA A 182 -19.78 71.71 -16.15
CA ALA A 182 -19.05 71.61 -17.41
C ALA A 182 -18.91 72.97 -18.10
N LYS A 183 -19.97 73.75 -18.12
CA LYS A 183 -19.86 75.08 -18.71
C LYS A 183 -18.87 75.99 -17.96
N ASN A 184 -18.92 76.05 -16.62
CA ASN A 184 -18.01 76.94 -15.86
C ASN A 184 -16.58 76.46 -16.02
N TYR A 185 -16.43 75.15 -16.14
CA TYR A 185 -15.14 74.53 -16.45
C TYR A 185 -14.57 75.01 -17.77
N GLY A 186 -15.39 74.95 -18.83
CA GLY A 186 -14.95 75.38 -20.14
C GLY A 186 -14.66 76.88 -20.19
N ARG A 187 -15.37 77.66 -19.38
CA ARG A 187 -15.09 79.10 -19.29
C ARG A 187 -13.67 79.36 -18.81
N ALA A 188 -13.27 78.63 -17.77
CA ALA A 188 -11.93 78.76 -17.23
C ALA A 188 -10.89 78.35 -18.25
N CYS A 189 -11.16 77.30 -19.05
CA CYS A 189 -10.28 76.90 -20.16
C CYS A 189 -10.10 77.99 -21.21
N TYR A 190 -11.21 78.54 -21.71
CA TYR A 190 -11.15 79.62 -22.69
C TYR A 190 -10.29 80.77 -22.19
N GLU A 191 -10.46 81.19 -20.93
CA GLU A 191 -9.71 82.35 -20.42
C GLU A 191 -8.21 82.03 -20.28
N CYS A 192 -7.85 80.84 -19.81
CA CYS A 192 -6.45 80.43 -19.84
C CYS A 192 -5.84 80.37 -21.25
N LEU A 193 -6.53 79.73 -22.19
CA LEU A 193 -5.99 79.55 -23.53
C LEU A 193 -5.80 80.91 -24.24
N ARG A 194 -6.78 81.80 -24.11
CA ARG A 194 -6.75 83.06 -24.84
C ARG A 194 -5.61 83.96 -24.36
N GLY A 195 -5.13 83.74 -23.14
CA GLY A 195 -4.08 84.55 -22.54
C GLY A 195 -2.68 84.13 -22.97
N GLY A 196 -2.58 82.97 -23.61
CA GLY A 196 -1.31 82.56 -24.20
C GLY A 196 -0.83 81.16 -23.88
N LEU A 197 -1.59 80.38 -23.11
CA LEU A 197 -1.21 79.00 -22.90
C LEU A 197 -1.51 78.18 -24.16
N ASP A 198 -0.77 77.11 -24.32
CA ASP A 198 -0.98 76.22 -25.46
C ASP A 198 -2.07 75.21 -25.14
N PHE A 199 -2.10 74.79 -23.91
CA PHE A 199 -3.03 73.78 -23.48
C PHE A 199 -3.66 74.01 -22.13
N THR A 200 -4.84 73.44 -21.89
CA THR A 200 -5.42 73.35 -20.59
C THR A 200 -5.65 71.84 -20.39
N ASP A 202 -7.57 68.44 -18.05
CA ASP A 202 -8.50 67.87 -17.11
C ASP A 202 -7.66 67.33 -15.96
N ASP A 203 -8.06 67.55 -14.72
CA ASP A 203 -7.33 66.97 -13.60
C ASP A 203 -7.41 65.45 -13.72
N GLU A 204 -6.45 64.73 -13.16
CA GLU A 204 -6.43 63.29 -13.31
C GLU A 204 -7.71 62.65 -12.73
N ASN A 205 -8.33 63.30 -11.74
CA ASN A 205 -9.54 62.76 -11.11
C ASN A 205 -10.80 62.97 -11.94
N VAL A 206 -10.75 63.95 -12.84
CA VAL A 206 -11.87 64.29 -13.69
C VAL A 206 -12.03 63.25 -14.81
N ASN A 207 -13.05 62.40 -14.72
CA ASN A 207 -13.33 61.43 -15.78
C ASN A 207 -14.79 61.69 -16.21
N SER A 208 -15.73 61.02 -15.58
CA SER A 208 -17.15 61.39 -15.68
C SER A 208 -17.81 61.22 -14.32
N GLN A 209 -18.47 62.26 -13.84
CA GLN A 209 -18.95 62.32 -12.45
C GLN A 209 -20.28 63.06 -12.40
N PRO A 210 -21.04 62.89 -11.33
CA PRO A 210 -22.41 63.45 -11.27
C PRO A 210 -22.63 64.91 -11.77
N PHE A 211 -21.79 65.82 -11.33
N PHE A 211 -21.81 65.84 -11.31
CA PHE A 211 -21.98 67.23 -11.63
CA PHE A 211 -22.01 67.25 -11.66
C PHE A 211 -21.21 67.70 -12.87
C PHE A 211 -21.39 67.60 -13.01
N MET A 212 -20.45 66.78 -13.47
CA MET A 212 -19.81 67.04 -14.74
C MET A 212 -19.60 65.74 -15.48
N ARG A 213 -20.58 65.42 -16.31
CA ARG A 213 -20.46 64.24 -17.16
C ARG A 213 -19.51 64.52 -18.35
N TRP A 214 -18.80 63.50 -18.80
CA TRP A 214 -17.72 63.70 -19.75
C TRP A 214 -18.19 64.30 -21.08
N ARG A 215 -19.33 63.88 -21.63
CA ARG A 215 -19.65 64.35 -22.95
C ARG A 215 -19.98 65.87 -22.92
N ASP A 216 -20.62 66.31 -21.84
CA ASP A 216 -20.88 67.74 -21.59
C ASP A 216 -19.58 68.52 -21.48
N ARG A 217 -18.65 68.01 -20.68
CA ARG A 217 -17.32 68.63 -20.60
C ARG A 217 -16.63 68.73 -21.94
N PHE A 218 -16.66 67.64 -22.72
CA PHE A 218 -16.03 67.68 -24.03
C PHE A 218 -16.64 68.76 -24.93
N VAL A 219 -17.97 68.92 -24.91
CA VAL A 219 -18.60 69.94 -25.77
C VAL A 219 -18.12 71.35 -25.38
N PHE A 220 -18.17 71.66 -24.09
CA PHE A 220 -17.82 73.03 -23.64
C PHE A 220 -16.34 73.31 -23.75
N CYS A 221 -15.50 72.30 -23.52
CA CYS A 221 -14.08 72.50 -23.73
C CYS A 221 -13.77 72.68 -25.20
N ALA A 222 -14.52 72.02 -26.10
CA ALA A 222 -14.31 72.20 -27.53
C ALA A 222 -14.67 73.62 -27.92
N GLU A 223 -15.82 74.10 -27.43
CA GLU A 223 -16.24 75.48 -27.74
C GLU A 223 -15.12 76.43 -27.33
N ALA A 224 -14.56 76.21 -26.13
CA ALA A 224 -13.46 77.05 -25.59
C ALA A 224 -12.19 76.96 -26.42
N ILE A 225 -11.79 75.75 -26.84
CA ILE A 225 -10.61 75.60 -27.68
C ILE A 225 -10.76 76.42 -28.93
N TYR A 226 -11.90 76.29 -29.60
CA TYR A 226 -12.09 76.93 -30.89
C TYR A 226 -12.24 78.44 -30.76
N LYS A 227 -12.81 78.89 -29.64
CA LYS A 227 -12.99 80.33 -29.41
C LYS A 227 -11.61 81.00 -29.17
N SER A 228 -10.80 80.36 -28.34
CA SER A 228 -9.48 80.90 -27.99
C SER A 228 -8.52 80.83 -29.21
N GLN A 229 -8.64 79.78 -29.99
CA GLN A 229 -7.85 79.63 -31.19
C GLN A 229 -8.17 80.72 -32.22
N ALA A 230 -9.45 81.00 -32.41
CA ALA A 230 -9.88 82.02 -33.39
C ALA A 230 -9.42 83.40 -32.91
N GLU A 231 -9.48 83.61 -31.61
CA GLU A 231 -9.12 84.92 -31.04
C GLU A 231 -7.61 85.22 -31.16
N THR A 232 -6.76 84.22 -30.89
CA THR A 232 -5.32 84.43 -30.79
C THR A 232 -4.58 84.14 -32.10
N GLY A 233 -5.19 83.32 -32.96
CA GLY A 233 -4.48 82.88 -34.15
C GLY A 233 -3.51 81.71 -33.96
N GLU A 234 -3.36 81.20 -32.72
CA GLU A 234 -2.44 80.09 -32.39
C GLU A 234 -3.24 78.80 -32.16
N ILE A 235 -2.68 77.63 -32.47
CA ILE A 235 -3.40 76.37 -32.26
C ILE A 235 -3.46 76.09 -30.75
N LYS A 236 -4.65 75.69 -30.28
CA LYS A 236 -4.90 75.41 -28.89
C LYS A 236 -5.41 74.00 -28.69
N GLY A 237 -5.24 73.50 -27.47
CA GLY A 237 -5.76 72.20 -27.12
C GLY A 237 -6.15 72.12 -25.66
N HIS A 238 -6.92 71.08 -25.32
CA HIS A 238 -7.25 70.81 -23.94
C HIS A 238 -7.09 69.30 -23.78
N TYR A 239 -6.35 68.84 -22.78
CA TYR A 239 -6.20 67.36 -22.63
C TYR A 239 -7.51 66.77 -22.11
N LEU A 240 -8.32 66.25 -23.01
CA LEU A 240 -9.58 65.62 -22.64
C LEU A 240 -9.35 64.22 -22.08
N ASN A 241 -9.68 64.04 -20.82
CA ASN A 241 -9.38 62.77 -20.16
C ASN A 241 -10.31 61.65 -20.63
N ALA A 242 -9.72 60.63 -21.24
CA ALA A 242 -10.47 59.48 -21.72
C ALA A 242 -10.41 58.31 -20.75
N THR A 243 -9.73 58.49 -19.63
CA THR A 243 -9.58 57.42 -18.62
C THR A 243 -10.98 56.99 -18.17
N ALA A 244 -11.20 55.67 -18.11
CA ALA A 244 -12.53 55.16 -17.86
C ALA A 244 -12.47 53.80 -17.20
N GLY A 245 -13.64 53.28 -16.80
CA GLY A 245 -13.72 52.05 -16.04
C GLY A 245 -13.55 50.82 -16.92
N THR A 246 -13.93 50.96 -18.19
CA THR A 246 -13.77 49.93 -19.22
C THR A 246 -13.15 50.42 -20.49
N CYS A 247 -12.64 49.49 -21.31
CA CYS A 247 -12.06 49.80 -22.63
C CYS A 247 -13.08 50.45 -23.57
N GLU A 248 -14.30 49.92 -23.61
CA GLU A 248 -15.36 50.48 -24.42
C GLU A 248 -15.69 51.95 -24.06
N GLU A 249 -15.76 52.28 -22.77
CA GLU A 249 -15.99 53.66 -22.30
C GLU A 249 -14.84 54.59 -22.69
N MET A 250 -13.62 54.10 -22.51
CA MET A 250 -12.40 54.86 -22.87
C MET A 250 -12.41 55.22 -24.35
N ILE A 251 -12.68 54.25 -25.19
CA ILE A 251 -12.72 54.48 -26.65
C ILE A 251 -13.93 55.36 -27.06
N LYS A 252 -15.07 55.24 -26.39
CA LYS A 252 -16.24 56.10 -26.70
C LYS A 252 -15.86 57.57 -26.52
N ARG A 253 -15.01 57.82 -25.54
CA ARG A 253 -14.60 59.18 -25.22
C ARG A 253 -13.59 59.68 -26.25
N ALA A 254 -12.61 58.85 -26.60
CA ALA A 254 -11.69 59.22 -27.70
C ALA A 254 -12.44 59.42 -29.00
N VAL A 255 -13.45 58.60 -29.28
CA VAL A 255 -14.22 58.73 -30.54
C VAL A 255 -14.95 60.07 -30.62
N PHE A 256 -15.48 60.58 -29.49
CA PHE A 256 -16.19 61.86 -29.55
C PHE A 256 -15.19 63.02 -29.69
N ALA A 257 -14.01 62.90 -29.05
CA ALA A 257 -12.93 63.86 -29.30
C ALA A 257 -12.55 63.91 -30.79
N ARG A 258 -12.45 62.74 -31.40
CA ARG A 258 -12.17 62.66 -32.83
C ARG A 258 -13.27 63.39 -33.64
N GLU A 259 -14.53 63.16 -33.28
CA GLU A 259 -15.65 63.81 -33.96
C GLU A 259 -15.54 65.33 -33.85
N LEU A 260 -15.13 65.84 -32.69
CA LEU A 260 -15.06 67.29 -32.45
C LEU A 260 -13.89 67.93 -33.19
N GLY A 261 -12.94 67.12 -33.64
CA GLY A 261 -11.80 67.57 -34.43
C GLY A 261 -10.65 68.15 -33.59
N VAL A 262 -10.69 67.94 -32.28
CA VAL A 262 -9.70 68.53 -31.37
C VAL A 262 -8.39 67.72 -31.40
N PRO A 263 -7.28 68.32 -30.92
CA PRO A 263 -5.97 67.72 -31.20
C PRO A 263 -5.45 66.69 -30.19
N ILE A 264 -5.99 66.67 -28.96
CA ILE A 264 -5.29 65.96 -27.91
C ILE A 264 -6.25 65.39 -26.85
N VAL A 265 -5.98 64.15 -26.45
CA VAL A 265 -6.71 63.51 -25.37
C VAL A 265 -5.67 63.05 -24.33
N MET A 266 -6.17 62.51 -23.22
CA MET A 266 -5.34 62.19 -22.07
C MET A 266 -5.65 60.81 -21.51
N HIS A 267 -4.66 60.16 -20.95
CA HIS A 267 -4.88 58.90 -20.20
C HIS A 267 -4.01 58.80 -18.96
N ASP A 268 -4.58 58.23 -17.90
CA ASP A 268 -3.79 57.86 -16.74
C ASP A 268 -3.35 56.42 -16.86
N TYR A 269 -2.12 56.22 -17.29
CA TYR A 269 -1.77 54.91 -17.77
C TYR A 269 -1.55 53.88 -16.70
N LEU A 270 -1.13 54.28 -15.49
CA LEU A 270 -0.96 53.28 -14.43
C LEU A 270 -2.28 52.84 -13.81
N THR A 271 -3.20 53.78 -13.54
CA THR A 271 -4.49 53.40 -12.98
C THR A 271 -5.43 52.77 -14.02
N GLY A 272 -5.42 53.22 -15.28
CA GLY A 272 -6.19 52.54 -16.32
C GLY A 272 -5.49 51.22 -16.73
N GLY A 273 -4.17 51.26 -16.76
CA GLY A 273 -3.38 50.07 -16.99
C GLY A 273 -2.82 49.97 -18.40
N PHE A 274 -1.85 49.09 -18.59
CA PHE A 274 -1.09 49.05 -19.82
C PHE A 274 -1.85 48.46 -20.99
N THR A 275 -2.71 47.46 -20.75
CA THR A 275 -3.49 46.90 -21.83
C THR A 275 -4.44 47.96 -22.41
N ALA A 276 -5.09 48.71 -21.54
CA ALA A 276 -5.93 49.82 -21.99
C ALA A 276 -5.09 50.93 -22.65
N ASN A 277 -3.94 51.25 -22.07
CA ASN A 277 -3.14 52.34 -22.64
C ASN A 277 -2.66 52.02 -24.04
N THR A 278 -2.25 50.78 -24.29
CA THR A 278 -1.78 50.41 -25.61
C THR A 278 -2.93 50.49 -26.62
N THR A 279 -4.12 50.08 -26.21
CA THR A 279 -5.32 50.17 -27.07
C THR A 279 -5.58 51.62 -27.48
N LEU A 280 -5.49 52.51 -26.49
CA LEU A 280 -5.73 53.93 -26.75
C LEU A 280 -4.64 54.54 -27.65
N ALA A 281 -3.38 54.16 -27.42
CA ALA A 281 -2.27 54.61 -28.25
C ALA A 281 -2.46 54.23 -29.69
N HIS A 282 -2.96 53.02 -29.93
CA HIS A 282 -3.24 52.61 -31.28
C HIS A 282 -4.36 53.42 -31.88
N TYR A 283 -5.41 53.69 -31.12
CA TYR A 283 -6.53 54.47 -31.61
C TYR A 283 -6.03 55.87 -32.00
N CYS A 284 -5.15 56.43 -31.18
CA CYS A 284 -4.68 57.83 -31.42
C CYS A 284 -3.79 57.91 -32.67
N ARG A 285 -2.96 56.89 -32.89
CA ARG A 285 -2.19 56.79 -34.12
C ARG A 285 -3.12 56.69 -35.31
N ASP A 286 -4.20 55.92 -35.16
CA ASP A 286 -5.10 55.65 -36.25
C ASP A 286 -5.98 56.85 -36.59
N ASN A 287 -6.08 57.82 -35.67
CA ASN A 287 -7.03 58.92 -35.85
C ASN A 287 -6.41 60.31 -35.66
N GLY A 288 -5.09 60.34 -35.60
CA GLY A 288 -4.33 61.60 -35.58
C GLY A 288 -4.43 62.41 -34.29
N LEU A 289 -4.75 61.75 -33.19
CA LEU A 289 -4.87 62.40 -31.87
C LEU A 289 -3.59 62.35 -31.08
N LEU A 290 -3.19 63.46 -30.47
CA LEU A 290 -2.07 63.43 -29.55
C LEU A 290 -2.57 62.81 -28.27
N LEU A 291 -1.66 62.18 -27.56
CA LEU A 291 -1.97 61.47 -26.31
C LEU A 291 -1.11 61.96 -25.11
N HIS A 292 -1.76 62.69 -24.22
CA HIS A 292 -1.13 63.16 -23.01
C HIS A 292 -1.25 62.15 -21.89
N ILE A 293 -0.12 61.72 -21.33
CA ILE A 293 -0.13 60.70 -20.29
C ILE A 293 0.17 61.26 -18.91
N HIS A 294 -0.77 61.01 -18.00
CA HIS A 294 -0.62 61.32 -16.59
C HIS A 294 -0.19 60.07 -15.82
N ARG A 295 0.59 60.27 -14.77
CA ARG A 295 1.19 59.13 -14.06
C ARG A 295 0.66 58.93 -12.67
N ALA A 296 -0.64 59.18 -12.47
CA ALA A 296 -1.28 58.93 -11.18
C ALA A 296 -0.93 57.57 -10.63
N MET A 297 -0.62 57.57 -9.34
CA MET A 297 -0.27 56.39 -8.54
C MET A 297 1.21 56.02 -8.62
N HIS A 298 2.02 56.72 -9.44
CA HIS A 298 3.41 56.31 -9.61
C HIS A 298 4.14 56.22 -8.29
N ALA A 299 3.85 57.12 -7.35
CA ALA A 299 4.63 57.16 -6.11
C ALA A 299 4.27 56.02 -5.16
N VAL A 300 3.21 55.28 -5.44
CA VAL A 300 2.95 54.05 -4.67
C VAL A 300 4.08 53.05 -4.90
N ILE A 301 4.66 53.06 -6.09
CA ILE A 301 5.65 52.06 -6.40
C ILE A 301 7.05 52.63 -6.62
N ASP A 302 7.17 53.93 -6.94
CA ASP A 302 8.48 54.49 -7.29
C ASP A 302 9.13 55.43 -6.26
N ARG A 303 8.51 55.59 -5.09
CA ARG A 303 9.00 56.57 -4.11
C ARG A 303 10.20 56.06 -3.32
N GLN A 304 10.07 54.86 -2.76
CA GLN A 304 11.05 54.36 -1.81
C GLN A 304 12.30 53.80 -2.50
N LYS A 305 13.45 54.20 -1.96
CA LYS A 305 14.74 53.82 -2.54
C LYS A 305 15.01 52.32 -2.49
N ASN A 306 14.46 51.64 -1.50
CA ASN A 306 14.79 50.22 -1.32
C ASN A 306 13.81 49.23 -1.91
N HIS A 307 12.61 49.69 -2.29
CA HIS A 307 11.60 48.75 -2.80
C HIS A 307 10.66 49.38 -3.81
N GLY A 308 10.43 48.64 -4.90
CA GLY A 308 9.48 49.03 -5.91
C GLY A 308 10.11 49.04 -7.29
N MET A 309 9.75 50.03 -8.09
CA MET A 309 10.34 50.24 -9.42
C MET A 309 10.66 51.72 -9.58
N HIS A 310 11.87 52.03 -10.01
CA HIS A 310 12.20 53.42 -10.24
C HIS A 310 11.34 53.97 -11.42
N PHE A 311 11.04 55.26 -11.37
CA PHE A 311 10.18 55.83 -12.42
C PHE A 311 10.75 55.66 -13.83
N ARG A 312 12.08 55.59 -13.99
CA ARG A 312 12.65 55.48 -15.33
C ARG A 312 12.18 54.18 -16.01
N VAL A 313 11.90 53.14 -15.22
CA VAL A 313 11.37 51.90 -15.76
C VAL A 313 9.94 52.11 -16.25
N LEU A 314 9.15 52.86 -15.47
CA LEU A 314 7.75 53.14 -15.83
C LEU A 314 7.71 54.07 -17.02
N ALA A 315 8.73 54.93 -17.12
CA ALA A 315 8.83 55.84 -18.23
C ALA A 315 9.19 55.10 -19.54
N LYS A 316 10.15 54.19 -19.50
CA LYS A 316 10.45 53.40 -20.67
C LYS A 316 9.23 52.61 -21.11
N ALA A 317 8.51 52.05 -20.15
CA ALA A 317 7.33 51.25 -20.48
C ALA A 317 6.28 52.10 -21.19
N LEU A 318 6.14 53.36 -20.76
CA LEU A 318 5.18 54.24 -21.43
C LEU A 318 5.60 54.56 -22.83
N ARG A 319 6.90 54.80 -23.04
CA ARG A 319 7.39 55.10 -24.36
C ARG A 319 7.06 53.94 -25.30
N MET A 320 7.21 52.73 -24.81
CA MET A 320 6.86 51.54 -25.58
C MET A 320 5.35 51.36 -25.85
N SER A 321 4.52 51.43 -24.80
CA SER A 321 3.08 51.31 -24.85
C SER A 321 2.46 52.41 -25.70
N GLY A 322 2.89 53.64 -25.45
CA GLY A 322 2.48 54.77 -26.26
C GLY A 322 1.97 55.96 -25.48
N GLY A 323 2.66 57.09 -25.68
CA GLY A 323 2.18 58.39 -25.21
C GLY A 323 2.96 59.47 -25.95
N ASP A 324 2.36 60.66 -26.09
CA ASP A 324 3.03 61.79 -26.74
C ASP A 324 3.63 62.74 -25.68
N HIS A 325 3.00 62.84 -24.51
CA HIS A 325 3.51 63.57 -23.34
C HIS A 325 3.52 62.62 -22.17
N ILE A 326 4.42 62.81 -21.21
CA ILE A 326 4.32 62.13 -19.92
C ILE A 326 4.79 63.02 -18.78
N HIS A 327 4.00 63.05 -17.72
CA HIS A 327 4.37 63.74 -16.50
C HIS A 327 5.66 63.17 -15.96
N SER A 328 6.60 64.06 -15.66
CA SER A 328 7.98 63.71 -15.35
C SER A 328 8.54 64.41 -14.10
N GLY A 329 7.71 65.19 -13.41
CA GLY A 329 8.07 65.71 -12.12
C GLY A 329 7.76 67.18 -11.93
N THR A 330 8.52 67.81 -11.06
CA THR A 330 8.41 69.24 -10.79
C THR A 330 9.80 69.88 -10.69
N VAL A 331 10.83 69.06 -10.91
CA VAL A 331 12.23 69.28 -10.49
C VAL A 331 12.66 70.65 -9.88
N VAL A 332 11.80 71.31 -9.10
CA VAL A 332 12.23 72.52 -8.39
C VAL A 332 11.51 72.67 -7.05
N GLY A 333 11.82 73.78 -6.37
CA GLY A 333 11.21 74.10 -5.09
C GLY A 333 10.01 75.02 -5.27
N GLU A 336 11.65 68.88 -7.57
CA GLU A 336 11.66 68.15 -6.31
C GLU A 336 12.95 67.36 -6.13
N GLY A 337 12.99 66.15 -6.71
CA GLY A 337 14.03 65.18 -6.44
C GLY A 337 15.41 65.56 -6.92
N GLU A 338 16.24 64.57 -7.22
CA GLU A 338 17.62 64.85 -7.61
C GLU A 338 17.72 65.12 -9.10
N ARG A 339 18.50 66.14 -9.43
CA ARG A 339 18.58 66.72 -10.75
C ARG A 339 19.11 65.75 -11.81
N GLU A 340 20.19 65.06 -11.47
CA GLU A 340 20.87 64.20 -12.42
C GLU A 340 20.01 62.99 -12.76
N MET A 341 19.22 62.55 -11.78
CA MET A 341 18.32 61.41 -11.99
C MET A 341 17.17 61.80 -12.92
N THR A 342 16.65 63.01 -12.74
CA THR A 342 15.62 63.55 -13.62
C THR A 342 16.14 63.72 -15.02
N LEU A 343 17.29 64.36 -15.15
CA LEU A 343 17.95 64.55 -16.43
C LEU A 343 18.19 63.21 -17.13
N GLY A 344 18.49 62.17 -16.38
CA GLY A 344 18.73 60.88 -16.98
C GLY A 344 17.47 60.29 -17.60
N PHE A 345 16.36 60.24 -16.85
CA PHE A 345 15.19 59.58 -17.42
C PHE A 345 14.51 60.50 -18.42
N VAL A 346 14.76 61.81 -18.37
CA VAL A 346 14.29 62.68 -19.47
C VAL A 346 15.05 62.34 -20.78
N ASP A 347 16.35 62.07 -20.72
CA ASP A 347 17.04 61.59 -21.90
C ASP A 347 16.48 60.23 -22.39
N LEU A 348 16.17 59.32 -21.46
CA LEU A 348 15.60 58.02 -21.85
C LEU A 348 14.26 58.18 -22.56
N LEU A 349 13.52 59.25 -22.21
CA LEU A 349 12.22 59.50 -22.81
C LEU A 349 12.27 60.18 -24.15
N ARG A 350 13.27 61.04 -24.33
CA ARG A 350 13.34 61.91 -25.50
C ARG A 350 14.32 61.46 -26.59
N ASP A 351 15.46 60.87 -26.20
CA ASP A 351 16.59 60.69 -27.13
C ASP A 351 16.55 59.34 -27.86
N ASP A 352 17.30 59.25 -28.95
CA ASP A 352 17.39 58.00 -29.72
C ASP A 352 18.35 57.02 -29.07
N PHE A 353 19.43 57.55 -28.53
CA PHE A 353 20.51 56.73 -27.99
C PHE A 353 21.00 57.34 -26.69
N ILE A 354 21.00 56.56 -25.61
CA ILE A 354 21.38 57.05 -24.30
C ILE A 354 22.48 56.16 -23.75
N GLU A 355 23.67 56.71 -23.60
CA GLU A 355 24.80 55.94 -23.11
C GLU A 355 24.71 55.71 -21.61
N LYS A 356 25.13 54.52 -21.19
CA LYS A 356 25.29 54.17 -19.79
C LYS A 356 25.94 55.32 -19.04
N ASP A 357 25.42 55.63 -17.85
CA ASP A 357 25.88 56.78 -17.04
C ASP A 357 25.27 56.67 -15.64
N ARG A 358 25.98 56.05 -14.72
CA ARG A 358 25.43 55.76 -13.41
C ARG A 358 25.18 57.00 -12.58
N ALA A 359 25.89 58.08 -12.89
CA ALA A 359 25.68 59.35 -12.21
C ALA A 359 24.27 59.90 -12.45
N ARG A 360 23.68 59.51 -13.57
CA ARG A 360 22.33 59.91 -13.95
C ARG A 360 21.35 58.73 -13.92
N GLY A 361 21.72 57.66 -13.23
CA GLY A 361 20.85 56.52 -13.01
C GLY A 361 20.54 55.72 -14.26
N ILE A 362 21.43 55.83 -15.24
CA ILE A 362 21.30 55.09 -16.49
C ILE A 362 22.19 53.86 -16.40
N PHE A 363 21.60 52.72 -16.05
CA PHE A 363 22.37 51.49 -15.81
C PHE A 363 22.78 50.75 -17.06
N PHE A 364 22.05 50.98 -18.16
CA PHE A 364 22.31 50.31 -19.43
C PHE A 364 22.27 51.31 -20.54
N THR A 365 23.15 51.14 -21.52
CA THR A 365 23.04 51.86 -22.79
C THR A 365 21.71 51.47 -23.46
N GLN A 366 20.94 52.49 -23.85
CA GLN A 366 19.61 52.30 -24.42
C GLN A 366 19.52 52.86 -25.85
N ASP A 367 19.22 51.98 -26.80
CA ASP A 367 19.10 52.33 -28.21
C ASP A 367 17.65 52.13 -28.64
N TRP A 368 16.98 53.23 -29.00
CA TRP A 368 15.57 53.16 -29.39
C TRP A 368 15.31 52.95 -30.90
N VAL A 369 16.36 52.83 -31.71
CA VAL A 369 16.27 52.64 -33.18
C VAL A 369 15.08 53.39 -33.84
N SER A 370 15.11 54.71 -33.62
CA SER A 370 14.24 55.71 -34.24
C SER A 370 12.76 55.70 -33.79
N MET A 371 12.47 54.98 -32.71
CA MET A 371 11.18 55.15 -32.03
C MET A 371 11.12 56.60 -31.58
N PRO A 372 10.02 57.31 -31.88
CA PRO A 372 9.99 58.72 -31.46
C PRO A 372 10.00 58.88 -29.95
N GLY A 373 10.40 60.08 -29.54
CA GLY A 373 10.47 60.43 -28.13
C GLY A 373 9.16 61.00 -27.62
N VAL A 374 9.08 61.09 -26.29
CA VAL A 374 7.93 61.57 -25.55
C VAL A 374 8.28 62.89 -24.88
N ILE A 375 7.41 63.88 -24.96
CA ILE A 375 7.69 65.18 -24.32
C ILE A 375 7.49 65.08 -22.82
N PRO A 376 8.53 65.42 -22.03
CA PRO A 376 8.31 65.40 -20.58
C PRO A 376 7.50 66.62 -20.08
N VAL A 377 6.63 66.40 -19.11
CA VAL A 377 5.78 67.46 -18.54
C VAL A 377 6.18 67.73 -17.08
N ALA A 378 6.51 68.98 -16.78
CA ALA A 378 6.76 69.41 -15.41
C ALA A 378 5.54 70.06 -14.85
N SER A 379 5.15 69.69 -13.64
CA SER A 379 3.98 70.30 -13.01
C SER A 379 4.21 70.46 -11.51
N GLY A 380 3.20 70.97 -10.83
CA GLY A 380 3.19 70.94 -9.39
C GLY A 380 3.85 72.10 -8.69
N GLY A 381 3.13 73.21 -8.58
CA GLY A 381 3.49 74.25 -7.63
C GLY A 381 4.48 75.25 -8.18
N ILE A 382 4.42 75.46 -9.48
CA ILE A 382 5.38 76.30 -10.16
C ILE A 382 4.72 77.63 -10.54
N HIS A 383 5.54 78.69 -10.56
CA HIS A 383 5.07 80.01 -10.91
C HIS A 383 6.15 80.70 -11.70
N VAL A 384 5.90 81.95 -12.06
CA VAL A 384 6.74 82.64 -13.01
C VAL A 384 8.22 82.70 -12.62
N TRP A 385 8.51 82.75 -11.32
CA TRP A 385 9.89 82.81 -10.87
C TRP A 385 10.64 81.50 -11.10
N HIS A 386 9.92 80.42 -11.36
CA HIS A 386 10.56 79.13 -11.69
C HIS A 386 10.91 79.02 -13.16
N MET A 387 10.44 79.95 -13.98
CA MET A 387 10.55 79.78 -15.42
C MET A 387 12.01 79.67 -15.86
N PRO A 388 12.93 80.46 -15.26
CA PRO A 388 14.32 80.32 -15.73
C PRO A 388 14.89 78.94 -15.43
N ALA A 389 14.68 78.42 -14.23
CA ALA A 389 15.21 77.13 -13.85
C ALA A 389 14.56 76.00 -14.67
N LEU A 390 13.25 76.10 -14.90
CA LEU A 390 12.54 75.07 -15.65
C LEU A 390 13.03 75.03 -17.09
N THR A 391 13.21 76.20 -17.71
CA THR A 391 13.69 76.27 -19.09
C THR A 391 15.09 75.69 -19.19
N GLU A 392 15.93 76.02 -18.20
CA GLU A 392 17.32 75.55 -18.20
C GLU A 392 17.42 74.03 -18.07
N ILE A 393 16.64 73.44 -17.17
CA ILE A 393 16.77 72.01 -16.87
C ILE A 393 16.23 71.14 -18.03
N PHE A 394 15.05 71.50 -18.52
CA PHE A 394 14.36 70.67 -19.51
C PHE A 394 14.63 71.10 -20.94
N GLY A 395 15.04 72.34 -21.14
CA GLY A 395 15.21 72.83 -22.50
C GLY A 395 13.86 72.92 -23.20
N ASP A 396 13.89 73.11 -24.52
CA ASP A 396 12.68 73.38 -25.28
C ASP A 396 11.68 72.25 -25.30
N ASP A 397 12.15 70.99 -25.39
CA ASP A 397 11.19 69.91 -25.62
C ASP A 397 10.57 69.44 -24.31
N SER A 398 9.62 70.24 -23.84
CA SER A 398 8.96 70.03 -22.57
C SER A 398 7.62 70.75 -22.54
N VAL A 399 6.77 70.34 -21.61
CA VAL A 399 5.57 71.07 -21.32
C VAL A 399 5.72 71.54 -19.88
N LEU A 400 5.54 72.84 -19.67
CA LEU A 400 5.50 73.36 -18.32
C LEU A 400 4.04 73.61 -17.95
N GLN A 401 3.60 72.88 -16.94
CA GLN A 401 2.18 72.75 -16.69
C GLN A 401 1.85 73.37 -15.35
N PHE A 402 1.16 74.50 -15.41
CA PHE A 402 0.83 75.25 -14.22
C PHE A 402 -0.55 74.83 -13.69
N GLY A 403 -0.96 75.50 -12.62
CA GLY A 403 -2.28 75.33 -12.09
C GLY A 403 -2.57 76.60 -11.31
N GLY A 404 -2.10 76.63 -10.07
CA GLY A 404 -2.21 77.81 -9.23
C GLY A 404 -1.44 78.98 -9.82
N GLY A 405 -0.45 78.68 -10.64
CA GLY A 405 0.39 79.69 -11.27
C GLY A 405 -0.27 80.45 -12.41
N THR A 406 -1.45 79.99 -12.85
CA THR A 406 -2.28 80.73 -13.81
C THR A 406 -3.59 81.15 -13.16
N LEU A 407 -4.25 80.20 -12.51
CA LEU A 407 -5.55 80.44 -11.92
C LEU A 407 -5.46 81.25 -10.61
N GLY A 408 -4.24 81.50 -10.14
CA GLY A 408 -4.00 82.26 -8.91
C GLY A 408 -3.52 83.70 -9.15
N HIS A 409 -3.44 84.12 -10.40
CA HIS A 409 -3.04 85.48 -10.72
C HIS A 409 -4.12 86.43 -10.22
N PRO A 410 -3.73 87.56 -9.60
CA PRO A 410 -4.73 88.47 -9.04
C PRO A 410 -5.70 89.11 -10.06
N TRP A 411 -5.38 89.06 -11.34
CA TRP A 411 -6.24 89.61 -12.37
C TRP A 411 -7.02 88.55 -13.15
N GLY A 412 -6.84 87.28 -12.78
CA GLY A 412 -7.62 86.20 -13.36
C GLY A 412 -6.84 85.39 -14.38
N ASN A 413 -7.56 84.50 -15.09
CA ASN A 413 -6.91 83.46 -15.91
C ASN A 413 -6.15 83.95 -17.12
N ALA A 414 -6.72 84.88 -17.86
CA ALA A 414 -6.08 85.32 -19.07
C ALA A 414 -4.81 86.15 -18.78
N PRO A 415 -4.87 87.13 -17.85
CA PRO A 415 -3.60 87.76 -17.44
C PRO A 415 -2.58 86.81 -16.81
N GLY A 416 -3.09 85.79 -16.11
CA GLY A 416 -2.19 84.81 -15.53
C GLY A 416 -1.46 84.02 -16.59
N ALA A 417 -2.19 83.63 -17.62
CA ALA A 417 -1.59 82.90 -18.75
C ALA A 417 -0.57 83.80 -19.47
N ALA A 418 -0.96 85.04 -19.70
CA ALA A 418 -0.06 85.99 -20.36
C ALA A 418 1.24 86.19 -19.57
N ALA A 419 1.13 86.32 -18.25
CA ALA A 419 2.29 86.49 -17.38
C ALA A 419 3.25 85.33 -17.53
N ASN A 420 2.70 84.11 -17.56
CA ASN A 420 3.52 82.92 -17.76
C ASN A 420 4.17 82.86 -19.17
N ARG A 421 3.41 83.20 -20.20
CA ARG A 421 3.91 83.17 -21.56
C ARG A 421 4.98 84.22 -21.72
N VAL A 422 4.75 85.42 -21.17
CA VAL A 422 5.78 86.45 -21.20
C VAL A 422 7.05 86.02 -20.49
N ALA A 423 6.89 85.45 -19.32
CA ALA A 423 8.04 85.04 -18.54
C ALA A 423 8.83 83.99 -19.32
N LEU A 424 8.10 83.04 -19.90
CA LEU A 424 8.78 81.99 -20.70
C LEU A 424 9.49 82.58 -21.91
N GLU A 425 8.84 83.48 -22.64
CA GLU A 425 9.50 83.98 -23.83
C GLU A 425 10.69 84.88 -23.45
N ALA A 426 10.62 85.58 -22.32
CA ALA A 426 11.77 86.37 -21.91
C ALA A 426 12.96 85.47 -21.58
N CYS A 427 12.68 84.31 -20.97
CA CYS A 427 13.70 83.35 -20.65
C CYS A 427 14.30 82.78 -21.92
N VAL A 428 13.45 82.44 -22.89
CA VAL A 428 13.96 81.86 -24.12
C VAL A 428 14.78 82.89 -24.90
N GLN A 429 14.28 84.12 -24.98
CA GLN A 429 15.06 85.17 -25.64
C GLN A 429 16.48 85.30 -25.07
N ALA A 430 16.55 85.43 -23.76
CA ALA A 430 17.82 85.63 -23.06
C ALA A 430 18.75 84.43 -23.24
N ARG A 431 18.19 83.23 -23.12
CA ARG A 431 18.97 82.02 -23.35
C ARG A 431 19.61 82.01 -24.73
N ASN A 432 18.80 82.31 -25.73
CA ASN A 432 19.24 82.26 -27.11
C ASN A 432 20.34 83.28 -27.37
N GLU A 433 20.27 84.41 -26.65
CA GLU A 433 21.29 85.45 -26.73
C GLU A 433 22.61 85.06 -26.08
N GLY A 434 22.61 83.98 -25.31
CA GLY A 434 23.84 83.50 -24.68
C GLY A 434 23.92 83.74 -23.18
N ARG A 435 22.83 84.19 -22.57
CA ARG A 435 22.83 84.45 -21.13
C ARG A 435 22.62 83.17 -20.34
N ASP A 436 23.15 83.15 -19.13
CA ASP A 436 23.09 81.98 -18.26
C ASP A 436 21.83 82.04 -17.40
N LEU A 437 20.85 81.18 -17.68
CA LEU A 437 19.59 81.20 -16.94
C LEU A 437 19.75 80.85 -15.47
N ALA A 438 20.76 80.07 -15.15
CA ALA A 438 20.95 79.58 -13.78
C ALA A 438 21.37 80.72 -12.87
N ARG A 439 22.05 81.70 -13.43
CA ARG A 439 22.61 82.80 -12.66
C ARG A 439 21.90 84.12 -12.90
N GLU A 440 21.25 84.25 -14.06
CA GLU A 440 20.66 85.55 -14.43
C GLU A 440 19.13 85.57 -14.43
N GLY A 441 18.51 84.45 -14.04
CA GLY A 441 17.07 84.29 -14.16
C GLY A 441 16.23 85.40 -13.55
N ASN A 442 16.52 85.75 -12.31
CA ASN A 442 15.73 86.78 -11.63
C ASN A 442 15.83 88.14 -12.33
N GLU A 443 17.02 88.45 -12.85
CA GLU A 443 17.25 89.72 -13.58
C GLU A 443 16.49 89.74 -14.91
N ILE A 444 16.42 88.58 -15.57
CA ILE A 444 15.69 88.44 -16.82
C ILE A 444 14.20 88.68 -16.56
N ILE A 445 13.67 88.07 -15.50
CA ILE A 445 12.29 88.25 -15.11
C ILE A 445 12.01 89.71 -14.70
N ARG A 446 12.87 90.31 -13.89
CA ARG A 446 12.62 91.67 -13.43
C ARG A 446 12.64 92.68 -14.59
N ALA A 447 13.49 92.44 -15.57
CA ALA A 447 13.50 93.30 -16.76
C ALA A 447 12.17 93.22 -17.50
N ALA A 448 11.62 92.02 -17.66
CA ALA A 448 10.34 91.87 -18.35
C ALA A 448 9.17 92.51 -17.59
N CYS A 449 9.28 92.57 -16.25
CA CYS A 449 8.29 93.25 -15.42
C CYS A 449 8.16 94.75 -15.78
N LYS A 450 9.18 95.33 -16.40
CA LYS A 450 9.15 96.77 -16.71
C LYS A 450 8.18 97.10 -17.83
N TRP A 451 7.89 96.13 -18.71
CA TRP A 451 7.01 96.39 -19.84
C TRP A 451 5.75 95.50 -19.85
N SER A 452 5.67 94.55 -18.90
CA SER A 452 4.53 93.65 -18.77
C SER A 452 3.85 93.81 -17.42
N PRO A 453 2.73 94.55 -17.38
CA PRO A 453 2.01 94.76 -16.12
C PRO A 453 1.47 93.44 -15.54
N GLU A 454 1.18 92.51 -16.44
CA GLU A 454 0.66 91.21 -16.04
C GLU A 454 1.73 90.44 -15.25
N LEU A 455 2.96 90.42 -15.77
CA LEU A 455 4.04 89.72 -15.11
C LEU A 455 4.41 90.41 -13.78
N ALA A 456 4.43 91.74 -13.77
CA ALA A 456 4.73 92.51 -12.56
C ALA A 456 3.76 92.14 -11.44
N ALA A 457 2.47 92.07 -11.76
CA ALA A 457 1.46 91.71 -10.79
C ALA A 457 1.65 90.27 -10.31
N ALA A 458 2.11 89.39 -11.20
CA ALA A 458 2.36 88.01 -10.81
C ALA A 458 3.54 87.96 -9.84
N CYS A 459 4.56 88.75 -10.15
CA CYS A 459 5.82 88.71 -9.40
C CYS A 459 5.67 89.28 -8.00
N GLU A 460 4.66 90.11 -7.77
CA GLU A 460 4.46 90.65 -6.43
C GLU A 460 3.74 89.63 -5.54
N VAL A 461 2.94 88.78 -6.16
CA VAL A 461 2.18 87.76 -5.43
C VAL A 461 3.05 86.57 -5.01
N TRP A 462 3.82 86.03 -5.95
CA TRP A 462 4.71 84.91 -5.67
C TRP A 462 6.10 85.50 -5.56
N LYS A 463 7.05 84.78 -5.00
CA LYS A 463 8.37 85.38 -4.81
C LYS A 463 9.57 84.49 -5.07
N ALA A 464 10.71 85.15 -5.21
CA ALA A 464 12.00 84.50 -5.47
C ALA A 464 13.11 85.52 -5.25
N LEU B 22 -5.05 71.50 10.76
CA LEU B 22 -5.68 72.60 10.01
C LEU B 22 -7.09 72.19 9.59
N THR B 23 -7.69 72.97 8.67
CA THR B 23 -9.07 72.76 8.17
C THR B 23 -9.41 71.39 7.57
N TYR B 24 -8.40 70.55 7.34
CA TYR B 24 -8.66 69.21 6.79
C TYR B 24 -8.60 68.13 7.86
N TYR B 25 -8.24 68.51 9.07
CA TYR B 25 -8.36 67.64 10.23
C TYR B 25 -9.64 67.99 10.96
N THR B 26 -10.65 67.14 10.82
CA THR B 26 -11.98 67.37 11.39
C THR B 26 -12.40 66.20 12.27
N PRO B 27 -11.82 66.11 13.48
CA PRO B 27 -11.98 64.95 14.36
C PRO B 27 -13.39 64.77 14.90
N GLU B 28 -14.23 65.77 14.69
CA GLU B 28 -15.63 65.71 15.12
C GLU B 28 -16.57 65.28 14.00
N TYR B 29 -16.03 65.06 12.80
CA TYR B 29 -16.87 64.69 11.65
C TYR B 29 -17.49 63.31 11.85
N GLU B 30 -18.80 63.24 11.58
CA GLU B 30 -19.52 61.97 11.54
C GLU B 30 -19.54 61.44 10.09
N THR B 31 -18.90 60.30 9.85
CA THR B 31 -18.88 59.77 8.49
C THR B 31 -20.30 59.52 7.96
N LYS B 32 -20.50 59.74 6.68
CA LYS B 32 -21.79 59.51 6.04
C LYS B 32 -21.83 58.10 5.51
N ASP B 33 -23.00 57.49 5.43
CA ASP B 33 -23.08 56.10 4.94
C ASP B 33 -22.75 55.97 3.45
N THR B 34 -22.67 57.10 2.73
CA THR B 34 -22.24 57.13 1.33
C THR B 34 -20.76 57.49 1.12
N ASP B 35 -20.02 57.87 2.17
CA ASP B 35 -18.60 58.21 2.03
C ASP B 35 -17.76 56.96 1.71
N ILE B 36 -16.75 57.16 0.88
CA ILE B 36 -15.65 56.20 0.84
C ILE B 36 -14.66 56.59 1.94
N LEU B 37 -14.31 55.62 2.78
CA LEU B 37 -13.38 55.84 3.86
C LEU B 37 -12.07 55.11 3.56
N ALA B 38 -10.94 55.72 3.92
CA ALA B 38 -9.61 55.11 3.72
C ALA B 38 -8.82 55.14 5.03
N ALA B 39 -8.11 54.05 5.33
CA ALA B 39 -7.23 54.03 6.48
C ALA B 39 -5.80 53.99 5.95
N PHE B 40 -5.08 55.09 6.20
CA PHE B 40 -3.72 55.28 5.78
C PHE B 40 -2.74 55.08 6.95
N ARG B 41 -1.69 54.30 6.73
CA ARG B 41 -0.58 54.22 7.67
C ARG B 41 0.42 55.28 7.27
N VAL B 42 0.52 56.33 8.09
CA VAL B 42 1.27 57.54 7.78
C VAL B 42 2.55 57.63 8.60
N SER B 43 3.67 57.83 7.90
CA SER B 43 4.98 58.00 8.56
C SER B 43 5.53 59.39 8.23
N PRO B 44 5.21 60.40 9.07
CA PRO B 44 5.61 61.77 8.70
C PRO B 44 7.13 62.01 8.85
N GLN B 45 7.63 63.02 8.16
CA GLN B 45 9.00 63.47 8.40
C GLN B 45 9.13 63.94 9.85
N PRO B 46 10.35 63.88 10.41
CA PRO B 46 10.56 64.44 11.76
C PRO B 46 10.09 65.88 11.82
N GLY B 47 9.40 66.24 12.90
CA GLY B 47 8.89 67.59 13.06
C GLY B 47 7.46 67.78 12.56
N VAL B 48 6.93 66.77 11.88
CA VAL B 48 5.58 66.87 11.33
C VAL B 48 4.61 66.09 12.24
N PRO B 49 3.77 66.82 13.00
CA PRO B 49 2.80 66.10 13.84
C PRO B 49 1.78 65.30 13.04
N PRO B 50 1.18 64.27 13.67
CA PRO B 50 0.24 63.38 12.97
C PRO B 50 -0.92 64.16 12.38
N GLU B 51 -1.36 65.19 13.10
CA GLU B 51 -2.55 65.96 12.72
C GLU B 51 -2.40 66.71 11.39
N GLU B 52 -1.24 67.29 11.09
CA GLU B 52 -1.11 67.95 9.79
C GLU B 52 -0.61 66.98 8.75
N ALA B 53 0.01 65.89 9.19
CA ALA B 53 0.29 64.79 8.28
C ALA B 53 -1.07 64.24 7.82
N GLY B 54 -1.92 63.89 8.79
CA GLY B 54 -3.25 63.39 8.48
C GLY B 54 -4.04 64.38 7.66
N ALA B 55 -3.95 65.66 8.01
CA ALA B 55 -4.64 66.69 7.25
C ALA B 55 -4.05 66.87 5.86
N ALA B 56 -2.74 66.70 5.73
CA ALA B 56 -2.11 66.78 4.41
C ALA B 56 -2.56 65.61 3.51
N VAL B 57 -2.60 64.42 4.08
CA VAL B 57 -3.08 63.25 3.31
C VAL B 57 -4.47 63.58 2.79
N ALA B 58 -5.33 64.07 3.69
CA ALA B 58 -6.70 64.39 3.33
C ALA B 58 -6.78 65.45 2.26
N ALA B 59 -6.01 66.53 2.40
CA ALA B 59 -6.09 67.62 1.45
C ALA B 59 -5.41 67.25 0.15
N GLU B 60 -4.29 66.53 0.25
CA GLU B 60 -3.52 66.17 -0.95
C GLU B 60 -4.23 65.10 -1.76
N SER B 61 -5.00 64.22 -1.11
CA SER B 61 -5.79 63.22 -1.84
C SER B 61 -7.18 63.76 -2.14
N SER B 62 -7.36 65.08 -2.02
CA SER B 62 -8.64 65.70 -2.38
C SER B 62 -8.46 67.10 -2.97
N THR B 63 -8.85 68.13 -2.23
CA THR B 63 -9.01 69.49 -2.78
C THR B 63 -7.83 70.44 -2.55
N GLY B 64 -6.80 69.96 -1.85
CA GLY B 64 -5.66 70.79 -1.50
C GLY B 64 -4.88 71.29 -2.70
N THR B 65 -4.61 72.60 -2.73
CA THR B 65 -3.74 73.18 -3.75
C THR B 65 -2.96 74.36 -3.17
N TRP B 66 -1.79 74.62 -3.74
CA TRP B 66 -0.76 75.42 -3.07
C TRP B 66 -1.07 76.92 -2.95
N THR B 67 -1.76 77.48 -3.94
CA THR B 67 -2.17 78.88 -3.91
C THR B 67 -3.67 78.95 -4.06
N THR B 68 -4.26 80.05 -3.61
CA THR B 68 -5.70 80.24 -3.70
C THR B 68 -6.06 80.52 -5.16
N VAL B 69 -7.30 80.22 -5.52
CA VAL B 69 -7.77 80.40 -6.89
C VAL B 69 -9.21 80.95 -6.85
N TRP B 70 -9.54 81.84 -7.78
CA TRP B 70 -10.83 82.53 -7.77
C TRP B 70 -12.02 81.61 -8.14
N THR B 71 -11.76 80.51 -8.84
CA THR B 71 -12.84 79.62 -9.29
C THR B 71 -13.46 78.85 -8.11
N ASP B 72 -12.74 78.79 -7.00
CA ASP B 72 -13.26 78.19 -5.77
C ASP B 72 -14.56 78.86 -5.34
N GLY B 73 -14.71 80.14 -5.66
CA GLY B 73 -15.88 80.91 -5.29
C GLY B 73 -17.08 80.65 -6.20
N LEU B 74 -16.88 79.85 -7.25
CA LEU B 74 -17.96 79.43 -8.14
C LEU B 74 -18.60 78.12 -7.66
N THR B 75 -18.05 77.54 -6.60
CA THR B 75 -18.66 76.37 -5.99
C THR B 75 -18.49 76.35 -4.47
N SER B 76 -18.88 75.23 -3.85
CA SER B 76 -18.74 75.04 -2.41
C SER B 76 -17.74 73.94 -2.16
N LEU B 77 -16.47 74.32 -1.99
CA LEU B 77 -15.36 73.37 -1.90
C LEU B 77 -15.54 72.38 -0.75
N ASP B 78 -16.18 72.83 0.33
CA ASP B 78 -16.42 71.98 1.49
C ASP B 78 -17.07 70.65 1.07
N ARG B 79 -17.90 70.69 0.04
CA ARG B 79 -18.64 69.49 -0.40
C ARG B 79 -17.77 68.43 -1.07
N TYR B 80 -16.54 68.79 -1.46
CA TYR B 80 -15.63 67.87 -2.15
C TYR B 80 -14.34 67.65 -1.36
N LYS B 81 -14.30 68.14 -0.13
CA LYS B 81 -13.12 67.97 0.68
C LYS B 81 -13.06 66.55 1.21
N GLY B 82 -11.91 65.95 1.03
CA GLY B 82 -11.52 64.82 1.84
C GLY B 82 -11.26 65.39 3.23
N ARG B 83 -11.61 64.62 4.24
CA ARG B 83 -11.41 65.01 5.65
C ARG B 83 -10.68 63.93 6.41
N CYS B 84 -9.62 64.28 7.13
CA CYS B 84 -9.10 63.37 8.12
C CYS B 84 -9.91 63.50 9.41
N TYR B 85 -10.60 62.43 9.80
CA TYR B 85 -11.56 62.49 10.92
C TYR B 85 -11.15 61.69 12.14
N HIS B 86 -10.00 61.01 12.06
CA HIS B 86 -9.52 60.23 13.17
C HIS B 86 -8.07 59.77 12.96
N ILE B 87 -7.34 59.76 14.06
CA ILE B 87 -5.91 59.43 14.07
C ILE B 87 -5.63 58.54 15.24
N GLU B 88 -4.94 57.42 15.03
CA GLU B 88 -4.52 56.60 16.15
C GLU B 88 -3.08 56.13 15.98
N PRO B 89 -2.38 55.91 17.11
CA PRO B 89 -1.00 55.44 17.04
C PRO B 89 -0.93 53.99 16.61
N VAL B 90 0.19 53.62 15.99
CA VAL B 90 0.47 52.24 15.62
C VAL B 90 1.33 51.58 16.69
N ALA B 91 0.91 50.39 17.10
CA ALA B 91 1.59 49.60 18.11
C ALA B 91 3.04 49.31 17.76
N GLY B 92 3.97 49.65 18.65
CA GLY B 92 5.38 49.38 18.42
C GLY B 92 6.12 50.46 17.66
N GLU B 93 5.44 51.58 17.40
CA GLU B 93 6.00 52.66 16.62
C GLU B 93 5.80 53.98 17.34
N ASP B 94 6.80 54.83 17.33
CA ASP B 94 6.68 56.15 17.92
C ASP B 94 6.52 57.23 16.85
N SER B 95 6.55 56.83 15.57
CA SER B 95 6.45 57.80 14.47
C SER B 95 5.60 57.28 13.30
N GLN B 96 4.57 56.53 13.63
CA GLN B 96 3.64 56.01 12.65
C GLN B 96 2.22 56.07 13.22
N TRP B 97 1.29 56.58 12.42
CA TRP B 97 -0.10 56.67 12.85
C TRP B 97 -1.02 56.13 11.76
N ILE B 98 -2.17 55.60 12.15
CA ILE B 98 -3.26 55.37 11.20
C ILE B 98 -4.11 56.63 11.13
N CYS B 99 -4.19 57.23 9.95
CA CYS B 99 -5.08 58.36 9.68
C CYS B 99 -6.27 57.93 8.81
N TYR B 100 -7.48 58.18 9.33
CA TYR B 100 -8.73 57.87 8.62
C TYR B 100 -9.24 59.09 7.86
N VAL B 101 -9.53 58.89 6.59
CA VAL B 101 -9.95 59.95 5.69
C VAL B 101 -11.29 59.59 5.06
N ALA B 102 -12.20 60.58 4.96
CA ALA B 102 -13.50 60.36 4.35
C ALA B 102 -13.60 61.15 3.07
N TYR B 103 -14.05 60.49 2.01
CA TYR B 103 -14.19 61.09 0.68
C TYR B 103 -15.67 61.03 0.29
N PRO B 104 -16.22 62.15 -0.23
CA PRO B 104 -17.63 62.14 -0.67
C PRO B 104 -17.88 61.24 -1.89
N LEU B 105 -19.09 60.68 -1.94
CA LEU B 105 -19.49 59.80 -3.02
C LEU B 105 -19.35 60.46 -4.38
N ASP B 106 -19.62 61.78 -4.46
CA ASP B 106 -19.64 62.49 -5.75
C ASP B 106 -18.31 62.62 -6.43
N LEU B 107 -17.23 62.31 -5.72
CA LEU B 107 -15.90 62.39 -6.31
C LEU B 107 -15.67 61.32 -7.35
N PHE B 108 -16.45 60.24 -7.29
CA PHE B 108 -16.10 58.99 -7.96
C PHE B 108 -16.98 58.65 -9.16
N GLU B 109 -16.34 58.22 -10.22
CA GLU B 109 -17.06 57.76 -11.39
C GLU B 109 -17.63 56.37 -11.07
N GLU B 110 -18.92 56.21 -11.33
CA GLU B 110 -19.63 54.94 -11.15
C GLU B 110 -18.97 53.80 -11.95
N GLY B 111 -18.82 52.64 -11.32
CA GLY B 111 -18.31 51.48 -12.03
C GLY B 111 -16.84 51.47 -12.40
N SER B 112 -16.06 52.44 -11.91
CA SER B 112 -14.65 52.56 -12.30
C SER B 112 -13.67 52.41 -11.14
N VAL B 113 -13.09 51.23 -10.98
CA VAL B 113 -11.98 51.06 -10.01
C VAL B 113 -10.83 51.96 -10.37
N THR B 114 -10.65 52.15 -11.67
CA THR B 114 -9.60 53.04 -12.16
C THR B 114 -9.73 54.44 -11.53
N ASN B 115 -10.92 54.99 -11.56
CA ASN B 115 -11.10 56.33 -11.00
C ASN B 115 -11.03 56.33 -9.46
N MET B 116 -11.50 55.27 -8.84
CA MET B 116 -11.38 55.21 -7.40
C MET B 116 -9.88 55.28 -6.98
N PHE B 117 -9.01 54.49 -7.61
CA PHE B 117 -7.58 54.56 -7.27
C PHE B 117 -6.96 55.90 -7.68
N THR B 118 -7.29 56.39 -8.87
CA THR B 118 -6.76 57.68 -9.28
C THR B 118 -7.08 58.73 -8.22
N SER B 119 -8.30 58.72 -7.70
CA SER B 119 -8.74 59.79 -6.80
C SER B 119 -8.13 59.68 -5.40
N ILE B 120 -7.93 58.45 -4.93
CA ILE B 120 -7.46 58.26 -3.57
C ILE B 120 -5.93 58.12 -3.48
N VAL B 121 -5.31 57.32 -4.34
CA VAL B 121 -3.87 57.08 -4.26
C VAL B 121 -3.09 57.70 -5.41
N GLY B 122 -3.73 58.56 -6.18
CA GLY B 122 -3.10 59.13 -7.36
C GLY B 122 -1.95 60.07 -7.09
N ASN B 123 -2.01 60.80 -5.99
CA ASN B 123 -1.04 61.88 -5.77
C ASN B 123 -0.31 61.90 -4.43
N VAL B 124 -0.97 61.44 -3.37
CA VAL B 124 -0.54 61.71 -2.01
C VAL B 124 0.73 60.94 -1.57
N PHE B 125 1.08 59.87 -2.29
CA PHE B 125 2.21 59.05 -1.87
C PHE B 125 3.56 59.74 -2.15
N GLY B 126 3.55 60.84 -2.90
CA GLY B 126 4.76 61.58 -3.19
C GLY B 126 4.96 62.81 -2.31
N PHE B 127 4.05 63.03 -1.36
CA PHE B 127 4.09 64.26 -0.55
C PHE B 127 5.38 64.28 0.27
N LYS B 128 6.07 65.43 0.25
CA LYS B 128 7.42 65.55 0.84
C LYS B 128 7.45 65.51 2.37
N ALA B 129 6.38 65.96 3.01
CA ALA B 129 6.27 65.95 4.47
C ALA B 129 6.11 64.52 5.03
N LEU B 130 5.95 63.55 4.13
CA LEU B 130 5.85 62.15 4.53
C LEU B 130 7.12 61.39 4.16
N ARG B 131 7.53 60.52 5.07
CA ARG B 131 8.64 59.62 4.82
C ARG B 131 8.11 58.41 4.06
N ALA B 132 6.92 57.98 4.44
CA ALA B 132 6.31 56.83 3.80
C ALA B 132 4.84 56.86 4.05
N LEU B 133 4.09 56.15 3.21
CA LEU B 133 2.65 56.09 3.26
C LEU B 133 2.16 54.75 2.72
N ARG B 134 1.28 54.11 3.46
CA ARG B 134 0.61 52.89 3.02
C ARG B 134 -0.91 52.95 3.15
N LEU B 135 -1.64 52.61 2.07
CA LEU B 135 -3.08 52.48 2.19
C LEU B 135 -3.40 51.07 2.71
N GLU B 136 -3.99 51.00 3.91
CA GLU B 136 -4.32 49.72 4.54
C GLU B 136 -5.69 49.17 4.21
N ASP B 137 -6.71 50.03 4.10
CA ASP B 137 -8.09 49.57 3.93
C ASP B 137 -8.96 50.70 3.34
N LEU B 138 -10.06 50.27 2.72
CA LEU B 138 -11.10 51.15 2.17
C LEU B 138 -12.45 50.67 2.61
N ARG B 139 -13.32 51.58 3.05
CA ARG B 139 -14.74 51.26 3.25
C ARG B 139 -15.49 51.65 1.97
N ILE B 140 -15.88 50.63 1.21
CA ILE B 140 -16.64 50.82 -0.01
C ILE B 140 -18.12 50.81 0.36
N PRO B 141 -18.77 51.98 0.30
CA PRO B 141 -20.18 51.99 0.67
C PRO B 141 -21.04 51.29 -0.38
N PRO B 142 -22.19 50.75 0.02
CA PRO B 142 -23.14 50.10 -0.89
C PRO B 142 -23.60 50.98 -2.06
N THR B 143 -23.70 52.27 -1.81
N THR B 143 -23.76 52.27 -1.82
CA THR B 143 -24.14 53.20 -2.83
CA THR B 143 -24.18 53.12 -2.91
C THR B 143 -23.12 53.35 -3.97
C THR B 143 -23.16 53.03 -4.04
N TYR B 144 -21.88 52.94 -3.69
CA TYR B 144 -20.85 52.88 -4.73
C TYR B 144 -20.65 51.46 -5.28
N SER B 145 -20.62 50.44 -4.42
CA SER B 145 -20.35 49.11 -4.93
C SER B 145 -21.49 48.61 -5.82
N LYS B 146 -22.71 49.12 -5.61
CA LYS B 146 -23.85 48.70 -6.44
C LYS B 146 -23.76 49.20 -7.88
N THR B 147 -22.79 50.07 -8.18
CA THR B 147 -22.60 50.56 -9.54
C THR B 147 -21.63 49.68 -10.31
N PHE B 148 -21.17 48.59 -9.70
CA PHE B 148 -20.23 47.66 -10.32
C PHE B 148 -20.89 46.32 -10.57
N GLN B 149 -20.50 45.64 -11.64
CA GLN B 149 -20.97 44.28 -11.87
C GLN B 149 -20.51 43.32 -10.76
N GLY B 150 -19.24 43.40 -10.45
CA GLY B 150 -18.66 42.43 -9.54
C GLY B 150 -18.32 41.16 -10.28
N PRO B 151 -18.12 40.06 -9.53
CA PRO B 151 -17.70 38.81 -10.14
C PRO B 151 -18.63 38.38 -11.25
N PRO B 152 -18.08 37.90 -12.38
CA PRO B 152 -18.96 37.38 -13.43
C PRO B 152 -19.93 36.32 -12.89
N HIS B 153 -19.51 35.53 -11.90
CA HIS B 153 -20.38 34.48 -11.36
C HIS B 153 -20.37 34.41 -9.86
N GLY B 154 -19.16 34.25 -9.30
CA GLY B 154 -18.95 34.21 -7.87
C GLY B 154 -19.11 32.80 -7.35
N ILE B 155 -18.82 32.66 -6.07
CA ILE B 155 -18.60 31.35 -5.47
C ILE B 155 -19.76 30.39 -5.67
N GLN B 156 -20.95 30.81 -5.30
CA GLN B 156 -22.09 29.89 -5.36
C GLN B 156 -22.40 29.49 -6.80
N VAL B 157 -22.42 30.44 -7.73
CA VAL B 157 -22.76 30.09 -9.09
C VAL B 157 -21.70 29.15 -9.65
N GLU B 158 -20.46 29.38 -9.28
CA GLU B 158 -19.38 28.56 -9.83
C GLU B 158 -19.53 27.08 -9.38
N ARG B 159 -19.84 26.89 -8.11
CA ARG B 159 -20.01 25.51 -7.60
C ARG B 159 -21.21 24.82 -8.32
N ASP B 160 -22.28 25.57 -8.54
CA ASP B 160 -23.45 25.03 -9.23
C ASP B 160 -23.12 24.69 -10.68
N LYS B 161 -22.37 25.57 -11.36
CA LYS B 161 -22.04 25.33 -12.77
C LYS B 161 -21.14 24.10 -12.93
N LEU B 162 -20.19 23.95 -12.02
CA LEU B 162 -19.19 22.88 -12.10
C LEU B 162 -19.68 21.59 -11.41
N ASN B 163 -20.79 21.70 -10.71
CA ASN B 163 -21.40 20.58 -9.94
C ASN B 163 -20.41 20.05 -8.92
N LYS B 164 -19.77 20.97 -8.19
CA LYS B 164 -18.72 20.63 -7.22
C LYS B 164 -19.05 21.22 -5.85
N TYR B 165 -19.24 20.34 -4.85
CA TYR B 165 -19.69 20.75 -3.53
C TYR B 165 -18.91 20.10 -2.43
N GLY B 166 -18.76 20.83 -1.32
CA GLY B 166 -18.32 20.24 -0.06
C GLY B 166 -16.82 20.00 0.09
N ARG B 167 -16.00 20.59 -0.78
CA ARG B 167 -14.56 20.49 -0.66
C ARG B 167 -13.87 21.63 -1.38
N PRO B 168 -12.65 21.97 -0.96
CA PRO B 168 -11.85 22.86 -1.78
C PRO B 168 -11.67 22.30 -3.17
N LEU B 169 -11.56 23.21 -4.13
CA LEU B 169 -11.17 22.83 -5.48
C LEU B 169 -9.64 22.68 -5.59
N LEU B 170 -9.21 21.91 -6.58
CA LEU B 170 -7.80 21.56 -6.76
C LEU B 170 -7.30 21.87 -8.14
N GLY B 171 -6.14 22.48 -8.19
CA GLY B 171 -5.55 22.83 -9.45
C GLY B 171 -4.06 22.59 -9.50
N CYS B 172 -3.51 22.67 -10.71
CA CYS B 172 -2.09 22.56 -10.92
C CYS B 172 -1.63 23.50 -12.02
N THR B 173 -0.54 24.21 -11.76
CA THR B 173 0.03 25.11 -12.78
C THR B 173 1.06 24.33 -13.61
N ILE B 174 0.95 24.40 -14.93
CA ILE B 174 1.84 23.60 -15.76
C ILE B 174 3.24 24.18 -15.80
N LYS B 175 4.23 23.31 -15.60
CA LYS B 175 5.63 23.68 -15.66
C LYS B 175 6.40 22.67 -16.51
N PRO B 176 7.47 23.12 -17.19
CA PRO B 176 7.99 24.49 -17.18
C PRO B 176 7.06 25.52 -17.83
N LYS B 177 6.99 26.73 -17.28
CA LYS B 177 6.09 27.74 -17.83
C LYS B 177 6.40 27.95 -19.30
N LEU B 178 7.68 28.16 -19.61
CA LEU B 178 8.16 28.27 -20.98
C LEU B 178 9.17 27.16 -21.27
N GLY B 179 9.09 26.62 -22.48
CA GLY B 179 9.86 25.46 -22.86
C GLY B 179 9.07 24.58 -23.80
N LEU B 180 7.88 24.18 -23.37
CA LEU B 180 7.08 23.22 -24.10
C LEU B 180 6.45 23.76 -25.40
N SER B 181 6.26 22.85 -26.35
CA SER B 181 5.33 23.02 -27.45
C SER B 181 3.92 23.03 -26.89
N ALA B 182 3.00 23.64 -27.62
CA ALA B 182 1.59 23.68 -27.19
C ALA B 182 1.09 22.26 -26.98
N LYS B 183 1.46 21.36 -27.87
CA LYS B 183 0.98 19.98 -27.74
C LYS B 183 1.52 19.31 -26.48
N ASN B 184 2.82 19.46 -26.21
CA ASN B 184 3.39 18.84 -25.02
C ASN B 184 2.79 19.46 -23.77
N TYR B 185 2.50 20.76 -23.83
CA TYR B 185 1.79 21.44 -22.78
C TYR B 185 0.42 20.85 -22.49
N GLY B 186 -0.39 20.64 -23.54
CA GLY B 186 -1.71 20.05 -23.39
C GLY B 186 -1.63 18.60 -22.89
N ARG B 187 -0.56 17.89 -23.23
CA ARG B 187 -0.39 16.52 -22.76
C ARG B 187 -0.33 16.53 -21.23
N ALA B 188 0.51 17.41 -20.69
CA ALA B 188 0.67 17.52 -19.24
C ALA B 188 -0.65 17.90 -18.59
N CYS B 189 -1.43 18.80 -19.20
CA CYS B 189 -2.76 19.15 -18.68
C CYS B 189 -3.71 17.94 -18.60
N TYR B 190 -3.77 17.15 -19.68
CA TYR B 190 -4.65 15.97 -19.69
C TYR B 190 -4.26 15.01 -18.55
N GLU B 191 -2.97 14.75 -18.39
CA GLU B 191 -2.54 13.80 -17.34
C GLU B 191 -2.86 14.32 -15.93
N CYS B 192 -2.65 15.62 -15.68
CA CYS B 192 -3.07 16.18 -14.38
C CYS B 192 -4.57 16.06 -14.15
N LEU B 193 -5.35 16.51 -15.13
CA LEU B 193 -6.80 16.54 -14.98
C LEU B 193 -7.36 15.12 -14.80
N ARG B 194 -6.85 14.16 -15.56
CA ARG B 194 -7.43 12.82 -15.52
C ARG B 194 -7.22 12.14 -14.16
N GLY B 195 -6.21 12.59 -13.41
CA GLY B 195 -5.92 11.98 -12.13
C GLY B 195 -6.73 12.51 -10.96
N GLY B 196 -7.47 13.62 -11.15
CA GLY B 196 -8.45 14.03 -10.17
C GLY B 196 -8.44 15.51 -9.82
N LEU B 197 -7.62 16.29 -10.50
CA LEU B 197 -7.65 17.75 -10.31
C LEU B 197 -8.82 18.34 -11.06
N ASP B 198 -9.36 19.44 -10.55
CA ASP B 198 -10.49 20.12 -11.18
C ASP B 198 -9.99 21.00 -12.31
N PHE B 199 -8.83 21.57 -12.07
CA PHE B 199 -8.23 22.47 -13.02
C PHE B 199 -6.73 22.40 -13.25
N THR B 200 -6.30 22.87 -14.39
CA THR B 200 -4.93 23.09 -14.66
C THR B 200 -4.87 24.58 -15.02
N ASP B 202 -2.49 28.05 -16.84
CA ASP B 202 -1.45 28.69 -17.61
C ASP B 202 -0.59 29.52 -16.65
N ASP B 203 0.73 29.36 -16.72
CA ASP B 203 1.59 30.19 -15.89
C ASP B 203 1.31 31.66 -16.21
N GLU B 204 1.53 32.56 -15.27
CA GLU B 204 1.23 33.95 -15.47
C GLU B 204 1.97 34.52 -16.65
N ASN B 205 3.15 34.00 -16.90
CA ASN B 205 3.99 34.48 -17.99
C ASN B 205 3.54 34.00 -19.36
N VAL B 206 2.77 32.90 -19.38
CA VAL B 206 2.32 32.27 -20.60
C VAL B 206 1.15 33.07 -21.16
N ASN B 207 1.41 33.82 -22.23
CA ASN B 207 0.37 34.56 -22.91
C ASN B 207 0.42 34.06 -24.36
N SER B 208 1.21 34.72 -25.20
CA SER B 208 1.51 34.18 -26.52
C SER B 208 2.98 34.49 -26.85
N GLN B 209 3.77 33.46 -27.15
CA GLN B 209 5.22 33.62 -27.30
C GLN B 209 5.72 32.72 -28.46
N PRO B 210 6.94 32.96 -28.95
CA PRO B 210 7.40 32.28 -30.18
C PRO B 210 7.17 30.75 -30.28
N PHE B 211 7.45 30.02 -29.21
N PHE B 211 7.45 30.03 -29.22
CA PHE B 211 7.35 28.57 -29.28
CA PHE B 211 7.34 28.58 -29.28
C PHE B 211 6.00 28.02 -28.80
C PHE B 211 5.93 28.06 -28.98
N MET B 212 5.11 28.90 -28.36
CA MET B 212 3.76 28.49 -28.01
C MET B 212 2.81 29.65 -28.18
N ARG B 213 2.23 29.72 -29.38
CA ARG B 213 1.31 30.80 -29.67
C ARG B 213 -0.03 30.45 -29.02
N TRP B 214 -0.75 31.46 -28.54
CA TRP B 214 -1.93 31.24 -27.73
C TRP B 214 -3.00 30.38 -28.39
N ARG B 215 -3.28 30.59 -29.66
CA ARG B 215 -4.40 29.87 -30.25
C ARG B 215 -4.10 28.34 -30.33
N ASP B 216 -2.88 27.98 -30.68
CA ASP B 216 -2.40 26.59 -30.62
C ASP B 216 -2.57 25.99 -29.22
N ARG B 217 -2.16 26.74 -28.21
CA ARG B 217 -2.28 26.28 -26.83
C ARG B 217 -3.75 26.05 -26.45
N PHE B 218 -4.62 26.98 -26.84
CA PHE B 218 -6.05 26.83 -26.56
C PHE B 218 -6.64 25.58 -27.22
N VAL B 219 -6.26 25.27 -28.45
CA VAL B 219 -6.76 24.06 -29.11
C VAL B 219 -6.32 22.80 -28.36
N PHE B 220 -5.02 22.68 -28.05
CA PHE B 220 -4.55 21.46 -27.38
C PHE B 220 -5.05 21.36 -25.94
N CYS B 221 -5.17 22.49 -25.24
CA CYS B 221 -5.72 22.41 -23.90
C CYS B 221 -7.20 22.04 -23.93
N ALA B 222 -7.95 22.49 -24.94
CA ALA B 222 -9.34 22.07 -25.07
C ALA B 222 -9.43 20.55 -25.32
N GLU B 223 -8.55 20.03 -26.17
CA GLU B 223 -8.58 18.58 -26.45
C GLU B 223 -8.38 17.86 -25.11
N ALA B 224 -7.44 18.37 -24.30
CA ALA B 224 -7.08 17.80 -23.00
C ALA B 224 -8.19 17.90 -21.99
N ILE B 225 -8.83 19.07 -21.89
CA ILE B 225 -9.97 19.23 -21.02
C ILE B 225 -11.07 18.21 -21.36
N TYR B 226 -11.38 18.08 -22.65
CA TYR B 226 -12.51 17.22 -23.04
C TYR B 226 -12.15 15.73 -22.93
N LYS B 227 -10.87 15.39 -23.09
CA LYS B 227 -10.45 13.98 -22.97
C LYS B 227 -10.54 13.57 -21.50
N SER B 228 -10.04 14.43 -20.62
CA SER B 228 -10.03 14.12 -19.18
C SER B 228 -11.48 14.12 -18.59
N GLN B 229 -12.34 14.99 -19.09
CA GLN B 229 -13.69 15.03 -18.61
C GLN B 229 -14.46 13.78 -19.04
N ALA B 230 -14.20 13.33 -20.27
CA ALA B 230 -14.86 12.15 -20.81
C ALA B 230 -14.34 10.92 -20.09
N GLU B 231 -13.06 10.91 -19.76
CA GLU B 231 -12.49 9.77 -19.03
C GLU B 231 -13.01 9.64 -17.58
N THR B 232 -13.11 10.75 -16.85
CA THR B 232 -13.41 10.71 -15.40
C THR B 232 -14.88 10.84 -15.04
N GLY B 233 -15.62 11.52 -15.91
CA GLY B 233 -17.01 11.82 -15.69
C GLY B 233 -17.27 13.10 -14.92
N GLU B 234 -16.19 13.79 -14.53
CA GLU B 234 -16.28 15.04 -13.78
C GLU B 234 -15.92 16.24 -14.66
N ILE B 235 -16.51 17.39 -14.37
CA ILE B 235 -16.26 18.59 -15.16
C ILE B 235 -14.83 19.08 -14.92
N LYS B 236 -14.14 19.44 -16.00
CA LYS B 236 -12.75 19.85 -15.97
C LYS B 236 -12.57 21.21 -16.64
N GLY B 237 -11.53 21.93 -16.22
CA GLY B 237 -11.18 23.18 -16.90
C GLY B 237 -9.70 23.46 -16.86
N HIS B 238 -9.28 24.36 -17.75
CA HIS B 238 -7.92 24.87 -17.78
C HIS B 238 -8.01 26.41 -17.80
N TYR B 239 -7.34 27.09 -16.87
CA TYR B 239 -7.39 28.57 -16.86
C TYR B 239 -6.56 29.07 -18.04
N LEU B 240 -7.24 29.32 -19.15
CA LEU B 240 -6.63 29.85 -20.36
C LEU B 240 -6.33 31.36 -20.26
N ASN B 241 -5.07 31.72 -20.36
CA ASN B 241 -4.65 33.08 -20.06
C ASN B 241 -5.00 33.98 -21.22
N ALA B 242 -5.83 34.99 -20.95
CA ALA B 242 -6.26 35.95 -21.97
C ALA B 242 -5.50 37.25 -21.88
N THR B 243 -4.61 37.34 -20.89
CA THR B 243 -3.81 38.54 -20.67
C THR B 243 -3.06 38.88 -21.95
N ALA B 244 -3.06 40.15 -22.35
CA ALA B 244 -2.51 40.51 -23.64
C ALA B 244 -2.05 41.97 -23.65
N GLY B 245 -1.46 42.38 -24.78
CA GLY B 245 -0.88 43.72 -24.92
C GLY B 245 -1.91 44.82 -25.13
N THR B 246 -3.04 44.43 -25.70
CA THR B 246 -4.14 45.31 -26.03
C THR B 246 -5.49 44.69 -25.69
N CYS B 247 -6.49 45.54 -25.56
CA CYS B 247 -7.86 45.09 -25.31
C CYS B 247 -8.36 44.20 -26.43
N GLU B 248 -8.05 44.57 -27.67
CA GLU B 248 -8.51 43.80 -28.83
C GLU B 248 -7.99 42.35 -28.78
N GLU B 249 -6.72 42.20 -28.47
CA GLU B 249 -6.13 40.84 -28.36
C GLU B 249 -6.68 40.03 -27.17
N MET B 250 -6.87 40.68 -26.03
CA MET B 250 -7.45 40.05 -24.83
C MET B 250 -8.81 39.47 -25.16
N ILE B 251 -9.64 40.26 -25.81
CA ILE B 251 -11.00 39.81 -26.13
C ILE B 251 -11.00 38.74 -27.23
N LYS B 252 -10.09 38.81 -28.20
CA LYS B 252 -9.97 37.78 -29.23
C LYS B 252 -9.72 36.42 -28.58
N ARG B 253 -8.90 36.44 -27.55
CA ARG B 253 -8.57 35.22 -26.82
C ARG B 253 -9.78 34.67 -26.06
N ALA B 254 -10.49 35.51 -25.33
CA ALA B 254 -11.75 35.11 -24.67
C ALA B 254 -12.80 34.61 -25.67
N VAL B 255 -12.90 35.26 -26.83
CA VAL B 255 -13.85 34.85 -27.87
C VAL B 255 -13.59 33.43 -28.37
N PHE B 256 -12.32 33.05 -28.52
CA PHE B 256 -12.01 31.69 -28.98
C PHE B 256 -12.33 30.65 -27.88
N ALA B 257 -12.01 30.98 -26.63
CA ALA B 257 -12.40 30.12 -25.50
C ALA B 257 -13.89 29.89 -25.50
N ARG B 258 -14.66 30.96 -25.76
CA ARG B 258 -16.09 30.89 -25.88
C ARG B 258 -16.49 29.92 -27.01
N GLU B 259 -15.83 30.02 -28.15
CA GLU B 259 -16.13 29.14 -29.29
C GLU B 259 -15.90 27.68 -28.94
N LEU B 260 -14.83 27.44 -28.21
CA LEU B 260 -14.43 26.07 -27.81
C LEU B 260 -15.35 25.51 -26.73
N GLY B 261 -16.12 26.37 -26.07
CA GLY B 261 -17.10 25.95 -25.07
C GLY B 261 -16.53 25.59 -23.71
N VAL B 262 -15.29 26.01 -23.46
CA VAL B 262 -14.61 25.68 -22.23
C VAL B 262 -15.09 26.60 -21.08
N PRO B 263 -14.87 26.21 -19.82
CA PRO B 263 -15.59 26.88 -18.73
C PRO B 263 -14.90 28.10 -18.11
N ILE B 264 -13.59 28.28 -18.32
CA ILE B 264 -12.85 29.27 -17.55
C ILE B 264 -11.65 29.86 -18.27
N VAL B 265 -11.44 31.17 -18.08
CA VAL B 265 -10.29 31.88 -18.63
C VAL B 265 -9.61 32.62 -17.48
N MET B 266 -8.45 33.20 -17.77
CA MET B 266 -7.62 33.81 -16.78
C MET B 266 -7.19 35.21 -17.20
N HIS B 267 -6.91 36.04 -16.19
CA HIS B 267 -6.34 37.37 -16.40
C HIS B 267 -5.40 37.78 -15.27
N ASP B 268 -4.32 38.45 -15.66
CA ASP B 268 -3.38 39.05 -14.73
C ASP B 268 -3.85 40.50 -14.46
N TYR B 269 -4.61 40.76 -13.40
CA TYR B 269 -5.35 42.01 -13.39
C TYR B 269 -4.52 43.23 -13.07
N LEU B 270 -3.40 43.08 -12.39
CA LEU B 270 -2.56 44.26 -12.08
C LEU B 270 -1.65 44.64 -13.22
N THR B 271 -1.10 43.66 -13.93
CA THR B 271 -0.26 44.00 -15.08
C THR B 271 -1.08 44.31 -16.34
N GLY B 272 -2.23 43.67 -16.51
CA GLY B 272 -3.13 44.03 -17.60
C GLY B 272 -3.80 45.36 -17.26
N GLY B 273 -4.24 45.48 -16.02
CA GLY B 273 -4.77 46.72 -15.50
C GLY B 273 -6.28 46.68 -15.32
N PHE B 274 -6.80 47.61 -14.51
CA PHE B 274 -8.21 47.58 -14.15
C PHE B 274 -9.18 47.91 -15.27
N THR B 275 -8.83 48.80 -16.20
CA THR B 275 -9.73 49.09 -17.31
C THR B 275 -9.94 47.82 -18.17
N ALA B 276 -8.84 47.13 -18.44
CA ALA B 276 -8.91 45.90 -19.21
C ALA B 276 -9.64 44.78 -18.41
N ASN B 277 -9.34 44.67 -17.13
CA ASN B 277 -9.94 43.62 -16.32
C ASN B 277 -11.46 43.76 -16.29
N THR B 278 -11.93 45.00 -16.11
CA THR B 278 -13.34 45.26 -16.00
C THR B 278 -14.02 44.91 -17.32
N THR B 279 -13.41 45.29 -18.43
CA THR B 279 -13.87 44.87 -19.76
C THR B 279 -13.99 43.36 -19.89
N LEU B 280 -12.96 42.65 -19.44
CA LEU B 280 -12.99 41.19 -19.52
C LEU B 280 -14.05 40.60 -18.60
N ALA B 281 -14.20 41.15 -17.40
CA ALA B 281 -15.23 40.64 -16.47
C ALA B 281 -16.63 40.78 -17.08
N HIS B 282 -16.85 41.86 -17.81
CA HIS B 282 -18.13 42.04 -18.44
C HIS B 282 -18.34 41.02 -19.57
N TYR B 283 -17.28 40.77 -20.34
CA TYR B 283 -17.37 39.81 -21.43
C TYR B 283 -17.70 38.41 -20.85
N CYS B 284 -17.07 38.09 -19.74
CA CYS B 284 -17.29 36.78 -19.09
C CYS B 284 -18.71 36.62 -18.55
N ARG B 285 -19.27 37.66 -17.92
CA ARG B 285 -20.68 37.66 -17.55
C ARG B 285 -21.60 37.43 -18.75
N ASP B 286 -21.33 38.11 -19.85
CA ASP B 286 -22.18 38.06 -21.05
C ASP B 286 -22.10 36.73 -21.78
N ASN B 287 -21.04 35.96 -21.52
CA ASN B 287 -20.79 34.72 -22.25
C ASN B 287 -20.62 33.46 -21.40
N GLY B 288 -20.87 33.57 -20.10
CA GLY B 288 -20.90 32.40 -19.24
C GLY B 288 -19.56 31.79 -18.88
N LEU B 289 -18.49 32.57 -18.99
CA LEU B 289 -17.15 32.11 -18.67
C LEU B 289 -16.73 32.45 -17.24
N LEU B 290 -16.13 31.49 -16.58
CA LEU B 290 -15.51 31.79 -15.31
C LEU B 290 -14.20 32.54 -15.55
N LEU B 291 -13.85 33.39 -14.58
CA LEU B 291 -12.66 34.25 -14.64
C LEU B 291 -11.73 34.06 -13.43
N HIS B 292 -10.61 33.41 -13.71
CA HIS B 292 -9.55 33.21 -12.75
C HIS B 292 -8.58 34.37 -12.74
N ILE B 293 -8.42 35.01 -11.60
CA ILE B 293 -7.53 36.18 -11.52
C ILE B 293 -6.21 35.88 -10.81
N HIS B 294 -5.10 36.17 -11.50
CA HIS B 294 -3.75 36.05 -10.96
C HIS B 294 -3.25 37.45 -10.57
N ARG B 295 -2.45 37.53 -9.52
CA ARG B 295 -2.07 38.84 -8.96
C ARG B 295 -0.59 39.20 -9.19
N ALA B 296 -0.03 38.77 -10.32
CA ALA B 296 1.36 39.14 -10.68
C ALA B 296 1.62 40.63 -10.43
N MET B 297 2.79 40.88 -9.85
CA MET B 297 3.32 42.20 -9.50
C MET B 297 2.78 42.75 -8.16
N HIS B 298 1.87 42.04 -7.49
CA HIS B 298 1.31 42.59 -6.22
C HIS B 298 2.38 42.93 -5.17
N ALA B 299 3.46 42.16 -5.07
CA ALA B 299 4.43 42.42 -4.02
C ALA B 299 5.28 43.65 -4.29
N VAL B 300 5.26 44.17 -5.52
CA VAL B 300 5.90 45.45 -5.82
C VAL B 300 5.20 46.54 -4.98
N ILE B 301 3.90 46.34 -4.73
CA ILE B 301 2.99 47.30 -4.08
C ILE B 301 2.69 46.95 -2.63
N ASP B 302 2.55 45.65 -2.35
CA ASP B 302 1.90 45.23 -1.10
C ASP B 302 2.78 44.56 -0.04
N ARG B 303 4.07 44.49 -0.29
CA ARG B 303 5.00 43.75 0.57
C ARG B 303 5.44 44.55 1.80
N GLN B 304 5.93 45.78 1.58
CA GLN B 304 6.56 46.53 2.65
C GLN B 304 5.53 47.11 3.59
N LYS B 305 5.74 46.94 4.89
CA LYS B 305 4.75 47.43 5.85
C LYS B 305 4.60 48.95 5.88
N ASN B 306 5.62 49.70 5.48
CA ASN B 306 5.55 51.15 5.62
C ASN B 306 5.05 51.90 4.40
N HIS B 307 5.07 51.27 3.24
CA HIS B 307 4.74 52.00 2.01
C HIS B 307 4.06 51.12 0.99
N GLY B 308 3.03 51.67 0.36
CA GLY B 308 2.33 50.98 -0.72
C GLY B 308 0.86 50.81 -0.42
N MET B 309 0.32 49.67 -0.81
CA MET B 309 -1.07 49.36 -0.51
C MET B 309 -1.12 47.93 -0.04
N HIS B 310 -1.87 47.66 1.04
CA HIS B 310 -2.04 46.29 1.50
C HIS B 310 -2.88 45.50 0.47
N PHE B 311 -2.60 44.20 0.35
CA PHE B 311 -3.29 43.38 -0.61
C PHE B 311 -4.83 43.39 -0.40
N ARG B 312 -5.31 43.61 0.84
CA ARG B 312 -6.77 43.61 1.05
C ARG B 312 -7.45 44.75 0.27
N VAL B 313 -6.75 45.85 0.07
CA VAL B 313 -7.23 46.90 -0.84
C VAL B 313 -7.31 46.43 -2.30
N LEU B 314 -6.26 45.77 -2.78
CA LEU B 314 -6.23 45.23 -4.12
C LEU B 314 -7.26 44.11 -4.27
N ALA B 315 -7.53 43.38 -3.19
CA ALA B 315 -8.54 42.34 -3.20
C ALA B 315 -9.96 42.88 -3.30
N LYS B 316 -10.28 43.91 -2.52
CA LYS B 316 -11.59 44.55 -2.65
C LYS B 316 -11.80 45.10 -4.05
N ALA B 317 -10.76 45.72 -4.59
CA ALA B 317 -10.84 46.34 -5.92
C ALA B 317 -11.11 45.25 -6.97
N LEU B 318 -10.53 44.07 -6.78
CA LEU B 318 -10.77 42.99 -7.74
C LEU B 318 -12.20 42.50 -7.67
N ARG B 319 -12.75 42.40 -6.46
CA ARG B 319 -14.08 41.92 -6.27
C ARG B 319 -15.05 42.89 -6.99
N MET B 320 -14.76 44.19 -6.94
CA MET B 320 -15.56 45.19 -7.62
C MET B 320 -15.43 45.17 -9.16
N SER B 321 -14.20 45.11 -9.64
CA SER B 321 -13.89 45.09 -11.07
C SER B 321 -14.40 43.79 -11.67
N GLY B 322 -14.10 42.69 -10.99
CA GLY B 322 -14.73 41.41 -11.28
C GLY B 322 -13.74 40.29 -11.48
N GLY B 323 -13.93 39.20 -10.74
CA GLY B 323 -13.21 37.96 -10.95
C GLY B 323 -13.92 36.89 -10.14
N ASP B 324 -13.78 35.62 -10.53
CA ASP B 324 -14.45 34.52 -9.82
C ASP B 324 -13.48 33.78 -8.87
N HIS B 325 -12.21 33.78 -9.21
CA HIS B 325 -11.09 33.33 -8.34
C HIS B 325 -10.08 34.44 -8.19
N ILE B 326 -9.38 34.50 -7.06
CA ILE B 326 -8.21 35.35 -6.93
C ILE B 326 -7.12 34.72 -6.08
N HIS B 327 -5.89 34.73 -6.60
CA HIS B 327 -4.74 34.31 -5.81
C HIS B 327 -4.65 35.13 -4.54
N SER B 328 -4.50 34.42 -3.41
CA SER B 328 -4.58 35.03 -2.08
C SER B 328 -3.46 34.62 -1.15
N GLY B 329 -2.53 33.84 -1.66
CA GLY B 329 -1.29 33.62 -0.93
C GLY B 329 -0.90 32.17 -0.90
N THR B 330 -0.27 31.80 0.21
CA THR B 330 0.22 30.44 0.42
C THR B 330 -0.10 29.98 1.87
N VAL B 331 -0.26 30.95 2.77
CA VAL B 331 -0.38 30.72 4.23
C VAL B 331 0.39 29.51 4.77
N VAL B 332 1.54 29.22 4.16
CA VAL B 332 2.35 28.06 4.51
C VAL B 332 3.80 28.49 4.58
N GLY B 337 1.90 34.31 5.13
CA GLY B 337 2.16 35.55 5.85
C GLY B 337 1.78 35.45 7.33
N GLU B 338 0.86 36.30 7.77
CA GLU B 338 0.26 36.19 9.10
C GLU B 338 -1.12 35.60 8.92
N ARG B 339 -1.40 34.57 9.72
CA ARG B 339 -2.66 33.83 9.62
C ARG B 339 -3.84 34.77 9.72
N GLU B 340 -3.82 35.62 10.74
CA GLU B 340 -4.98 36.44 11.07
C GLU B 340 -5.27 37.46 9.96
N MET B 341 -4.24 38.02 9.35
CA MET B 341 -4.42 38.99 8.27
C MET B 341 -4.98 38.31 7.03
N THR B 342 -4.51 37.10 6.76
CA THR B 342 -5.03 36.37 5.61
C THR B 342 -6.50 36.03 5.79
N LEU B 343 -6.84 35.52 6.96
CA LEU B 343 -8.20 35.14 7.29
C LEU B 343 -9.06 36.39 7.14
N GLY B 344 -8.49 37.53 7.50
CA GLY B 344 -9.19 38.79 7.36
C GLY B 344 -9.59 39.11 5.93
N PHE B 345 -8.64 39.14 4.99
CA PHE B 345 -9.02 39.58 3.67
C PHE B 345 -9.69 38.43 2.92
N VAL B 346 -9.53 37.18 3.35
CA VAL B 346 -10.30 36.12 2.74
C VAL B 346 -11.79 36.30 3.06
N ASP B 347 -12.12 36.73 4.27
CA ASP B 347 -13.52 37.07 4.57
C ASP B 347 -14.01 38.24 3.69
N LEU B 348 -13.15 39.24 3.49
CA LEU B 348 -13.54 40.42 2.73
C LEU B 348 -13.83 40.02 1.29
N LEU B 349 -13.19 38.95 0.83
CA LEU B 349 -13.34 38.45 -0.52
C LEU B 349 -14.58 37.58 -0.69
N ARG B 350 -14.91 36.80 0.34
CA ARG B 350 -15.98 35.81 0.25
C ARG B 350 -17.34 36.20 0.83
N ASP B 351 -17.35 36.93 1.93
CA ASP B 351 -18.55 37.15 2.71
C ASP B 351 -19.39 38.37 2.29
N ASP B 352 -20.64 38.39 2.73
CA ASP B 352 -21.55 39.52 2.42
C ASP B 352 -21.34 40.70 3.37
N PHE B 353 -21.07 40.37 4.63
CA PHE B 353 -20.92 41.38 5.68
C PHE B 353 -19.75 41.03 6.60
N ILE B 354 -18.80 41.95 6.71
CA ILE B 354 -17.60 41.73 7.51
C ILE B 354 -17.41 42.86 8.52
N GLU B 355 -17.53 42.51 9.80
CA GLU B 355 -17.41 43.50 10.87
C GLU B 355 -15.95 43.91 11.09
N LYS B 356 -15.77 45.17 11.44
CA LYS B 356 -14.48 45.71 11.81
C LYS B 356 -13.79 44.80 12.82
N ASP B 357 -12.50 44.54 12.60
CA ASP B 357 -11.78 43.58 13.45
C ASP B 357 -10.30 43.84 13.26
N ARG B 358 -9.76 44.69 14.12
CA ARG B 358 -8.39 45.16 14.01
C ARG B 358 -7.36 44.01 14.09
N ALA B 359 -7.68 42.95 14.83
CA ALA B 359 -6.75 41.82 14.93
C ALA B 359 -6.57 41.13 13.59
N ARG B 360 -7.56 41.27 12.72
CA ARG B 360 -7.53 40.62 11.41
C ARG B 360 -7.33 41.62 10.27
N GLY B 361 -6.91 42.84 10.61
CA GLY B 361 -6.61 43.84 9.60
C GLY B 361 -7.85 44.43 8.94
N ILE B 362 -9.00 44.24 9.57
CA ILE B 362 -10.24 44.79 9.06
C ILE B 362 -10.51 46.12 9.77
N PHE B 363 -10.18 47.20 9.08
CA PHE B 363 -10.24 48.54 9.67
C PHE B 363 -11.64 49.14 9.63
N PHE B 364 -12.49 48.62 8.74
CA PHE B 364 -13.83 49.13 8.54
C PHE B 364 -14.77 47.99 8.41
N THR B 365 -15.96 48.15 8.95
CA THR B 365 -17.06 47.28 8.61
C THR B 365 -17.40 47.40 7.13
N GLN B 366 -17.51 46.26 6.47
CA GLN B 366 -17.72 46.19 5.03
C GLN B 366 -18.97 45.38 4.67
N ASP B 367 -19.91 46.04 4.00
CA ASP B 367 -21.19 45.44 3.61
C ASP B 367 -21.24 45.40 2.09
N TRP B 368 -21.31 44.20 1.51
CA TRP B 368 -21.26 44.07 0.08
C TRP B 368 -22.66 44.02 -0.59
N VAL B 369 -23.71 44.16 0.20
CA VAL B 369 -25.14 44.08 -0.23
C VAL B 369 -25.38 43.12 -1.39
N SER B 370 -24.99 41.87 -1.15
CA SER B 370 -25.25 40.73 -2.02
C SER B 370 -24.46 40.67 -3.31
N MET B 371 -23.38 41.44 -3.41
CA MET B 371 -22.42 41.19 -4.47
C MET B 371 -21.79 39.82 -4.21
N PRO B 372 -21.72 38.95 -5.22
CA PRO B 372 -21.11 37.62 -4.99
C PRO B 372 -19.68 37.69 -4.50
N GLY B 373 -19.23 36.63 -3.84
CA GLY B 373 -17.87 36.56 -3.39
C GLY B 373 -16.93 35.93 -4.41
N VAL B 374 -15.64 36.04 -4.11
CA VAL B 374 -14.56 35.55 -4.95
C VAL B 374 -13.91 34.37 -4.21
N ILE B 375 -13.60 33.28 -4.93
CA ILE B 375 -12.90 32.12 -4.33
C ILE B 375 -11.41 32.42 -4.19
N PRO B 376 -10.87 32.39 -2.95
CA PRO B 376 -9.42 32.58 -2.83
C PRO B 376 -8.63 31.33 -3.26
N VAL B 377 -7.50 31.57 -3.87
CA VAL B 377 -6.63 30.54 -4.40
C VAL B 377 -5.30 30.55 -3.64
N ALA B 378 -4.95 29.41 -3.03
CA ALA B 378 -3.65 29.27 -2.35
C ALA B 378 -2.70 28.52 -3.26
N SER B 379 -1.50 29.05 -3.44
CA SER B 379 -0.51 28.42 -4.30
C SER B 379 0.90 28.64 -3.73
N GLY B 380 1.89 27.96 -4.29
CA GLY B 380 3.28 28.24 -3.95
C GLY B 380 3.95 27.28 -3.00
N GLY B 381 4.41 26.15 -3.54
CA GLY B 381 5.30 25.25 -2.84
C GLY B 381 4.61 24.30 -1.88
N ILE B 382 3.40 23.87 -2.23
CA ILE B 382 2.59 23.07 -1.31
C ILE B 382 2.48 21.65 -1.82
N HIS B 383 2.40 20.69 -0.90
CA HIS B 383 2.35 19.29 -1.26
C HIS B 383 1.39 18.61 -0.31
N VAL B 384 1.28 17.28 -0.41
CA VAL B 384 0.21 16.57 0.27
C VAL B 384 0.19 16.81 1.78
N TRP B 385 1.37 17.03 2.36
CA TRP B 385 1.45 17.16 3.83
C TRP B 385 0.83 18.48 4.30
N HIS B 386 0.64 19.42 3.38
CA HIS B 386 0.00 20.70 3.70
C HIS B 386 -1.52 20.61 3.70
N MET B 387 -2.07 19.51 3.20
CA MET B 387 -3.51 19.48 2.93
C MET B 387 -4.37 19.71 4.17
N PRO B 388 -4.00 19.12 5.33
CA PRO B 388 -4.81 19.35 6.54
C PRO B 388 -4.86 20.81 6.98
N ALA B 389 -3.70 21.45 7.00
CA ALA B 389 -3.57 22.87 7.36
C ALA B 389 -4.34 23.78 6.38
N LEU B 390 -4.17 23.55 5.09
CA LEU B 390 -4.87 24.37 4.08
C LEU B 390 -6.39 24.22 4.16
N THR B 391 -6.86 22.99 4.30
CA THR B 391 -8.28 22.73 4.46
C THR B 391 -8.82 23.44 5.70
N GLU B 392 -8.04 23.41 6.78
CA GLU B 392 -8.45 24.01 8.06
C GLU B 392 -8.49 25.55 7.96
N ILE B 393 -7.49 26.13 7.30
CA ILE B 393 -7.37 27.58 7.20
C ILE B 393 -8.48 28.19 6.33
N PHE B 394 -8.67 27.66 5.13
CA PHE B 394 -9.57 28.27 4.13
C PHE B 394 -10.96 27.66 4.10
N GLY B 395 -11.09 26.43 4.58
CA GLY B 395 -12.35 25.73 4.46
C GLY B 395 -12.64 25.37 3.01
N ASP B 396 -13.89 25.03 2.73
CA ASP B 396 -14.26 24.52 1.43
C ASP B 396 -14.17 25.50 0.27
N ASP B 397 -14.47 26.77 0.50
CA ASP B 397 -14.55 27.72 -0.62
C ASP B 397 -13.19 28.30 -0.91
N SER B 398 -12.36 27.47 -1.52
CA SER B 398 -11.00 27.84 -1.84
C SER B 398 -10.55 26.98 -3.02
N VAL B 399 -9.51 27.42 -3.70
CA VAL B 399 -8.80 26.58 -4.66
C VAL B 399 -7.41 26.34 -4.11
N LEU B 400 -7.05 25.08 -3.96
CA LEU B 400 -5.67 24.74 -3.62
C LEU B 400 -4.89 24.42 -4.89
N GLN B 401 -3.90 25.25 -5.17
CA GLN B 401 -3.23 25.25 -6.48
C GLN B 401 -1.80 24.75 -6.36
N PHE B 402 -1.55 23.57 -6.91
CA PHE B 402 -0.22 22.99 -6.84
C PHE B 402 0.59 23.40 -8.06
N GLY B 403 1.84 22.96 -8.12
CA GLY B 403 2.74 23.43 -9.16
C GLY B 403 4.13 23.10 -8.70
N GLY B 404 4.46 21.81 -8.87
CA GLY B 404 5.57 21.14 -8.22
C GLY B 404 5.03 19.94 -7.45
N GLY B 405 3.93 20.14 -6.74
CA GLY B 405 3.32 19.10 -5.92
C GLY B 405 2.51 18.07 -6.70
N THR B 406 2.31 18.30 -8.00
CA THR B 406 1.70 17.30 -8.91
C THR B 406 2.76 16.81 -9.90
N LEU B 407 3.40 17.75 -10.61
CA LEU B 407 4.41 17.43 -11.61
C LEU B 407 5.74 16.89 -11.02
N GLY B 408 5.79 16.78 -9.69
CA GLY B 408 6.97 16.30 -8.98
C GLY B 408 6.76 14.94 -8.34
N HIS B 409 5.61 14.33 -8.60
CA HIS B 409 5.31 13.00 -8.09
C HIS B 409 6.18 11.99 -8.84
N PRO B 410 6.78 11.02 -8.14
CA PRO B 410 7.69 10.10 -8.84
C PRO B 410 7.02 9.22 -9.89
N TRP B 411 5.70 9.11 -9.87
CA TRP B 411 5.00 8.28 -10.84
C TRP B 411 4.35 9.12 -11.98
N GLY B 412 4.56 10.42 -11.94
CA GLY B 412 4.08 11.33 -12.97
C GLY B 412 2.84 12.11 -12.57
N ASN B 413 2.25 12.81 -13.55
CA ASN B 413 1.17 13.75 -13.27
C ASN B 413 -0.13 13.12 -12.80
N ALA B 414 -0.60 12.07 -13.45
CA ALA B 414 -1.92 11.55 -13.08
C ALA B 414 -1.86 10.96 -11.66
N PRO B 415 -0.80 10.21 -11.33
CA PRO B 415 -0.71 9.76 -9.93
C PRO B 415 -0.50 10.88 -8.91
N GLY B 416 0.21 11.93 -9.32
CA GLY B 416 0.41 13.09 -8.45
C GLY B 416 -0.89 13.79 -8.17
N ALA B 417 -1.74 13.86 -9.19
CA ALA B 417 -3.05 14.46 -9.04
C ALA B 417 -3.89 13.61 -8.13
N ALA B 418 -3.86 12.30 -8.34
CA ALA B 418 -4.65 11.37 -7.54
C ALA B 418 -4.23 11.44 -6.06
N ALA B 419 -2.92 11.51 -5.80
CA ALA B 419 -2.39 11.66 -4.44
C ALA B 419 -2.97 12.93 -3.75
N ASN B 420 -2.98 14.05 -4.47
CA ASN B 420 -3.53 15.28 -3.90
C ASN B 420 -5.03 15.21 -3.68
N ARG B 421 -5.75 14.62 -4.63
CA ARG B 421 -7.20 14.48 -4.52
C ARG B 421 -7.53 13.56 -3.36
N VAL B 422 -6.79 12.46 -3.21
CA VAL B 422 -7.02 11.54 -2.09
C VAL B 422 -6.74 12.18 -0.74
N ALA B 423 -5.60 12.85 -0.63
CA ALA B 423 -5.26 13.55 0.60
C ALA B 423 -6.34 14.55 1.00
N LEU B 424 -6.81 15.32 0.03
CA LEU B 424 -7.86 16.31 0.30
C LEU B 424 -9.12 15.63 0.77
N GLU B 425 -9.56 14.58 0.06
CA GLU B 425 -10.85 13.98 0.41
C GLU B 425 -10.75 13.29 1.76
N ALA B 426 -9.58 12.77 2.09
CA ALA B 426 -9.37 12.17 3.42
C ALA B 426 -9.48 13.22 4.52
N CYS B 427 -8.95 14.40 4.27
CA CYS B 427 -9.03 15.51 5.22
C CYS B 427 -10.47 15.97 5.35
N VAL B 428 -11.20 16.03 4.25
CA VAL B 428 -12.57 16.50 4.31
C VAL B 428 -13.43 15.46 5.06
N GLN B 429 -13.22 14.19 4.76
CA GLN B 429 -13.98 13.13 5.45
C GLN B 429 -13.75 13.20 6.97
N ALA B 430 -12.49 13.35 7.35
CA ALA B 430 -12.08 13.40 8.76
C ALA B 430 -12.66 14.62 9.45
N ARG B 431 -12.62 15.75 8.77
CA ARG B 431 -13.16 16.98 9.33
C ARG B 431 -14.66 16.86 9.56
N ASN B 432 -15.38 16.32 8.56
CA ASN B 432 -16.81 16.19 8.64
C ASN B 432 -17.17 15.27 9.78
N GLU B 433 -16.32 14.29 10.06
CA GLU B 433 -16.59 13.35 11.16
C GLU B 433 -16.40 13.98 12.54
N GLY B 434 -15.83 15.17 12.57
CA GLY B 434 -15.64 15.91 13.81
C GLY B 434 -14.20 15.89 14.28
N ARG B 435 -13.30 15.31 13.49
CA ARG B 435 -11.89 15.29 13.88
C ARG B 435 -11.20 16.65 13.69
N ASP B 436 -10.25 16.94 14.57
CA ASP B 436 -9.50 18.22 14.54
C ASP B 436 -8.31 18.13 13.56
N LEU B 437 -8.37 18.88 12.44
CA LEU B 437 -7.34 18.83 11.41
C LEU B 437 -5.99 19.40 11.83
N ALA B 438 -6.02 20.37 12.72
CA ALA B 438 -4.79 20.97 13.26
C ALA B 438 -3.96 20.00 14.12
N ARG B 439 -4.62 19.05 14.79
CA ARG B 439 -3.94 18.11 15.68
C ARG B 439 -3.76 16.71 15.08
N GLU B 440 -4.70 16.31 14.22
CA GLU B 440 -4.77 14.92 13.76
C GLU B 440 -4.40 14.78 12.30
N GLY B 441 -4.02 15.88 11.65
CA GLY B 441 -3.74 15.85 10.22
C GLY B 441 -2.72 14.80 9.78
N ASN B 442 -1.65 14.64 10.55
CA ASN B 442 -0.62 13.69 10.13
C ASN B 442 -1.14 12.28 10.21
N GLU B 443 -1.90 11.98 11.25
CA GLU B 443 -2.55 10.67 11.38
C GLU B 443 -3.59 10.43 10.28
N ILE B 444 -4.31 11.48 9.90
CA ILE B 444 -5.33 11.32 8.88
C ILE B 444 -4.66 10.92 7.57
N ILE B 445 -3.55 11.59 7.26
CA ILE B 445 -2.82 11.37 6.04
C ILE B 445 -2.18 9.98 6.06
N ARG B 446 -1.64 9.60 7.21
CA ARG B 446 -0.98 8.29 7.36
C ARG B 446 -1.98 7.15 7.17
N ALA B 447 -3.19 7.31 7.69
CA ALA B 447 -4.19 6.30 7.53
C ALA B 447 -4.57 6.15 6.05
N ALA B 448 -4.61 7.26 5.31
CA ALA B 448 -4.96 7.18 3.89
C ALA B 448 -3.85 6.51 3.06
N CYS B 449 -2.60 6.68 3.46
CA CYS B 449 -1.48 6.02 2.77
C CYS B 449 -1.59 4.49 2.74
N LYS B 450 -2.32 3.92 3.69
CA LYS B 450 -2.45 2.47 3.79
C LYS B 450 -3.21 1.88 2.63
N TRP B 451 -4.16 2.63 2.06
CA TRP B 451 -4.95 2.12 0.97
C TRP B 451 -4.70 2.86 -0.33
N SER B 452 -3.90 3.94 -0.30
CA SER B 452 -3.60 4.69 -1.53
C SER B 452 -2.10 4.66 -1.83
N PRO B 453 -1.69 3.79 -2.75
CA PRO B 453 -0.25 3.73 -3.03
C PRO B 453 0.29 5.03 -3.63
N GLU B 454 -0.56 5.73 -4.37
CA GLU B 454 -0.19 7.04 -4.93
C GLU B 454 0.14 8.04 -3.83
N LEU B 455 -0.70 8.08 -2.80
CA LEU B 455 -0.43 9.00 -1.71
C LEU B 455 0.82 8.55 -0.96
N ALA B 456 0.98 7.25 -0.75
CA ALA B 456 2.15 6.77 -0.01
C ALA B 456 3.43 7.22 -0.70
N ALA B 457 3.45 7.13 -2.03
CA ALA B 457 4.61 7.49 -2.81
C ALA B 457 4.89 8.98 -2.71
N ALA B 458 3.85 9.80 -2.73
CA ALA B 458 4.01 11.25 -2.62
C ALA B 458 4.57 11.61 -1.23
N CYS B 459 4.20 10.83 -0.24
CA CYS B 459 4.54 11.15 1.13
C CYS B 459 5.99 10.85 1.47
N GLU B 460 6.65 10.01 0.68
CA GLU B 460 8.05 9.72 1.00
C GLU B 460 8.98 10.68 0.28
N VAL B 461 8.51 11.35 -0.77
CA VAL B 461 9.41 12.28 -1.44
C VAL B 461 9.40 13.58 -0.65
N TRP B 462 8.22 14.14 -0.40
CA TRP B 462 8.08 15.35 0.42
C TRP B 462 7.89 14.92 1.86
N LYS B 463 8.60 15.58 2.77
CA LYS B 463 8.77 15.05 4.12
C LYS B 463 8.40 16.04 5.23
N ALA B 464 7.24 15.79 5.86
CA ALA B 464 6.81 16.39 7.12
C ALA B 464 5.34 16.07 7.37
N TYR C 20 -26.52 -70.33 20.49
CA TYR C 20 -26.57 -70.72 19.09
C TYR C 20 -26.76 -69.50 18.17
N LYS C 21 -27.98 -69.32 17.68
CA LYS C 21 -28.27 -68.22 16.75
C LYS C 21 -28.30 -66.86 17.50
N LEU C 22 -27.34 -66.00 17.13
CA LEU C 22 -27.31 -64.56 17.45
C LEU C 22 -27.12 -64.22 18.95
N THR C 23 -26.48 -65.10 19.71
CA THR C 23 -25.97 -64.83 21.07
C THR C 23 -25.24 -63.47 21.26
N TYR C 24 -24.56 -63.00 20.22
CA TYR C 24 -23.80 -61.76 20.30
C TYR C 24 -24.50 -60.54 19.71
N TYR C 25 -25.73 -60.72 19.21
CA TYR C 25 -26.57 -59.61 18.80
C TYR C 25 -27.62 -59.37 19.88
N THR C 26 -27.51 -58.24 20.56
CA THR C 26 -28.29 -57.96 21.78
C THR C 26 -28.87 -56.55 21.61
N PRO C 27 -29.93 -56.42 20.76
CA PRO C 27 -30.41 -55.10 20.38
C PRO C 27 -31.10 -54.31 21.48
N GLU C 28 -31.39 -54.92 22.61
CA GLU C 28 -31.94 -54.16 23.73
C GLU C 28 -30.89 -53.77 24.77
N TYR C 29 -29.63 -54.13 24.55
CA TYR C 29 -28.58 -53.81 25.54
C TYR C 29 -28.43 -52.31 25.74
N GLU C 30 -28.41 -51.91 27.00
CA GLU C 30 -28.12 -50.53 27.37
C GLU C 30 -26.63 -50.42 27.66
N THR C 31 -25.93 -49.54 26.97
CA THR C 31 -24.47 -49.44 27.16
C THR C 31 -24.14 -48.97 28.59
N LYS C 32 -23.05 -49.47 29.16
CA LYS C 32 -22.58 -49.02 30.46
C LYS C 32 -21.65 -47.83 30.26
N ASP C 33 -21.60 -46.95 31.25
CA ASP C 33 -20.75 -45.75 31.15
C ASP C 33 -19.27 -46.07 31.08
N THR C 34 -18.90 -47.30 31.41
CA THR C 34 -17.52 -47.75 31.34
C THR C 34 -17.18 -48.54 30.06
N ASP C 35 -18.19 -48.88 29.25
CA ASP C 35 -17.93 -49.61 27.99
C ASP C 35 -17.13 -48.75 26.99
N ILE C 36 -16.25 -49.42 26.25
CA ILE C 36 -15.76 -48.87 24.99
C ILE C 36 -16.73 -49.25 23.88
N LEU C 37 -17.19 -48.26 23.13
CA LEU C 37 -18.15 -48.46 22.04
C LEU C 37 -17.44 -48.24 20.71
N ALA C 38 -17.80 -49.06 19.74
CA ALA C 38 -17.25 -48.97 18.37
C ALA C 38 -18.42 -48.88 17.41
N ALA C 39 -18.31 -47.99 16.42
CA ALA C 39 -19.24 -47.94 15.30
C ALA C 39 -18.47 -48.42 14.06
N PHE C 40 -18.88 -49.58 13.58
CA PHE C 40 -18.29 -50.21 12.39
C PHE C 40 -19.20 -50.06 11.17
N ARG C 41 -18.61 -49.69 10.05
CA ARG C 41 -19.31 -49.75 8.75
C ARG C 41 -19.05 -51.12 8.14
N VAL C 42 -20.09 -51.96 8.14
CA VAL C 42 -19.95 -53.37 7.79
C VAL C 42 -20.53 -53.67 6.40
N SER C 43 -19.76 -54.33 5.55
CA SER C 43 -20.25 -54.74 4.21
C SER C 43 -20.28 -56.25 4.15
N PRO C 44 -21.43 -56.87 4.41
CA PRO C 44 -21.40 -58.32 4.44
C PRO C 44 -21.35 -58.91 3.03
N GLN C 45 -20.91 -60.14 2.95
CA GLN C 45 -20.97 -60.91 1.73
C GLN C 45 -22.44 -61.13 1.37
N PRO C 46 -22.72 -61.31 0.07
CA PRO C 46 -24.10 -61.63 -0.32
C PRO C 46 -24.62 -62.85 0.41
N GLY C 47 -25.86 -62.76 0.88
CA GLY C 47 -26.49 -63.84 1.61
C GLY C 47 -26.20 -63.89 3.10
N VAL C 48 -25.35 -62.97 3.57
CA VAL C 48 -25.06 -62.85 5.01
C VAL C 48 -25.92 -61.72 5.59
N PRO C 49 -26.87 -62.06 6.49
CA PRO C 49 -27.75 -60.99 6.99
C PRO C 49 -26.99 -60.04 7.91
N PRO C 50 -27.48 -58.79 8.05
CA PRO C 50 -26.80 -57.76 8.83
C PRO C 50 -26.56 -58.21 10.27
N GLU C 51 -27.57 -58.87 10.84
CA GLU C 51 -27.55 -59.33 12.23
C GLU C 51 -26.45 -60.34 12.47
N GLU C 52 -26.25 -61.24 11.53
CA GLU C 52 -25.21 -62.24 11.68
C GLU C 52 -23.83 -61.61 11.53
N ALA C 53 -23.74 -60.59 10.68
CA ALA C 53 -22.49 -59.91 10.42
C ALA C 53 -22.09 -59.10 11.64
N GLY C 54 -23.06 -58.34 12.17
CA GLY C 54 -22.91 -57.61 13.42
C GLY C 54 -22.49 -58.49 14.58
N ALA C 55 -23.16 -59.62 14.76
CA ALA C 55 -22.82 -60.53 15.83
C ALA C 55 -21.42 -61.13 15.68
N ALA C 56 -21.02 -61.41 14.44
CA ALA C 56 -19.71 -61.98 14.15
C ALA C 56 -18.59 -60.96 14.49
N VAL C 57 -18.82 -59.70 14.15
CA VAL C 57 -17.85 -58.64 14.43
C VAL C 57 -17.67 -58.59 15.93
N ALA C 58 -18.80 -58.65 16.66
CA ALA C 58 -18.77 -58.65 18.11
C ALA C 58 -18.11 -59.89 18.66
N ALA C 59 -18.38 -61.06 18.06
CA ALA C 59 -17.79 -62.27 18.55
C ALA C 59 -16.32 -62.33 18.10
N GLU C 60 -16.04 -61.94 16.86
CA GLU C 60 -14.66 -62.08 16.34
C GLU C 60 -13.73 -61.00 16.90
N SER C 61 -14.29 -59.88 17.34
CA SER C 61 -13.48 -58.84 18.00
C SER C 61 -13.53 -59.01 19.52
N SER C 62 -14.04 -60.15 20.00
CA SER C 62 -13.94 -60.49 21.44
C SER C 62 -13.74 -61.99 21.70
N THR C 63 -14.78 -62.64 22.25
CA THR C 63 -14.70 -64.00 22.79
C THR C 63 -15.05 -65.09 21.83
N GLY C 64 -15.65 -64.71 20.69
CA GLY C 64 -16.02 -65.64 19.64
C GLY C 64 -14.92 -66.65 19.35
N THR C 65 -15.29 -67.92 19.33
CA THR C 65 -14.28 -68.96 19.23
C THR C 65 -14.79 -70.11 18.38
N TRP C 66 -13.92 -70.63 17.53
CA TRP C 66 -14.27 -71.79 16.73
C TRP C 66 -14.25 -73.00 17.65
N THR C 67 -15.23 -73.88 17.47
CA THR C 67 -15.54 -75.03 18.35
C THR C 67 -15.60 -74.67 19.85
N THR C 68 -16.28 -75.51 20.63
CA THR C 68 -16.45 -75.25 22.06
C THR C 68 -15.20 -75.69 22.83
N VAL C 69 -14.86 -74.93 23.88
CA VAL C 69 -13.75 -75.28 24.75
C VAL C 69 -14.23 -75.41 26.22
N TRP C 70 -13.70 -76.41 26.92
CA TRP C 70 -14.15 -76.71 28.29
C TRP C 70 -13.72 -75.63 29.30
N THR C 71 -12.68 -74.86 28.97
CA THR C 71 -12.17 -73.86 29.90
C THR C 71 -13.12 -72.67 30.08
N ASP C 72 -14.05 -72.49 29.15
CA ASP C 72 -15.10 -71.46 29.29
C ASP C 72 -15.92 -71.70 30.57
N GLY C 73 -15.95 -72.95 31.05
CA GLY C 73 -16.68 -73.30 32.25
C GLY C 73 -15.95 -72.91 33.53
N LEU C 74 -14.72 -72.42 33.39
CA LEU C 74 -13.95 -71.92 34.54
C LEU C 74 -14.18 -70.44 34.76
N THR C 75 -14.87 -69.77 33.83
CA THR C 75 -15.13 -68.36 34.02
C THR C 75 -16.57 -68.04 33.61
N SER C 76 -16.94 -66.76 33.60
CA SER C 76 -18.20 -66.36 33.04
C SER C 76 -17.90 -65.52 31.81
N LEU C 77 -18.10 -66.13 30.64
CA LEU C 77 -17.74 -65.48 29.37
C LEU C 77 -18.68 -64.31 29.05
N ASP C 78 -19.92 -64.38 29.54
CA ASP C 78 -20.87 -63.29 29.38
C ASP C 78 -20.17 -61.97 29.68
N ARG C 79 -19.44 -62.01 30.78
CA ARG C 79 -18.76 -60.88 31.37
C ARG C 79 -17.64 -60.24 30.47
N TYR C 80 -17.17 -60.97 29.45
CA TYR C 80 -16.14 -60.44 28.53
C TYR C 80 -16.58 -60.40 27.05
N LYS C 81 -17.86 -60.60 26.81
CA LYS C 81 -18.33 -60.62 25.45
C LYS C 81 -18.45 -59.19 24.96
N GLY C 82 -17.91 -58.98 23.77
CA GLY C 82 -18.28 -57.82 23.02
C GLY C 82 -19.71 -58.13 22.62
N ARG C 83 -20.51 -57.11 22.40
CA ARG C 83 -21.83 -57.42 21.88
C ARG C 83 -22.29 -56.35 20.93
N CYS C 84 -22.99 -56.77 19.90
CA CYS C 84 -23.52 -55.86 18.93
C CYS C 84 -24.92 -55.42 19.41
N TYR C 85 -25.08 -54.17 19.78
CA TYR C 85 -26.30 -53.73 20.46
C TYR C 85 -27.20 -52.87 19.58
N HIS C 86 -26.77 -52.58 18.36
CA HIS C 86 -27.57 -51.79 17.43
C HIS C 86 -27.04 -51.93 16.01
N ILE C 87 -27.95 -52.02 15.06
CA ILE C 87 -27.58 -52.08 13.63
C ILE C 87 -28.46 -51.10 12.89
N GLU C 88 -27.88 -50.35 11.96
CA GLU C 88 -28.68 -49.48 11.10
C GLU C 88 -28.10 -49.52 9.68
N PRO C 89 -28.97 -49.50 8.67
CA PRO C 89 -28.52 -49.40 7.28
C PRO C 89 -27.82 -48.11 6.95
N VAL C 90 -26.98 -48.15 5.92
CA VAL C 90 -26.33 -46.96 5.38
C VAL C 90 -27.08 -46.56 4.12
N ALA C 91 -27.46 -45.29 4.02
CA ALA C 91 -28.16 -44.82 2.83
C ALA C 91 -27.18 -44.58 1.70
N GLY C 92 -27.63 -44.87 0.49
CA GLY C 92 -26.93 -44.44 -0.70
C GLY C 92 -25.64 -45.21 -0.87
N GLU C 93 -25.57 -46.36 -0.19
CA GLU C 93 -24.50 -47.31 -0.43
C GLU C 93 -25.13 -48.65 -0.68
N ASP C 94 -24.36 -49.52 -1.31
CA ASP C 94 -24.82 -50.87 -1.60
C ASP C 94 -24.47 -51.79 -0.44
N SER C 95 -25.50 -52.31 0.23
CA SER C 95 -25.36 -53.36 1.24
C SER C 95 -24.34 -53.04 2.33
N GLN C 96 -24.50 -51.88 2.95
CA GLN C 96 -23.69 -51.46 4.10
C GLN C 96 -24.62 -51.15 5.26
N TRP C 97 -24.14 -51.49 6.45
CA TRP C 97 -24.80 -51.21 7.73
C TRP C 97 -23.77 -50.65 8.71
N ILE C 98 -24.19 -49.76 9.60
CA ILE C 98 -23.40 -49.40 10.78
C ILE C 98 -23.79 -50.37 11.90
N CYS C 99 -22.83 -51.14 12.40
CA CYS C 99 -23.05 -52.02 13.53
C CYS C 99 -22.31 -51.45 14.77
N TYR C 100 -23.03 -51.31 15.87
CA TYR C 100 -22.48 -50.74 17.10
C TYR C 100 -22.10 -51.89 18.04
N VAL C 101 -20.87 -51.86 18.55
CA VAL C 101 -20.38 -52.93 19.44
C VAL C 101 -19.89 -52.33 20.77
N ALA C 102 -20.27 -52.96 21.87
CA ALA C 102 -19.88 -52.53 23.21
C ALA C 102 -18.87 -53.54 23.78
N TYR C 103 -17.75 -53.02 24.26
CA TYR C 103 -16.70 -53.84 24.85
C TYR C 103 -16.55 -53.47 26.33
N PRO C 104 -16.47 -54.46 27.21
CA PRO C 104 -16.30 -54.15 28.65
C PRO C 104 -14.92 -53.57 28.97
N LEU C 105 -14.90 -52.64 29.89
CA LEU C 105 -13.67 -51.98 30.36
C LEU C 105 -12.57 -52.96 30.70
N ASP C 106 -12.93 -54.09 31.30
CA ASP C 106 -11.93 -55.05 31.76
C ASP C 106 -11.12 -55.72 30.67
N LEU C 107 -11.51 -55.56 29.41
CA LEU C 107 -10.77 -56.17 28.32
C LEU C 107 -9.43 -55.47 28.08
N PHE C 108 -9.32 -54.22 28.52
CA PHE C 108 -8.28 -53.31 28.03
C PHE C 108 -7.17 -53.05 29.04
N GLU C 109 -5.93 -53.08 28.60
CA GLU C 109 -4.84 -52.65 29.46
C GLU C 109 -4.86 -51.13 29.60
N GLU C 110 -4.84 -50.66 30.84
CA GLU C 110 -4.73 -49.24 31.17
C GLU C 110 -3.55 -48.55 30.49
N GLY C 111 -3.81 -47.40 29.87
CA GLY C 111 -2.76 -46.58 29.31
C GLY C 111 -2.14 -47.09 28.01
N SER C 112 -2.73 -48.11 27.39
CA SER C 112 -2.13 -48.71 26.18
C SER C 112 -3.06 -48.58 24.96
N VAL C 113 -2.80 -47.60 24.11
CA VAL C 113 -3.50 -47.51 22.83
C VAL C 113 -3.23 -48.75 22.00
N THR C 114 -2.02 -49.27 22.15
CA THR C 114 -1.63 -50.50 21.47
C THR C 114 -2.62 -51.64 21.80
N ASN C 115 -2.91 -51.86 23.08
CA ASN C 115 -3.85 -52.93 23.41
C ASN C 115 -5.29 -52.62 22.98
N MET C 116 -5.71 -51.36 23.06
CA MET C 116 -7.04 -50.97 22.59
C MET C 116 -7.23 -51.34 21.11
N PHE C 117 -6.29 -50.96 20.25
CA PHE C 117 -6.34 -51.34 18.85
C PHE C 117 -6.23 -52.86 18.64
N THR C 118 -5.32 -53.54 19.34
CA THR C 118 -5.24 -54.97 19.21
C THR C 118 -6.59 -55.64 19.50
N SER C 119 -7.23 -55.23 20.59
CA SER C 119 -8.45 -55.88 21.03
C SER C 119 -9.63 -55.62 20.09
N ILE C 120 -9.70 -54.42 19.52
CA ILE C 120 -10.89 -54.05 18.72
C ILE C 120 -10.67 -54.33 17.21
N VAL C 121 -9.55 -53.90 16.67
CA VAL C 121 -9.30 -54.07 15.23
C VAL C 121 -8.27 -55.15 14.90
N GLY C 122 -7.94 -56.01 15.86
CA GLY C 122 -6.86 -56.95 15.63
C GLY C 122 -7.14 -58.08 14.66
N ASN C 123 -8.36 -58.61 14.69
CA ASN C 123 -8.71 -59.79 13.88
C ASN C 123 -9.89 -59.64 12.90
N VAL C 124 -10.86 -58.83 13.27
CA VAL C 124 -12.17 -58.89 12.61
C VAL C 124 -12.17 -58.41 11.15
N PHE C 125 -11.16 -57.64 10.73
CA PHE C 125 -11.17 -57.09 9.37
C PHE C 125 -10.90 -58.18 8.32
N GLY C 126 -10.44 -59.35 8.78
CA GLY C 126 -10.14 -60.46 7.88
C GLY C 126 -11.29 -61.45 7.76
N PHE C 127 -12.41 -61.19 8.43
CA PHE C 127 -13.49 -62.20 8.50
C PHE C 127 -14.05 -62.45 7.10
N LYS C 128 -14.13 -63.73 6.73
CA LYS C 128 -14.51 -64.16 5.37
C LYS C 128 -15.94 -63.79 4.98
N ALA C 129 -16.82 -63.73 5.98
CA ALA C 129 -18.22 -63.41 5.74
C ALA C 129 -18.45 -61.91 5.50
N LEU C 130 -17.38 -61.10 5.59
CA LEU C 130 -17.47 -59.68 5.22
C LEU C 130 -16.75 -59.40 3.89
N ARG C 131 -17.34 -58.54 3.09
CA ARG C 131 -16.68 -57.97 1.95
C ARG C 131 -15.66 -56.89 2.38
N ALA C 132 -16.04 -56.12 3.38
CA ALA C 132 -15.26 -54.95 3.78
C ALA C 132 -15.74 -54.54 5.15
N LEU C 133 -14.88 -53.83 5.86
CA LEU C 133 -15.14 -53.36 7.23
C LEU C 133 -14.36 -52.10 7.49
N ARG C 134 -15.05 -51.06 8.01
CA ARG C 134 -14.40 -49.85 8.39
C ARG C 134 -14.78 -49.48 9.83
N LEU C 135 -13.79 -49.15 10.67
CA LEU C 135 -14.09 -48.58 11.99
C LEU C 135 -14.25 -47.08 11.86
N GLU C 136 -15.44 -46.59 12.19
CA GLU C 136 -15.74 -45.18 12.01
C GLU C 136 -15.50 -44.33 13.24
N ASP C 137 -15.77 -44.88 14.41
CA ASP C 137 -15.67 -44.10 15.64
C ASP C 137 -15.60 -45.04 16.84
N LEU C 138 -15.02 -44.49 17.91
CA LEU C 138 -14.93 -45.12 19.23
C LEU C 138 -15.41 -44.15 20.28
N ARG C 139 -16.16 -44.66 21.23
CA ARG C 139 -16.53 -43.91 22.42
C ARG C 139 -15.60 -44.34 23.53
N ILE C 140 -14.66 -43.46 23.83
CA ILE C 140 -13.65 -43.72 24.84
C ILE C 140 -14.17 -43.23 26.15
N PRO C 141 -14.52 -44.17 27.05
CA PRO C 141 -15.14 -43.66 28.28
C PRO C 141 -14.13 -42.98 29.23
N PRO C 142 -14.60 -42.06 30.07
CA PRO C 142 -13.75 -41.41 31.07
C PRO C 142 -12.95 -42.37 31.94
N THR C 143 -13.55 -43.49 32.33
CA THR C 143 -12.85 -44.42 33.18
C THR C 143 -11.61 -45.02 32.49
N TYR C 144 -11.62 -45.12 31.17
CA TYR C 144 -10.44 -45.57 30.44
C TYR C 144 -9.48 -44.42 30.08
N SER C 145 -10.01 -43.30 29.64
CA SER C 145 -9.14 -42.20 29.20
C SER C 145 -8.34 -41.60 30.36
N LYS C 146 -8.88 -41.67 31.60
CA LYS C 146 -8.12 -41.17 32.74
C LYS C 146 -6.86 -42.00 33.06
N THR C 147 -6.65 -43.15 32.40
CA THR C 147 -5.46 -43.97 32.61
C THR C 147 -4.33 -43.59 31.64
N PHE C 148 -4.54 -42.53 30.87
CA PHE C 148 -3.59 -42.08 29.87
C PHE C 148 -3.12 -40.70 30.26
N GLN C 149 -1.85 -40.41 29.98
CA GLN C 149 -1.33 -39.06 30.18
C GLN C 149 -2.01 -38.08 29.25
N GLY C 150 -2.12 -38.47 27.98
CA GLY C 150 -2.62 -37.56 26.96
C GLY C 150 -1.53 -36.58 26.51
N PRO C 151 -1.93 -35.43 25.97
CA PRO C 151 -0.92 -34.49 25.45
C PRO C 151 0.09 -34.11 26.51
N PRO C 152 1.38 -34.02 26.13
CA PRO C 152 2.41 -33.56 27.07
C PRO C 152 2.06 -32.19 27.63
N HIS C 153 1.46 -31.32 26.82
CA HIS C 153 1.10 -29.98 27.25
C HIS C 153 -0.31 -29.63 26.87
N GLY C 154 -0.61 -29.68 25.58
CA GLY C 154 -1.92 -29.36 25.05
C GLY C 154 -2.07 -27.88 24.72
N ILE C 155 -3.22 -27.54 24.14
CA ILE C 155 -3.42 -26.25 23.49
C ILE C 155 -3.14 -25.09 24.40
N GLN C 156 -3.73 -25.09 25.57
CA GLN C 156 -3.66 -23.89 26.41
C GLN C 156 -2.24 -23.71 26.97
N VAL C 157 -1.64 -24.80 27.44
CA VAL C 157 -0.28 -24.71 27.95
C VAL C 157 0.70 -24.27 26.84
N GLU C 158 0.53 -24.78 25.63
CA GLU C 158 1.40 -24.40 24.54
C GLU C 158 1.32 -22.88 24.25
N ARG C 159 0.11 -22.33 24.15
CA ARG C 159 0.01 -20.88 23.96
C ARG C 159 0.72 -20.08 25.08
N ASP C 160 0.57 -20.54 26.32
CA ASP C 160 1.18 -19.86 27.46
C ASP C 160 2.71 -19.95 27.40
N LYS C 161 3.25 -21.12 27.07
CA LYS C 161 4.68 -21.29 27.00
C LYS C 161 5.29 -20.45 25.90
N LEU C 162 4.60 -20.32 24.77
CA LEU C 162 5.15 -19.61 23.64
C LEU C 162 4.76 -18.12 23.63
N ASN C 163 3.88 -17.74 24.56
CA ASN C 163 3.33 -16.36 24.66
C ASN C 163 2.69 -15.92 23.34
N LYS C 164 1.88 -16.82 22.77
CA LYS C 164 1.18 -16.58 21.50
C LYS C 164 -0.34 -16.72 21.66
N TYR C 165 -1.05 -15.63 21.41
CA TYR C 165 -2.49 -15.55 21.62
C TYR C 165 -3.18 -14.89 20.45
N GLY C 166 -4.40 -15.36 20.15
CA GLY C 166 -5.31 -14.60 19.30
C GLY C 166 -5.18 -14.78 17.80
N ARG C 167 -4.46 -15.81 17.39
CA ARG C 167 -4.34 -16.11 15.96
C ARG C 167 -3.85 -17.54 15.78
N PRO C 168 -4.11 -18.11 14.59
CA PRO C 168 -3.40 -19.34 14.25
C PRO C 168 -1.89 -19.17 14.31
N LEU C 169 -1.20 -20.26 14.62
CA LEU C 169 0.23 -20.29 14.51
C LEU C 169 0.62 -20.60 13.05
N LEU C 170 1.84 -20.22 12.69
CA LEU C 170 2.33 -20.38 11.34
C LEU C 170 3.64 -21.14 11.27
N GLY C 171 3.70 -22.09 10.35
CA GLY C 171 4.89 -22.87 10.14
C GLY C 171 5.24 -23.05 8.68
N CYS C 172 6.44 -23.58 8.44
CA CYS C 172 6.91 -23.88 7.10
C CYS C 172 7.72 -25.16 7.10
N THR C 173 7.46 -26.07 6.18
CA THR C 173 8.26 -27.29 6.10
C THR C 173 9.43 -27.01 5.16
N ILE C 174 10.65 -27.37 5.56
CA ILE C 174 11.81 -27.05 4.73
C ILE C 174 11.90 -27.99 3.56
N LYS C 175 12.08 -27.40 2.38
CA LYS C 175 12.13 -28.09 1.11
C LYS C 175 13.41 -27.61 0.41
N PRO C 176 14.09 -28.48 -0.35
CA PRO C 176 13.77 -29.90 -0.53
C PRO C 176 13.95 -30.67 0.77
N LYS C 177 13.15 -31.69 0.98
CA LYS C 177 13.25 -32.46 2.22
C LYS C 177 14.65 -33.05 2.31
N LEU C 178 15.07 -33.78 1.29
CA LEU C 178 16.43 -34.27 1.19
C LEU C 178 17.16 -33.61 0.04
N GLY C 179 18.44 -33.34 0.25
CA GLY C 179 19.28 -32.69 -0.72
C GLY C 179 20.21 -31.70 -0.07
N LEU C 180 19.72 -30.97 0.92
CA LEU C 180 20.50 -29.95 1.54
C LEU C 180 21.52 -30.51 2.56
N SER C 181 22.65 -29.82 2.71
CA SER C 181 23.51 -30.01 3.88
C SER C 181 22.74 -29.53 5.13
N ALA C 182 23.12 -30.05 6.30
CA ALA C 182 22.52 -29.58 7.55
C ALA C 182 22.65 -28.07 7.70
N LYS C 183 23.81 -27.53 7.33
CA LYS C 183 23.97 -26.07 7.38
C LYS C 183 23.06 -25.33 6.44
N ASN C 184 22.95 -25.78 5.17
CA ASN C 184 22.08 -25.06 4.24
C ASN C 184 20.62 -25.16 4.67
N TYR C 185 20.26 -26.30 5.25
CA TYR C 185 18.95 -26.52 5.83
C TYR C 185 18.63 -25.53 6.95
N GLY C 186 19.59 -25.36 7.87
CA GLY C 186 19.46 -24.40 8.97
C GLY C 186 19.39 -22.96 8.44
N ARG C 187 20.09 -22.66 7.36
CA ARG C 187 20.02 -21.31 6.76
C ARG C 187 18.58 -21.02 6.33
N ALA C 188 17.95 -22.00 5.71
CA ALA C 188 16.59 -21.83 5.23
C ALA C 188 15.62 -21.61 6.41
N CYS C 189 15.83 -22.34 7.49
CA CYS C 189 15.07 -22.18 8.73
C CYS C 189 15.20 -20.79 9.34
N TYR C 190 16.42 -20.29 9.46
CA TYR C 190 16.65 -18.93 9.97
C TYR C 190 15.87 -17.90 9.13
N GLU C 191 15.95 -17.98 7.82
CA GLU C 191 15.32 -16.98 6.96
C GLU C 191 13.79 -17.04 7.06
N CYS C 192 13.22 -18.23 7.14
CA CYS C 192 11.79 -18.38 7.39
C CYS C 192 11.32 -17.79 8.72
N LEU C 193 12.00 -18.17 9.79
CA LEU C 193 11.60 -17.76 11.13
C LEU C 193 11.72 -16.25 11.26
N ARG C 194 12.75 -15.66 10.66
CA ARG C 194 13.00 -14.26 10.95
C ARG C 194 11.99 -13.35 10.26
N GLY C 195 11.32 -13.90 9.25
CA GLY C 195 10.27 -13.23 8.48
C GLY C 195 8.90 -13.18 9.12
N GLY C 196 8.70 -13.95 10.19
CA GLY C 196 7.44 -13.92 10.90
C GLY C 196 6.76 -15.26 11.13
N LEU C 197 7.34 -16.37 10.70
CA LEU C 197 6.75 -17.67 11.04
C LEU C 197 7.13 -18.01 12.45
N ASP C 198 6.24 -18.72 13.13
CA ASP C 198 6.50 -19.23 14.45
C ASP C 198 7.38 -20.47 14.46
N PHE C 199 7.16 -21.31 13.49
CA PHE C 199 7.88 -22.53 13.39
C PHE C 199 8.34 -22.92 11.99
N THR C 200 9.38 -23.72 11.95
CA THR C 200 9.82 -24.36 10.75
C THR C 200 9.77 -25.88 11.09
N ASP C 202 10.94 -30.20 10.09
CA ASP C 202 11.57 -31.28 9.38
C ASP C 202 10.48 -32.04 8.60
N ASP C 203 10.73 -32.34 7.34
CA ASP C 203 9.82 -33.15 6.59
C ASP C 203 9.78 -34.51 7.27
N GLU C 204 8.64 -35.16 7.18
CA GLU C 204 8.44 -36.44 7.82
C GLU C 204 9.52 -37.46 7.46
N ASN C 205 10.07 -37.32 6.27
CA ASN C 205 11.05 -38.28 5.77
C ASN C 205 12.46 -38.03 6.35
N VAL C 206 12.64 -36.83 6.89
CA VAL C 206 13.94 -36.38 7.37
C VAL C 206 14.09 -36.88 8.79
N ASN C 207 14.97 -37.87 8.97
CA ASN C 207 15.23 -38.44 10.27
C ASN C 207 16.75 -38.32 10.44
N SER C 208 17.49 -39.32 9.97
CA SER C 208 18.95 -39.22 9.88
C SER C 208 19.40 -39.99 8.63
N GLN C 209 20.12 -39.32 7.75
CA GLN C 209 20.44 -39.88 6.43
C GLN C 209 21.83 -39.43 6.01
N PRO C 210 22.43 -40.13 5.03
CA PRO C 210 23.84 -39.87 4.65
C PRO C 210 24.36 -38.39 4.52
N PHE C 211 23.61 -37.54 3.90
N PHE C 211 23.63 -37.52 3.89
CA PHE C 211 24.10 -36.19 3.66
CA PHE C 211 24.13 -36.16 3.72
C PHE C 211 23.48 -35.20 4.66
C PHE C 211 23.65 -35.22 4.81
N MET C 212 22.77 -35.72 5.67
CA MET C 212 22.30 -34.88 6.75
C MET C 212 21.93 -35.74 7.95
N ARG C 213 22.94 -35.96 8.76
CA ARG C 213 22.78 -36.72 9.99
C ARG C 213 22.06 -35.88 11.03
N TRP C 214 21.28 -36.54 11.86
CA TRP C 214 20.40 -35.81 12.73
C TRP C 214 21.11 -34.85 13.66
N ARG C 215 22.24 -35.25 14.27
CA ARG C 215 22.77 -34.39 15.32
C ARG C 215 23.32 -33.07 14.72
N ASP C 216 23.93 -33.15 13.55
CA ASP C 216 24.31 -31.95 12.79
C ASP C 216 23.11 -31.00 12.45
N ARG C 217 22.03 -31.58 11.96
CA ARG C 217 20.82 -30.79 11.70
C ARG C 217 20.34 -30.12 12.99
N PHE C 218 20.33 -30.84 14.11
CA PHE C 218 19.83 -30.28 15.36
C PHE C 218 20.68 -29.06 15.78
N VAL C 219 22.01 -29.16 15.64
CA VAL C 219 22.91 -28.03 15.95
C VAL C 219 22.60 -26.81 15.08
N PHE C 220 22.58 -27.00 13.77
CA PHE C 220 22.38 -25.85 12.89
C PHE C 220 20.95 -25.26 13.01
N CYS C 221 19.94 -26.10 13.20
CA CYS C 221 18.60 -25.58 13.44
C CYS C 221 18.51 -24.83 14.74
N ALA C 222 19.23 -25.28 15.77
CA ALA C 222 19.24 -24.52 17.03
C ALA C 222 19.86 -23.15 16.84
N GLU C 223 20.98 -23.08 16.10
CA GLU C 223 21.61 -21.79 15.83
C GLU C 223 20.61 -20.86 15.14
N ALA C 224 19.86 -21.43 14.19
CA ALA C 224 18.83 -20.67 13.45
C ALA C 224 17.64 -20.24 14.33
N ILE C 225 17.13 -21.14 15.17
CA ILE C 225 16.08 -20.78 16.12
C ILE C 225 16.51 -19.60 16.97
N TYR C 226 17.71 -19.68 17.55
CA TYR C 226 18.10 -18.65 18.50
C TYR C 226 18.48 -17.33 17.78
N LYS C 227 18.98 -17.41 16.56
CA LYS C 227 19.31 -16.19 15.81
C LYS C 227 18.02 -15.45 15.47
N SER C 228 17.04 -16.20 15.00
CA SER C 228 15.78 -15.60 14.55
C SER C 228 14.98 -15.08 15.77
N GLN C 229 15.03 -15.78 16.89
CA GLN C 229 14.37 -15.31 18.10
C GLN C 229 14.96 -13.97 18.63
N ALA C 230 16.28 -13.90 18.63
CA ALA C 230 17.00 -12.72 19.09
C ALA C 230 16.72 -11.54 18.16
N GLU C 231 16.68 -11.79 16.87
CA GLU C 231 16.37 -10.74 15.87
C GLU C 231 14.94 -10.18 15.96
N THR C 232 13.95 -11.05 16.13
CA THR C 232 12.54 -10.65 16.03
C THR C 232 11.93 -10.29 17.38
N GLY C 233 12.47 -10.87 18.45
CA GLY C 233 11.94 -10.72 19.78
C GLY C 233 10.79 -11.66 20.17
N GLU C 234 10.37 -12.52 19.24
CA GLU C 234 9.28 -13.49 19.46
C GLU C 234 9.88 -14.90 19.64
N ILE C 235 9.20 -15.77 20.40
CA ILE C 235 9.65 -17.15 20.53
C ILE C 235 9.47 -17.92 19.21
N LYS C 236 10.51 -18.68 18.88
CA LYS C 236 10.62 -19.46 17.65
C LYS C 236 10.90 -20.92 17.96
N GLY C 237 10.52 -21.79 17.04
CA GLY C 237 10.87 -23.20 17.19
C GLY C 237 11.04 -23.87 15.84
N HIS C 238 11.63 -25.06 15.86
CA HIS C 238 11.71 -25.90 14.70
C HIS C 238 11.32 -27.29 15.14
N TYR C 239 10.38 -27.92 14.46
CA TYR C 239 9.98 -29.28 14.85
C TYR C 239 11.10 -30.25 14.50
N LEU C 240 11.94 -30.58 15.47
CA LEU C 240 13.04 -31.52 15.26
C LEU C 240 12.57 -32.96 15.30
N ASN C 241 12.73 -33.67 14.20
CA ASN C 241 12.15 -34.99 14.07
C ASN C 241 12.94 -35.99 14.87
N ALA C 242 12.31 -36.64 15.84
CA ALA C 242 12.97 -37.66 16.66
C ALA C 242 12.61 -39.07 16.21
N THR C 243 11.76 -39.20 15.19
CA THR C 243 11.38 -40.50 14.63
C THR C 243 12.62 -41.31 14.28
N ALA C 244 12.65 -42.57 14.71
CA ALA C 244 13.86 -43.36 14.55
C ALA C 244 13.54 -44.83 14.46
N GLY C 245 14.57 -45.64 14.17
CA GLY C 245 14.37 -47.06 13.98
C GLY C 245 14.15 -47.85 15.26
N THR C 246 14.64 -47.33 16.39
CA THR C 246 14.51 -47.94 17.69
C THR C 246 14.14 -46.91 18.74
N CYS C 247 13.63 -47.38 19.86
CA CYS C 247 13.25 -46.50 20.96
C CYS C 247 14.47 -45.78 21.50
N GLU C 248 15.58 -46.49 21.58
CA GLU C 248 16.81 -45.89 22.09
C GLU C 248 17.27 -44.72 21.24
N GLU C 249 17.24 -44.88 19.94
CA GLU C 249 17.63 -43.79 19.05
C GLU C 249 16.65 -42.62 19.15
N MET C 250 15.35 -42.91 19.21
CA MET C 250 14.36 -41.84 19.33
C MET C 250 14.59 -41.01 20.57
N ILE C 251 14.80 -41.67 21.69
CA ILE C 251 15.04 -40.94 22.94
C ILE C 251 16.40 -40.18 22.92
N LYS C 252 17.43 -40.71 22.28
CA LYS C 252 18.71 -40.00 22.15
C LYS C 252 18.51 -38.67 21.46
N ARG C 253 17.59 -38.62 20.50
CA ARG C 253 17.37 -37.40 19.74
C ARG C 253 16.61 -36.38 20.59
N ALA C 254 15.56 -36.82 21.27
CA ALA C 254 14.82 -35.94 22.21
C ALA C 254 15.74 -35.41 23.31
N VAL C 255 16.65 -36.25 23.77
CA VAL C 255 17.60 -35.85 24.86
C VAL C 255 18.54 -34.72 24.42
N PHE C 256 18.97 -34.74 23.16
CA PHE C 256 19.86 -33.67 22.68
C PHE C 256 19.04 -32.41 22.45
N ALA C 257 17.79 -32.54 21.99
CA ALA C 257 16.93 -31.37 21.87
C ALA C 257 16.75 -30.72 23.25
N ARG C 258 16.52 -31.54 24.26
CA ARG C 258 16.44 -31.06 25.64
C ARG C 258 17.72 -30.31 26.07
N GLU C 259 18.89 -30.85 25.73
CA GLU C 259 20.16 -30.16 26.07
C GLU C 259 20.26 -28.80 25.39
N LEU C 260 19.78 -28.73 24.15
CA LEU C 260 19.83 -27.48 23.40
C LEU C 260 18.84 -26.44 23.89
N GLY C 261 17.83 -26.85 24.68
CA GLY C 261 16.91 -25.91 25.29
C GLY C 261 15.78 -25.49 24.35
N VAL C 262 15.66 -26.15 23.19
CA VAL C 262 14.67 -25.78 22.19
C VAL C 262 13.25 -26.25 22.61
N PRO C 263 12.20 -25.63 22.03
CA PRO C 263 10.86 -25.84 22.60
C PRO C 263 10.06 -27.08 22.10
N ILE C 264 10.42 -27.61 20.93
CA ILE C 264 9.54 -28.58 20.29
C ILE C 264 10.29 -29.64 19.48
N VAL C 265 9.84 -30.90 19.58
CA VAL C 265 10.29 -31.99 18.73
C VAL C 265 9.08 -32.59 18.01
N MET C 266 9.35 -33.56 17.15
CA MET C 266 8.39 -34.13 16.23
C MET C 266 8.45 -35.65 16.21
N HIS C 267 7.32 -36.30 15.98
CA HIS C 267 7.25 -37.75 15.81
C HIS C 267 6.21 -38.13 14.77
N ASP C 268 6.54 -39.14 13.97
CA ASP C 268 5.57 -39.78 13.08
C ASP C 268 4.92 -40.94 13.77
N TYR C 269 3.73 -40.74 14.28
CA TYR C 269 3.25 -41.72 15.24
C TYR C 269 2.76 -43.03 14.65
N LEU C 270 2.30 -43.05 13.40
CA LEU C 270 1.82 -44.31 12.84
C LEU C 270 2.98 -45.18 12.34
N THR C 271 3.98 -44.56 11.73
CA THR C 271 5.11 -45.34 11.25
C THR C 271 6.10 -45.69 12.38
N GLY C 272 6.28 -44.80 13.37
CA GLY C 272 7.06 -45.15 14.56
C GLY C 272 6.25 -46.11 15.45
N GLY C 273 4.96 -45.82 15.56
CA GLY C 273 4.05 -46.70 16.26
C GLY C 273 3.63 -46.21 17.65
N PHE C 274 2.53 -46.74 18.15
CA PHE C 274 1.97 -46.23 19.40
C PHE C 274 2.82 -46.50 20.65
N THR C 275 3.50 -47.65 20.75
CA THR C 275 4.30 -47.93 21.93
C THR C 275 5.45 -46.90 22.03
N ALA C 276 6.10 -46.65 20.90
CA ALA C 276 7.14 -45.61 20.87
C ALA C 276 6.59 -44.22 21.07
N ASN C 277 5.46 -43.91 20.43
CA ASN C 277 4.88 -42.59 20.61
C ASN C 277 4.53 -42.30 22.05
N THR C 278 3.98 -43.28 22.74
CA THR C 278 3.56 -43.04 24.12
C THR C 278 4.82 -42.79 25.00
N THR C 279 5.87 -43.57 24.76
CA THR C 279 7.18 -43.39 25.40
C THR C 279 7.68 -41.96 25.17
N LEU C 280 7.60 -41.48 23.93
CA LEU C 280 8.07 -40.14 23.64
C LEU C 280 7.21 -39.06 24.32
N ALA C 281 5.89 -39.27 24.34
CA ALA C 281 4.98 -38.31 24.96
C ALA C 281 5.29 -38.20 26.46
N HIS C 282 5.67 -39.31 27.08
CA HIS C 282 6.02 -39.28 28.48
C HIS C 282 7.33 -38.52 28.72
N TYR C 283 8.31 -38.77 27.87
CA TYR C 283 9.60 -38.05 27.90
C TYR C 283 9.35 -36.54 27.72
N CYS C 284 8.47 -36.16 26.80
CA CYS C 284 8.23 -34.73 26.54
C CYS C 284 7.56 -34.04 27.76
N ARG C 285 6.63 -34.73 28.41
CA ARG C 285 6.03 -34.25 29.64
C ARG C 285 7.06 -34.05 30.73
N ASP C 286 7.93 -35.03 30.89
CA ASP C 286 8.95 -35.03 31.92
C ASP C 286 10.01 -33.96 31.71
N ASN C 287 10.13 -33.44 30.49
CA ASN C 287 11.20 -32.51 30.14
C ASN C 287 10.76 -31.23 29.49
N GLY C 288 9.46 -30.94 29.51
CA GLY C 288 8.98 -29.64 29.03
C GLY C 288 9.07 -29.39 27.54
N LEU C 289 9.07 -30.45 26.74
CA LEU C 289 9.16 -30.34 25.29
C LEU C 289 7.76 -30.43 24.69
N LEU C 290 7.41 -29.50 23.81
CA LEU C 290 6.23 -29.70 22.97
C LEU C 290 6.47 -30.83 21.96
N LEU C 291 5.40 -31.50 21.59
CA LEU C 291 5.48 -32.63 20.65
C LEU C 291 4.55 -32.46 19.44
N HIS C 292 5.14 -32.19 18.30
CA HIS C 292 4.44 -32.12 17.03
C HIS C 292 4.27 -33.50 16.41
N ILE C 293 3.05 -33.90 16.08
CA ILE C 293 2.78 -35.24 15.54
C ILE C 293 2.40 -35.17 14.04
N HIS C 294 3.17 -35.88 13.24
CA HIS C 294 2.90 -36.03 11.82
C HIS C 294 2.22 -37.40 11.61
N ARG C 295 1.28 -37.45 10.68
CA ARG C 295 0.43 -38.64 10.48
C ARG C 295 0.77 -39.43 9.22
N ALA C 296 2.04 -39.44 8.83
CA ALA C 296 2.49 -40.26 7.72
C ALA C 296 1.90 -41.66 7.78
N MET C 297 1.43 -42.08 6.60
CA MET C 297 0.83 -43.35 6.30
C MET C 297 -0.67 -43.40 6.60
N HIS C 298 -1.23 -42.34 7.17
CA HIS C 298 -2.64 -42.40 7.59
C HIS C 298 -3.58 -42.81 6.43
N ALA C 299 -3.31 -42.36 5.20
CA ALA C 299 -4.21 -42.64 4.11
C ALA C 299 -4.14 -44.09 3.59
N VAL C 300 -3.13 -44.85 4.01
CA VAL C 300 -3.11 -46.31 3.76
C VAL C 300 -4.33 -46.96 4.43
N ILE C 301 -4.68 -46.39 5.58
CA ILE C 301 -5.72 -46.85 6.49
C ILE C 301 -7.07 -46.11 6.33
N ASP C 302 -7.03 -44.80 6.12
CA ASP C 302 -8.19 -43.96 6.35
C ASP C 302 -8.81 -43.38 5.09
N ARG C 303 -8.32 -43.74 3.92
CA ARG C 303 -8.82 -43.11 2.69
C ARG C 303 -10.17 -43.65 2.22
N GLN C 304 -10.30 -44.97 2.20
CA GLN C 304 -11.44 -45.59 1.53
C GLN C 304 -12.66 -45.65 2.45
N LYS C 305 -13.81 -45.27 1.92
CA LYS C 305 -15.02 -45.26 2.72
C LYS C 305 -15.44 -46.66 3.16
N ASN C 306 -15.09 -47.70 2.42
CA ASN C 306 -15.61 -49.01 2.72
C ASN C 306 -14.72 -49.87 3.62
N HIS C 307 -13.44 -49.51 3.75
CA HIS C 307 -12.54 -50.39 4.50
C HIS C 307 -11.40 -49.57 5.14
N GLY C 308 -11.12 -49.92 6.38
CA GLY C 308 -10.01 -49.36 7.13
C GLY C 308 -10.48 -48.74 8.42
N MET C 309 -9.91 -47.58 8.77
CA MET C 309 -10.32 -46.83 9.98
C MET C 309 -10.35 -45.37 9.62
N HIS C 310 -11.45 -44.70 9.97
CA HIS C 310 -11.54 -43.27 9.68
C HIS C 310 -10.49 -42.53 10.49
N PHE C 311 -10.02 -41.41 9.98
CA PHE C 311 -8.99 -40.63 10.67
C PHE C 311 -9.43 -40.22 12.09
N ARG C 312 -10.73 -39.99 12.30
CA ARG C 312 -11.15 -39.52 13.64
C ARG C 312 -10.76 -40.55 14.72
N VAL C 313 -10.74 -41.82 14.38
CA VAL C 313 -10.30 -42.86 15.30
C VAL C 313 -8.80 -42.72 15.59
N LEU C 314 -8.01 -42.56 14.53
CA LEU C 314 -6.56 -42.34 14.67
C LEU C 314 -6.27 -41.06 15.46
N ALA C 315 -7.15 -40.06 15.32
CA ALA C 315 -7.00 -38.79 16.00
C ALA C 315 -7.27 -38.94 17.50
N LYS C 316 -8.34 -39.63 17.87
CA LYS C 316 -8.62 -39.89 19.28
C LYS C 316 -7.46 -40.67 19.92
N ALA C 317 -6.97 -41.68 19.19
CA ALA C 317 -5.86 -42.50 19.65
C ALA C 317 -4.62 -41.66 19.93
N LEU C 318 -4.35 -40.67 19.08
CA LEU C 318 -3.20 -39.81 19.29
C LEU C 318 -3.41 -38.92 20.52
N ARG C 319 -4.60 -38.36 20.69
CA ARG C 319 -4.87 -37.51 21.84
C ARG C 319 -4.60 -38.32 23.13
N MET C 320 -4.98 -39.59 23.12
CA MET C 320 -4.72 -40.47 24.26
C MET C 320 -3.23 -40.82 24.46
N SER C 321 -2.56 -41.24 23.40
CA SER C 321 -1.16 -41.64 23.45
C SER C 321 -0.27 -40.44 23.80
N GLY C 322 -0.56 -39.33 23.13
CA GLY C 322 0.02 -38.04 23.45
C GLY C 322 0.64 -37.31 22.28
N GLY C 323 0.16 -36.09 22.07
CA GLY C 323 0.82 -35.16 21.19
C GLY C 323 0.26 -33.77 21.44
N ASP C 324 1.00 -32.72 21.08
CA ASP C 324 0.55 -31.34 21.30
C ASP C 324 -0.02 -30.72 20.03
N HIS C 325 0.50 -31.17 18.88
CA HIS C 325 -0.06 -30.84 17.54
C HIS C 325 -0.33 -32.13 16.81
N ILE C 326 -1.30 -32.14 15.89
CA ILE C 326 -1.43 -33.24 14.94
C ILE C 326 -1.88 -32.75 13.56
N HIS C 327 -1.20 -33.21 12.51
CA HIS C 327 -1.63 -32.92 11.14
C HIS C 327 -3.05 -33.39 10.93
N SER C 328 -3.85 -32.50 10.37
CA SER C 328 -5.30 -32.70 10.28
C SER C 328 -5.90 -32.47 8.89
N GLY C 329 -5.07 -32.17 7.92
CA GLY C 329 -5.54 -32.11 6.55
C GLY C 329 -5.12 -30.83 5.88
N THR C 330 -5.91 -30.42 4.90
CA THR C 330 -5.61 -29.24 4.09
C THR C 330 -6.89 -28.41 3.94
N VAL C 331 -6.89 -27.47 3.02
CA VAL C 331 -8.07 -26.62 2.80
C VAL C 331 -9.27 -27.48 2.47
N GLY C 337 -10.91 -32.71 1.86
CA GLY C 337 -11.97 -33.50 2.46
C GLY C 337 -13.23 -32.66 2.62
N GLU C 338 -14.27 -33.22 3.22
CA GLU C 338 -15.51 -32.48 3.40
C GLU C 338 -15.44 -31.70 4.71
N ARG C 339 -16.00 -30.51 4.62
CA ARG C 339 -15.90 -29.50 5.66
C ARG C 339 -16.45 -30.03 6.97
N GLU C 340 -17.65 -30.62 6.93
CA GLU C 340 -18.34 -31.05 8.15
C GLU C 340 -17.62 -32.19 8.88
N MET C 341 -17.12 -33.17 8.14
CA MET C 341 -16.36 -34.24 8.77
C MET C 341 -15.06 -33.73 9.40
N THR C 342 -14.37 -32.81 8.72
CA THR C 342 -13.16 -32.20 9.27
C THR C 342 -13.45 -31.39 10.54
N LEU C 343 -14.51 -30.58 10.52
CA LEU C 343 -14.90 -29.82 11.68
C LEU C 343 -15.25 -30.75 12.84
N GLY C 344 -15.84 -31.89 12.52
CA GLY C 344 -16.15 -32.88 13.52
C GLY C 344 -14.94 -33.43 14.26
N PHE C 345 -13.92 -33.90 13.54
CA PHE C 345 -12.80 -34.51 14.26
C PHE C 345 -11.89 -33.41 14.83
N VAL C 346 -11.96 -32.20 14.29
CA VAL C 346 -11.22 -31.12 14.91
C VAL C 346 -11.79 -30.86 16.31
N ASP C 347 -13.11 -30.86 16.43
CA ASP C 347 -13.70 -30.72 17.75
C ASP C 347 -13.34 -31.91 18.65
N LEU C 348 -13.30 -33.11 18.10
CA LEU C 348 -12.89 -34.26 18.91
C LEU C 348 -11.44 -34.14 19.43
N LEU C 349 -10.58 -33.48 18.65
CA LEU C 349 -9.18 -33.23 19.06
C LEU C 349 -9.01 -32.12 20.10
N ARG C 350 -9.81 -31.06 20.01
CA ARG C 350 -9.59 -29.85 20.78
C ARG C 350 -10.44 -29.70 22.04
N ASP C 351 -11.68 -30.16 21.97
CA ASP C 351 -12.69 -29.82 22.94
C ASP C 351 -12.78 -30.81 24.11
N ASP C 352 -13.35 -30.35 25.22
CA ASP C 352 -13.56 -31.21 26.41
C ASP C 352 -14.76 -32.12 26.28
N PHE C 353 -15.80 -31.62 25.66
CA PHE C 353 -17.03 -32.40 25.55
C PHE C 353 -17.59 -32.19 24.16
N ILE C 354 -17.81 -33.30 23.47
CA ILE C 354 -18.33 -33.26 22.10
C ILE C 354 -19.60 -34.08 22.00
N GLU C 355 -20.71 -33.40 21.81
CA GLU C 355 -21.97 -34.12 21.62
C GLU C 355 -22.05 -34.90 20.31
N LYS C 356 -22.70 -36.06 20.37
CA LYS C 356 -22.98 -36.83 19.16
C LYS C 356 -23.53 -35.95 18.05
N ASP C 357 -23.04 -36.14 16.83
CA ASP C 357 -23.45 -35.28 15.70
C ASP C 357 -23.14 -36.00 14.39
N ARG C 358 -24.07 -36.82 13.93
CA ARG C 358 -23.84 -37.67 12.75
C ARG C 358 -23.59 -36.88 11.48
N ALA C 359 -24.17 -35.69 11.38
CA ALA C 359 -23.88 -34.80 10.26
C ALA C 359 -22.38 -34.42 10.19
N ARG C 360 -21.67 -34.53 11.30
CA ARG C 360 -20.25 -34.22 11.32
C ARG C 360 -19.40 -35.46 11.61
N GLY C 361 -20.03 -36.63 11.46
CA GLY C 361 -19.34 -37.90 11.56
C GLY C 361 -19.01 -38.29 12.98
N ILE C 362 -19.67 -37.64 13.95
CA ILE C 362 -19.46 -37.93 15.36
C ILE C 362 -20.56 -38.91 15.78
N PHE C 363 -20.20 -40.19 15.93
CA PHE C 363 -21.19 -41.27 16.15
C PHE C 363 -21.55 -41.42 17.61
N PHE C 364 -20.71 -40.86 18.48
CA PHE C 364 -20.82 -40.98 19.93
C PHE C 364 -20.51 -39.68 20.61
N THR C 365 -21.26 -39.38 21.67
CA THR C 365 -20.85 -38.33 22.59
C THR C 365 -19.53 -38.69 23.22
N GLN C 366 -18.60 -37.73 23.18
CA GLN C 366 -17.25 -37.98 23.67
C GLN C 366 -16.92 -36.96 24.76
N ASP C 367 -16.58 -37.45 25.96
CA ASP C 367 -16.28 -36.63 27.13
C ASP C 367 -14.84 -36.90 27.53
N TRP C 368 -13.98 -35.90 27.43
CA TRP C 368 -12.54 -36.12 27.71
C TRP C 368 -12.11 -35.83 29.16
N VAL C 369 -13.07 -35.46 30.03
CA VAL C 369 -12.83 -35.14 31.45
C VAL C 369 -11.50 -34.44 31.70
N SER C 370 -11.37 -33.31 31.01
CA SER C 370 -10.28 -32.37 31.18
C SER C 370 -8.90 -32.81 30.69
N MET C 371 -8.83 -33.91 29.94
CA MET C 371 -7.62 -34.20 29.16
C MET C 371 -7.42 -33.04 28.18
N PRO C 372 -6.21 -32.42 28.17
CA PRO C 372 -5.98 -31.34 27.21
C PRO C 372 -6.22 -31.71 25.74
N GLY C 373 -6.50 -30.69 24.95
CA GLY C 373 -6.68 -30.85 23.52
C GLY C 373 -5.40 -30.76 22.74
N VAL C 374 -5.50 -31.10 21.46
CA VAL C 374 -4.39 -31.14 20.54
C VAL C 374 -4.62 -30.05 19.49
N ILE C 375 -3.57 -29.31 19.11
CA ILE C 375 -3.71 -28.31 18.05
C ILE C 375 -3.70 -28.97 16.69
N PRO C 376 -4.78 -28.77 15.89
CA PRO C 376 -4.75 -29.33 14.52
C PRO C 376 -3.86 -28.52 13.57
N VAL C 377 -3.22 -29.21 12.65
CA VAL C 377 -2.27 -28.58 11.72
C VAL C 377 -2.77 -28.76 10.31
N ALA C 378 -2.92 -27.66 9.57
CA ALA C 378 -3.35 -27.71 8.18
C ALA C 378 -2.13 -27.52 7.29
N SER C 379 -1.93 -28.39 6.31
CA SER C 379 -0.78 -28.23 5.40
C SER C 379 -1.13 -28.65 3.97
N GLY C 380 -0.15 -28.66 3.06
CA GLY C 380 -0.33 -29.28 1.75
C GLY C 380 -0.91 -28.43 0.62
N GLY C 381 -0.10 -27.56 0.05
CA GLY C 381 -0.49 -26.87 -1.18
C GLY C 381 -1.23 -25.57 -0.96
N ILE C 382 -0.92 -24.91 0.14
CA ILE C 382 -1.66 -23.71 0.52
C ILE C 382 -0.77 -22.48 0.44
N HIS C 383 -1.39 -21.34 0.18
CA HIS C 383 -0.68 -20.09 0.00
C HIS C 383 -1.53 -18.95 0.49
N VAL C 384 -1.06 -17.73 0.30
CA VAL C 384 -1.67 -16.57 0.95
C VAL C 384 -3.15 -16.40 0.64
N TRP C 385 -3.59 -16.75 -0.56
CA TRP C 385 -5.02 -16.57 -0.86
C TRP C 385 -5.93 -17.56 -0.10
N HIS C 386 -5.36 -18.61 0.49
CA HIS C 386 -6.16 -19.52 1.30
C HIS C 386 -6.33 -19.02 2.73
N MET C 387 -5.63 -17.97 3.12
CA MET C 387 -5.60 -17.60 4.52
C MET C 387 -7.01 -17.29 5.08
N PRO C 388 -7.86 -16.58 4.33
CA PRO C 388 -9.21 -16.35 4.89
C PRO C 388 -9.99 -17.62 5.18
N ALA C 389 -9.96 -18.56 4.24
CA ALA C 389 -10.74 -19.76 4.40
C ALA C 389 -10.16 -20.64 5.52
N LEU C 390 -8.84 -20.72 5.59
CA LEU C 390 -8.22 -21.52 6.65
C LEU C 390 -8.50 -20.92 8.03
N THR C 391 -8.43 -19.59 8.13
CA THR C 391 -8.68 -18.94 9.39
C THR C 391 -10.15 -19.16 9.79
N GLU C 392 -11.04 -19.10 8.81
CA GLU C 392 -12.46 -19.28 9.05
C GLU C 392 -12.83 -20.69 9.52
N ILE C 393 -12.24 -21.70 8.92
CA ILE C 393 -12.55 -23.10 9.18
C ILE C 393 -12.03 -23.55 10.54
N PHE C 394 -10.77 -23.22 10.81
CA PHE C 394 -10.09 -23.76 12.00
C PHE C 394 -10.13 -22.82 13.20
N GLY C 395 -10.36 -21.53 12.96
CA GLY C 395 -10.21 -20.56 14.04
C GLY C 395 -8.78 -20.45 14.56
N ASP C 396 -8.63 -19.81 15.73
CA ASP C 396 -7.31 -19.47 16.25
C ASP C 396 -6.50 -20.68 16.66
N ASP C 397 -7.14 -21.73 17.14
CA ASP C 397 -6.34 -22.83 17.69
C ASP C 397 -5.99 -23.84 16.62
N SER C 398 -5.02 -23.46 15.81
CA SER C 398 -4.56 -24.24 14.67
C SER C 398 -3.16 -23.81 14.34
N VAL C 399 -2.45 -24.66 13.59
CA VAL C 399 -1.23 -24.26 12.97
C VAL C 399 -1.48 -24.37 11.45
N LEU C 400 -1.15 -23.32 10.72
CA LEU C 400 -1.18 -23.30 9.27
C LEU C 400 0.25 -23.41 8.77
N GLN C 401 0.49 -24.47 8.03
CA GLN C 401 1.82 -24.95 7.74
C GLN C 401 2.03 -24.87 6.24
N PHE C 402 2.89 -23.96 5.84
CA PHE C 402 3.12 -23.69 4.45
C PHE C 402 4.34 -24.51 4.07
N GLY C 403 4.90 -24.27 2.92
CA GLY C 403 6.12 -24.97 2.53
C GLY C 403 6.48 -24.24 1.27
N GLY C 404 5.92 -24.69 0.16
CA GLY C 404 6.11 -24.02 -1.11
C GLY C 404 5.66 -22.58 -0.99
N GLY C 405 4.67 -22.34 -0.12
CA GLY C 405 4.07 -21.03 0.03
C GLY C 405 4.99 -20.02 0.71
N THR C 406 6.12 -20.49 1.23
CA THR C 406 7.12 -19.59 1.81
C THR C 406 8.40 -19.66 1.00
N LEU C 407 8.91 -20.88 0.79
CA LEU C 407 10.13 -21.08 0.03
C LEU C 407 9.93 -20.81 -1.47
N GLY C 408 8.68 -20.54 -1.88
CA GLY C 408 8.34 -20.23 -3.26
C GLY C 408 8.06 -18.75 -3.55
N HIS C 409 8.13 -17.91 -2.52
CA HIS C 409 8.02 -16.47 -2.73
C HIS C 409 9.18 -15.95 -3.62
N PRO C 410 8.89 -15.03 -4.57
CA PRO C 410 9.94 -14.64 -5.51
C PRO C 410 11.09 -13.86 -4.88
N TRP C 411 10.92 -13.38 -3.64
CA TRP C 411 11.93 -12.64 -2.92
C TRP C 411 12.65 -13.49 -1.84
N GLY C 412 12.28 -14.75 -1.73
CA GLY C 412 12.94 -15.69 -0.81
C GLY C 412 12.16 -15.89 0.48
N ASN C 413 12.79 -16.56 1.45
CA ASN C 413 12.08 -17.12 2.58
C ASN C 413 11.58 -16.05 3.55
N ALA C 414 12.40 -15.03 3.84
CA ALA C 414 12.00 -14.08 4.85
C ALA C 414 10.81 -13.24 4.34
N PRO C 415 10.89 -12.74 3.09
CA PRO C 415 9.70 -12.09 2.53
C PRO C 415 8.49 -13.03 2.35
N GLY C 416 8.72 -14.29 2.03
CA GLY C 416 7.64 -15.26 1.95
C GLY C 416 6.93 -15.45 3.30
N ALA C 417 7.71 -15.52 4.38
CA ALA C 417 7.15 -15.62 5.74
C ALA C 417 6.37 -14.37 6.12
N ALA C 418 6.96 -13.21 5.84
CA ALA C 418 6.35 -11.93 6.12
C ALA C 418 5.00 -11.80 5.40
N ALA C 419 4.98 -12.20 4.13
CA ALA C 419 3.73 -12.21 3.35
C ALA C 419 2.65 -13.06 4.01
N ASN C 420 3.02 -14.25 4.49
CA ASN C 420 2.05 -15.13 5.13
C ASN C 420 1.57 -14.56 6.47
N ARG C 421 2.50 -14.00 7.24
CA ARG C 421 2.16 -13.44 8.54
C ARG C 421 1.24 -12.22 8.37
N VAL C 422 1.54 -11.39 7.36
CA VAL C 422 0.72 -10.22 7.09
C VAL C 422 -0.68 -10.66 6.68
N ALA C 423 -0.77 -11.65 5.83
CA ALA C 423 -2.04 -12.09 5.31
C ALA C 423 -2.91 -12.59 6.45
N LEU C 424 -2.27 -13.37 7.33
CA LEU C 424 -2.97 -13.94 8.48
C LEU C 424 -3.44 -12.85 9.41
N GLU C 425 -2.55 -11.91 9.74
CA GLU C 425 -2.95 -10.85 10.65
C GLU C 425 -4.04 -9.94 10.06
N ALA C 426 -4.03 -9.74 8.76
CA ALA C 426 -5.06 -8.93 8.10
C ALA C 426 -6.42 -9.66 8.22
N CYS C 427 -6.38 -10.99 8.11
CA CYS C 427 -7.57 -11.82 8.26
C CYS C 427 -8.09 -11.78 9.68
N VAL C 428 -7.17 -11.90 10.65
CA VAL C 428 -7.57 -11.87 12.04
C VAL C 428 -8.13 -10.50 12.38
N GLN C 429 -7.47 -9.43 11.93
CA GLN C 429 -7.93 -8.07 12.21
C GLN C 429 -9.36 -7.89 11.70
N ALA C 430 -9.59 -8.32 10.47
CA ALA C 430 -10.86 -8.14 9.79
C ALA C 430 -11.97 -8.96 10.48
N ARG C 431 -11.65 -10.20 10.79
CA ARG C 431 -12.56 -11.07 11.52
C ARG C 431 -12.99 -10.45 12.82
N ASN C 432 -12.02 -9.94 13.58
CA ASN C 432 -12.29 -9.41 14.90
C ASN C 432 -13.14 -8.13 14.83
N GLU C 433 -13.03 -7.40 13.73
CA GLU C 433 -13.88 -6.23 13.51
C GLU C 433 -15.30 -6.64 13.11
N GLY C 434 -15.49 -7.92 12.83
CA GLY C 434 -16.80 -8.48 12.55
C GLY C 434 -17.09 -8.75 11.09
N ARG C 435 -16.07 -8.66 10.23
CA ARG C 435 -16.25 -8.99 8.83
C ARG C 435 -16.31 -10.49 8.62
N ASP C 436 -16.92 -10.87 7.51
CA ASP C 436 -17.11 -12.28 7.15
C ASP C 436 -16.00 -12.80 6.25
N LEU C 437 -15.13 -13.63 6.81
CA LEU C 437 -14.00 -14.14 6.06
C LEU C 437 -14.39 -14.98 4.86
N ALA C 438 -15.54 -15.65 4.94
CA ALA C 438 -16.02 -16.51 3.86
C ALA C 438 -16.49 -15.72 2.62
N ARG C 439 -16.90 -14.47 2.83
CA ARG C 439 -17.40 -13.63 1.76
C ARG C 439 -16.45 -12.51 1.38
N GLU C 440 -15.65 -12.04 2.33
CA GLU C 440 -14.82 -10.87 2.09
C GLU C 440 -13.33 -11.18 2.00
N GLY C 441 -12.98 -12.46 2.00
CA GLY C 441 -11.59 -12.91 2.05
C GLY C 441 -10.70 -12.29 1.01
N ASN C 442 -11.08 -12.43 -0.25
CA ASN C 442 -10.28 -11.86 -1.34
C ASN C 442 -10.12 -10.37 -1.20
N GLU C 443 -11.15 -9.68 -0.75
CA GLU C 443 -11.08 -8.23 -0.58
C GLU C 443 -10.09 -7.84 0.52
N ILE C 444 -10.12 -8.60 1.60
CA ILE C 444 -9.23 -8.36 2.73
C ILE C 444 -7.76 -8.53 2.32
N ILE C 445 -7.47 -9.58 1.55
CA ILE C 445 -6.12 -9.83 1.06
C ILE C 445 -5.71 -8.71 0.08
N ARG C 446 -6.57 -8.36 -0.87
CA ARG C 446 -6.19 -7.32 -1.84
C ARG C 446 -5.94 -5.97 -1.16
N ALA C 447 -6.72 -5.63 -0.14
CA ALA C 447 -6.48 -4.41 0.63
C ALA C 447 -5.13 -4.42 1.36
N ALA C 448 -4.72 -5.56 1.92
CA ALA C 448 -3.42 -5.63 2.57
C ALA C 448 -2.26 -5.49 1.53
N CYS C 449 -2.49 -5.94 0.30
CA CYS C 449 -1.49 -5.82 -0.77
C CYS C 449 -1.14 -4.34 -1.02
N LYS C 450 -2.04 -3.43 -0.68
CA LYS C 450 -1.79 -2.02 -0.99
C LYS C 450 -0.70 -1.43 -0.11
N TRP C 451 -0.43 -2.05 1.05
CA TRP C 451 0.60 -1.51 1.94
C TRP C 451 1.70 -2.50 2.25
N SER C 452 1.52 -3.75 1.86
CA SER C 452 2.56 -4.78 2.03
C SER C 452 3.13 -5.22 0.68
N PRO C 453 4.34 -4.73 0.34
CA PRO C 453 4.94 -5.15 -0.92
C PRO C 453 5.26 -6.65 -0.96
N GLU C 454 5.58 -7.22 0.20
CA GLU C 454 5.85 -8.66 0.31
C GLU C 454 4.59 -9.47 -0.03
N LEU C 455 3.44 -9.06 0.50
CA LEU C 455 2.21 -9.75 0.21
C LEU C 455 1.81 -9.55 -1.29
N ALA C 456 1.98 -8.34 -1.79
CA ALA C 456 1.60 -8.05 -3.17
C ALA C 456 2.37 -8.95 -4.14
N ALA C 457 3.67 -9.15 -3.86
CA ALA C 457 4.49 -10.01 -4.72
C ALA C 457 4.04 -11.46 -4.65
N ALA C 458 3.60 -11.89 -3.46
CA ALA C 458 3.08 -13.24 -3.27
C ALA C 458 1.79 -13.44 -4.06
N CYS C 459 0.93 -12.44 -4.04
CA CYS C 459 -0.40 -12.55 -4.65
C CYS C 459 -0.35 -12.50 -6.17
N GLU C 460 0.79 -12.12 -6.73
CA GLU C 460 0.97 -12.08 -8.17
C GLU C 460 1.35 -13.48 -8.66
N VAL C 461 2.14 -14.18 -7.85
CA VAL C 461 2.68 -15.47 -8.23
C VAL C 461 1.63 -16.58 -8.12
N TRP C 462 0.87 -16.56 -7.04
CA TRP C 462 -0.25 -17.47 -6.82
C TRP C 462 -1.55 -16.70 -7.02
N LYS C 463 -2.61 -17.37 -7.45
CA LYS C 463 -3.86 -16.69 -7.84
C LYS C 463 -5.01 -16.95 -6.87
N ALA C 464 -5.90 -15.96 -6.75
CA ALA C 464 -7.09 -16.07 -5.89
C ALA C 464 -7.96 -17.26 -6.30
N LEU D 22 5.50 -35.12 -16.86
CA LEU D 22 6.05 -36.48 -16.96
C LEU D 22 7.57 -36.53 -16.74
N THR D 23 8.13 -35.47 -16.15
CA THR D 23 9.50 -35.46 -15.60
C THR D 23 9.85 -36.73 -14.75
N TYR D 24 8.87 -37.22 -14.01
CA TYR D 24 9.06 -38.32 -13.07
C TYR D 24 8.67 -39.67 -13.66
N TYR D 25 8.26 -39.66 -14.93
CA TYR D 25 8.03 -40.90 -15.67
C TYR D 25 9.22 -41.12 -16.59
N THR D 26 10.00 -42.18 -16.34
CA THR D 26 11.29 -42.40 -17.02
C THR D 26 11.34 -43.86 -17.47
N PRO D 27 10.55 -44.21 -18.51
CA PRO D 27 10.33 -45.60 -18.86
C PRO D 27 11.53 -46.32 -19.41
N GLU D 28 12.64 -45.61 -19.63
CA GLU D 28 13.84 -46.28 -20.10
C GLU D 28 14.89 -46.39 -18.97
N TYR D 29 14.56 -45.91 -17.78
CA TYR D 29 15.50 -46.01 -16.65
C TYR D 29 15.87 -47.46 -16.32
N GLU D 30 17.17 -47.70 -16.18
CA GLU D 30 17.72 -48.95 -15.68
C GLU D 30 17.93 -48.86 -14.16
N THR D 31 17.28 -49.74 -13.41
CA THR D 31 17.36 -49.66 -11.96
C THR D 31 18.79 -49.99 -11.52
N LYS D 32 19.25 -49.26 -10.52
CA LYS D 32 20.54 -49.50 -9.87
C LYS D 32 20.45 -50.58 -8.81
N ASP D 33 21.54 -51.33 -8.61
CA ASP D 33 21.50 -52.42 -7.62
C ASP D 33 21.27 -51.98 -6.18
N THR D 34 21.43 -50.69 -5.93
CA THR D 34 21.20 -50.09 -4.63
C THR D 34 19.81 -49.42 -4.48
N ASP D 35 19.04 -49.31 -5.56
CA ASP D 35 17.69 -48.73 -5.49
C ASP D 35 16.73 -49.59 -4.63
N ILE D 36 15.85 -48.93 -3.90
CA ILE D 36 14.66 -49.60 -3.34
C ILE D 36 13.58 -49.46 -4.42
N LEU D 37 13.01 -50.58 -4.84
CA LEU D 37 11.98 -50.61 -5.89
C LEU D 37 10.62 -50.87 -5.27
N ALA D 38 9.60 -50.22 -5.77
CA ALA D 38 8.24 -50.45 -5.27
C ALA D 38 7.31 -50.77 -6.43
N ALA D 39 6.43 -51.74 -6.25
CA ALA D 39 5.36 -52.03 -7.22
C ALA D 39 4.02 -51.59 -6.63
N PHE D 40 3.45 -50.54 -7.21
CA PHE D 40 2.19 -49.97 -6.77
C PHE D 40 1.05 -50.36 -7.73
N ARG D 41 -0.07 -50.82 -7.17
CA ARG D 41 -1.31 -50.98 -7.94
C ARG D 41 -2.09 -49.67 -7.86
N VAL D 42 -2.09 -48.96 -8.97
CA VAL D 42 -2.57 -47.61 -9.06
C VAL D 42 -3.95 -47.55 -9.75
N SER D 43 -4.92 -46.89 -9.12
CA SER D 43 -6.24 -46.69 -9.74
C SER D 43 -6.49 -45.21 -9.94
N PRO D 44 -6.19 -44.69 -11.14
CA PRO D 44 -6.31 -43.24 -11.36
C PRO D 44 -7.77 -42.78 -11.38
N GLN D 45 -8.03 -41.53 -11.03
CA GLN D 45 -9.36 -40.95 -11.24
C GLN D 45 -9.65 -40.95 -12.75
N PRO D 46 -10.94 -40.99 -13.13
CA PRO D 46 -11.28 -40.82 -14.55
C PRO D 46 -10.64 -39.58 -15.17
N GLY D 47 -10.10 -39.74 -16.38
CA GLY D 47 -9.44 -38.65 -17.08
C GLY D 47 -7.99 -38.42 -16.68
N VAL D 48 -7.46 -39.22 -15.74
CA VAL D 48 -6.03 -39.13 -15.39
C VAL D 48 -5.28 -40.25 -16.11
N PRO D 49 -4.38 -39.90 -17.04
CA PRO D 49 -3.70 -40.99 -17.77
C PRO D 49 -2.75 -41.74 -16.86
N PRO D 50 -2.49 -43.02 -17.17
CA PRO D 50 -1.66 -43.85 -16.30
C PRO D 50 -0.26 -43.30 -16.10
N GLU D 51 0.32 -42.74 -17.16
CA GLU D 51 1.63 -42.10 -17.11
C GLU D 51 1.70 -40.95 -16.12
N GLU D 52 0.69 -40.10 -16.11
CA GLU D 52 0.67 -39.04 -15.12
C GLU D 52 0.46 -39.57 -13.70
N ALA D 53 -0.40 -40.59 -13.55
CA ALA D 53 -0.64 -41.16 -12.22
C ALA D 53 0.69 -41.72 -11.66
N GLY D 54 1.38 -42.48 -12.50
CA GLY D 54 2.65 -43.08 -12.14
C GLY D 54 3.68 -42.05 -11.76
N ALA D 55 3.82 -41.02 -12.61
CA ALA D 55 4.73 -39.92 -12.35
C ALA D 55 4.42 -39.21 -11.03
N ALA D 56 3.14 -39.04 -10.73
CA ALA D 56 2.74 -38.39 -9.47
C ALA D 56 3.06 -39.27 -8.27
N VAL D 57 2.86 -40.57 -8.40
CA VAL D 57 3.21 -41.50 -7.31
C VAL D 57 4.69 -41.28 -7.03
N ALA D 58 5.53 -41.27 -8.08
CA ALA D 58 6.96 -41.14 -7.91
C ALA D 58 7.30 -39.79 -7.32
N ALA D 59 6.65 -38.74 -7.81
CA ALA D 59 6.90 -37.40 -7.34
C ALA D 59 6.32 -37.21 -5.91
N GLU D 60 5.11 -37.71 -5.64
CA GLU D 60 4.49 -37.47 -4.34
C GLU D 60 5.05 -38.38 -3.24
N SER D 61 5.78 -39.43 -3.63
CA SER D 61 6.46 -40.30 -2.68
C SER D 61 7.96 -40.04 -2.67
N SER D 62 8.42 -39.00 -3.37
CA SER D 62 9.84 -38.63 -3.25
C SER D 62 10.00 -37.12 -3.08
N THR D 63 10.61 -36.45 -4.05
CA THR D 63 10.94 -35.05 -3.89
C THR D 63 9.65 -34.27 -4.01
N GLY D 64 9.32 -33.83 -5.22
CA GLY D 64 8.00 -33.29 -5.53
C GLY D 64 7.47 -32.14 -4.69
N THR D 65 7.19 -31.01 -5.34
CA THR D 65 6.58 -29.87 -4.66
C THR D 65 5.55 -29.20 -5.58
N TRP D 66 4.53 -28.59 -4.97
CA TRP D 66 3.41 -28.04 -5.73
C TRP D 66 3.78 -26.72 -6.42
N THR D 67 4.78 -26.02 -5.89
CA THR D 67 5.33 -24.81 -6.52
C THR D 67 6.86 -24.89 -6.47
N THR D 68 7.55 -24.17 -7.35
CA THR D 68 9.02 -24.24 -7.38
C THR D 68 9.65 -23.48 -6.20
N VAL D 69 10.74 -24.01 -5.65
CA VAL D 69 11.43 -23.37 -4.52
C VAL D 69 12.91 -23.09 -4.86
N TRP D 70 13.42 -21.95 -4.42
CA TRP D 70 14.78 -21.53 -4.77
C TRP D 70 15.86 -22.47 -4.20
N THR D 71 15.58 -23.16 -3.11
CA THR D 71 16.60 -24.01 -2.47
C THR D 71 16.99 -25.24 -3.32
N ASP D 72 16.14 -25.63 -4.27
CA ASP D 72 16.49 -26.74 -5.16
C ASP D 72 17.77 -26.44 -5.93
N GLY D 73 18.11 -25.15 -6.06
CA GLY D 73 19.32 -24.74 -6.75
C GLY D 73 20.57 -24.96 -5.92
N LEU D 74 20.40 -25.27 -4.63
CA LEU D 74 21.50 -25.53 -3.72
C LEU D 74 21.90 -27.01 -3.70
N THR D 75 21.12 -27.84 -4.40
CA THR D 75 21.46 -29.25 -4.48
C THR D 75 21.23 -29.80 -5.90
N SER D 76 21.36 -31.11 -6.05
CA SER D 76 21.07 -31.79 -7.31
C SER D 76 19.87 -32.68 -7.07
N LEU D 77 18.68 -32.21 -7.40
CA LEU D 77 17.46 -32.94 -7.04
C LEU D 77 17.33 -34.25 -7.82
N ASP D 78 17.90 -34.31 -9.03
CA ASP D 78 17.86 -35.57 -9.79
C ASP D 78 18.39 -36.73 -8.95
N ARG D 79 19.36 -36.44 -8.08
CA ARG D 79 19.95 -37.47 -7.23
C ARG D 79 18.97 -38.08 -6.21
N TYR D 80 17.88 -37.36 -5.90
CA TYR D 80 16.94 -37.80 -4.87
C TYR D 80 15.51 -38.10 -5.37
N LYS D 81 15.31 -38.04 -6.69
CA LYS D 81 13.97 -38.23 -7.20
C LYS D 81 13.69 -39.70 -7.23
N GLY D 82 12.48 -40.04 -6.83
CA GLY D 82 11.92 -41.32 -7.17
C GLY D 82 11.57 -41.21 -8.65
N ARG D 83 11.56 -42.33 -9.33
CA ARG D 83 11.28 -42.38 -10.77
C ARG D 83 10.34 -43.49 -11.02
N CYS D 84 9.25 -43.22 -11.71
CA CYS D 84 8.40 -44.28 -12.20
C CYS D 84 9.04 -44.78 -13.49
N TYR D 85 9.49 -46.02 -13.51
CA TYR D 85 10.30 -46.52 -14.65
C TYR D 85 9.61 -47.58 -15.50
N HIS D 86 8.40 -47.99 -15.12
CA HIS D 86 7.62 -48.98 -15.86
C HIS D 86 6.18 -48.91 -15.42
N ILE D 87 5.28 -48.99 -16.41
CA ILE D 87 3.84 -49.04 -16.15
C ILE D 87 3.28 -50.18 -16.96
N GLU D 88 2.45 -51.00 -16.33
CA GLU D 88 1.69 -52.02 -17.05
C GLU D 88 0.25 -52.09 -16.56
N PRO D 89 -0.69 -52.38 -17.47
CA PRO D 89 -2.08 -52.53 -17.06
C PRO D 89 -2.32 -53.79 -16.26
N VAL D 90 -3.44 -53.79 -15.54
CA VAL D 90 -3.89 -54.95 -14.78
C VAL D 90 -5.07 -55.53 -15.54
N ALA D 91 -5.04 -56.83 -15.76
CA ALA D 91 -6.10 -57.52 -16.47
C ALA D 91 -7.26 -57.80 -15.53
N GLY D 92 -8.48 -57.70 -16.05
CA GLY D 92 -9.66 -58.14 -15.33
C GLY D 92 -9.99 -57.28 -14.14
N GLU D 93 -9.50 -56.05 -14.16
CA GLU D 93 -9.88 -55.02 -13.20
C GLU D 93 -10.21 -53.79 -13.99
N ASP D 94 -10.99 -52.89 -13.39
CA ASP D 94 -11.34 -51.66 -14.07
C ASP D 94 -10.30 -50.58 -13.76
N SER D 95 -9.57 -50.17 -14.81
CA SER D 95 -8.74 -48.97 -14.79
C SER D 95 -7.68 -49.02 -13.67
N GLN D 96 -6.92 -50.10 -13.65
CA GLN D 96 -5.80 -50.30 -12.74
C GLN D 96 -4.53 -50.55 -13.53
N TRP D 97 -3.42 -50.03 -13.01
CA TRP D 97 -2.09 -50.24 -13.57
C TRP D 97 -1.10 -50.57 -12.45
N ILE D 98 -0.11 -51.40 -12.75
CA ILE D 98 1.05 -51.53 -11.88
C ILE D 98 2.10 -50.51 -12.30
N CYS D 99 2.44 -49.62 -11.38
CA CYS D 99 3.45 -48.60 -11.62
C CYS D 99 4.68 -48.91 -10.74
N TYR D 100 5.83 -49.03 -11.39
CA TYR D 100 7.10 -49.38 -10.70
C TYR D 100 7.89 -48.14 -10.45
N VAL D 101 8.32 -47.98 -9.20
CA VAL D 101 9.03 -46.78 -8.78
C VAL D 101 10.37 -47.15 -8.14
N ALA D 102 11.41 -46.40 -8.50
CA ALA D 102 12.76 -46.63 -7.96
C ALA D 102 13.16 -45.46 -7.09
N TYR D 103 13.61 -45.79 -5.88
CA TYR D 103 14.00 -44.83 -4.85
C TYR D 103 15.49 -44.98 -4.56
N PRO D 104 16.23 -43.85 -4.56
CA PRO D 104 17.66 -43.96 -4.26
C PRO D 104 17.95 -44.36 -2.81
N LEU D 105 19.03 -45.12 -2.65
CA LEU D 105 19.45 -45.64 -1.37
C LEU D 105 19.58 -44.54 -0.34
N ASP D 106 20.08 -43.39 -0.78
CA ASP D 106 20.32 -42.27 0.13
C ASP D 106 19.10 -41.66 0.76
N LEU D 107 17.90 -42.02 0.32
CA LEU D 107 16.70 -41.46 0.93
C LEU D 107 16.44 -42.03 2.31
N PHE D 108 17.02 -43.20 2.60
CA PHE D 108 16.59 -44.01 3.73
C PHE D 108 17.54 -44.04 4.91
N GLU D 109 16.98 -43.93 6.11
CA GLU D 109 17.79 -44.10 7.28
C GLU D 109 18.12 -45.61 7.47
N GLU D 110 19.42 -45.90 7.64
CA GLU D 110 19.90 -47.25 7.88
C GLU D 110 19.24 -47.91 9.10
N GLY D 111 18.78 -49.16 8.95
CA GLY D 111 18.23 -49.95 10.03
C GLY D 111 16.88 -49.50 10.57
N SER D 112 16.20 -48.63 9.83
CA SER D 112 14.89 -48.12 10.25
C SER D 112 13.77 -48.48 9.30
N VAL D 113 12.98 -49.47 9.68
CA VAL D 113 11.80 -49.81 8.90
C VAL D 113 10.82 -48.66 8.95
N THR D 114 10.77 -47.99 10.10
CA THR D 114 9.97 -46.79 10.27
C THR D 114 10.21 -45.78 9.18
N ASN D 115 11.47 -45.44 8.94
CA ASN D 115 11.77 -44.48 7.89
C ASN D 115 11.47 -44.98 6.49
N MET D 116 11.71 -46.25 6.23
CA MET D 116 11.42 -46.82 4.91
C MET D 116 9.91 -46.66 4.59
N PHE D 117 9.04 -46.93 5.58
CA PHE D 117 7.62 -46.77 5.34
C PHE D 117 7.21 -45.33 5.27
N THR D 118 7.77 -44.49 6.10
CA THR D 118 7.46 -43.07 6.02
C THR D 118 7.77 -42.54 4.64
N SER D 119 8.91 -42.93 4.13
CA SER D 119 9.42 -42.36 2.89
C SER D 119 8.61 -42.83 1.69
N ILE D 120 8.18 -44.09 1.71
CA ILE D 120 7.54 -44.67 0.52
C ILE D 120 6.00 -44.55 0.59
N VAL D 121 5.40 -44.84 1.75
CA VAL D 121 3.94 -44.88 1.87
C VAL D 121 3.40 -43.72 2.72
N GLY D 122 4.26 -42.77 3.09
CA GLY D 122 3.89 -41.73 4.06
C GLY D 122 2.82 -40.77 3.59
N ASN D 123 2.84 -40.48 2.30
CA ASN D 123 2.12 -39.36 1.75
C ASN D 123 1.21 -39.68 0.54
N VAL D 124 1.66 -40.59 -0.32
CA VAL D 124 1.06 -40.75 -1.66
C VAL D 124 -0.35 -41.40 -1.70
N PHE D 125 -0.77 -42.07 -0.64
CA PHE D 125 -2.05 -42.78 -0.69
C PHE D 125 -3.24 -41.80 -0.58
N GLY D 126 -2.97 -40.56 -0.24
CA GLY D 126 -4.01 -39.54 -0.17
C GLY D 126 -4.08 -38.64 -1.41
N PHE D 127 -3.29 -38.96 -2.44
CA PHE D 127 -3.21 -38.05 -3.59
C PHE D 127 -4.56 -38.04 -4.29
N LYS D 128 -5.11 -36.84 -4.51
CA LYS D 128 -6.48 -36.71 -5.04
C LYS D 128 -6.69 -37.21 -6.48
N ALA D 129 -5.65 -37.18 -7.31
CA ALA D 129 -5.77 -37.74 -8.66
C ALA D 129 -5.84 -39.28 -8.68
N LEU D 130 -5.76 -39.91 -7.51
CA LEU D 130 -5.94 -41.36 -7.44
C LEU D 130 -7.28 -41.68 -6.77
N ARG D 131 -7.94 -42.70 -7.29
CA ARG D 131 -9.11 -43.29 -6.66
C ARG D 131 -8.66 -44.24 -5.55
N ALA D 132 -7.55 -44.92 -5.79
CA ALA D 132 -7.09 -45.96 -4.83
C ALA D 132 -5.63 -46.28 -5.12
N LEU D 133 -4.93 -46.84 -4.14
CA LEU D 133 -3.51 -47.17 -4.29
C LEU D 133 -3.16 -48.29 -3.36
N ARG D 134 -2.48 -49.30 -3.89
CA ARG D 134 -1.98 -50.39 -3.07
C ARG D 134 -0.50 -50.65 -3.37
N LEU D 135 0.30 -50.74 -2.31
CA LEU D 135 1.69 -51.21 -2.43
C LEU D 135 1.72 -52.71 -2.42
N GLU D 136 2.15 -53.31 -3.53
CA GLU D 136 2.16 -54.75 -3.68
C GLU D 136 3.47 -55.43 -3.27
N ASP D 137 4.59 -54.77 -3.52
CA ASP D 137 5.92 -55.39 -3.26
C ASP D 137 6.99 -54.31 -3.19
N LEU D 138 8.09 -54.69 -2.56
CA LEU D 138 9.30 -53.87 -2.45
C LEU D 138 10.50 -54.73 -2.74
N ARG D 139 11.43 -54.18 -3.51
CA ARG D 139 12.74 -54.80 -3.69
C ARG D 139 13.69 -54.15 -2.73
N ILE D 140 14.00 -54.89 -1.68
CA ILE D 140 14.95 -54.40 -0.65
C ILE D 140 16.35 -54.80 -1.09
N PRO D 141 17.19 -53.84 -1.51
CA PRO D 141 18.53 -54.22 -1.96
C PRO D 141 19.44 -54.66 -0.79
N PRO D 142 20.41 -55.55 -1.04
CA PRO D 142 21.39 -55.98 -0.03
C PRO D 142 22.09 -54.81 0.66
N THR D 143 22.38 -53.72 -0.05
CA THR D 143 23.03 -52.59 0.53
C THR D 143 22.18 -51.94 1.65
N TYR D 144 20.85 -52.07 1.58
CA TYR D 144 20.01 -51.56 2.65
C TYR D 144 19.72 -52.64 3.71
N SER D 145 19.42 -53.87 3.31
CA SER D 145 19.08 -54.92 4.25
C SER D 145 20.23 -55.27 5.16
N LYS D 146 21.47 -55.11 4.70
CA LYS D 146 22.61 -55.41 5.59
C LYS D 146 22.73 -54.41 6.77
N THR D 147 21.97 -53.31 6.75
CA THR D 147 22.00 -52.38 7.88
C THR D 147 20.99 -52.74 8.97
N PHE D 148 20.35 -53.90 8.83
CA PHE D 148 19.34 -54.37 9.77
C PHE D 148 19.81 -55.64 10.47
N GLN D 149 19.50 -55.78 11.73
CA GLN D 149 19.79 -57.02 12.44
C GLN D 149 19.07 -58.20 11.81
N GLY D 150 17.78 -58.01 11.57
CA GLY D 150 16.91 -59.07 11.12
C GLY D 150 16.48 -59.93 12.31
N PRO D 151 16.06 -61.17 12.02
CA PRO D 151 15.58 -62.01 13.13
C PRO D 151 16.61 -62.18 14.25
N PRO D 152 16.14 -62.16 15.51
CA PRO D 152 17.06 -62.43 16.63
C PRO D 152 17.80 -63.74 16.48
N HIS D 153 17.14 -64.77 15.92
CA HIS D 153 17.75 -66.07 15.74
C HIS D 153 17.50 -66.66 14.37
N GLY D 154 16.22 -66.78 13.99
CA GLY D 154 15.88 -67.28 12.65
C GLY D 154 15.76 -68.79 12.65
N ILE D 155 15.33 -69.32 11.51
CA ILE D 155 14.84 -70.72 11.46
C ILE D 155 15.84 -71.74 11.97
N GLN D 156 17.05 -71.67 11.45
CA GLN D 156 18.01 -72.73 11.74
C GLN D 156 18.43 -72.66 13.21
N VAL D 157 18.71 -71.46 13.68
CA VAL D 157 19.13 -71.33 15.08
C VAL D 157 18.03 -71.80 16.02
N GLU D 158 16.80 -71.45 15.72
CA GLU D 158 15.68 -71.88 16.54
C GLU D 158 15.59 -73.39 16.63
N ARG D 159 15.73 -74.08 15.50
CA ARG D 159 15.64 -75.54 15.52
C ARG D 159 16.77 -76.09 16.39
N ASP D 160 17.95 -75.50 16.28
CA ASP D 160 19.10 -76.00 17.04
C ASP D 160 18.92 -75.75 18.54
N LYS D 161 18.39 -74.59 18.89
CA LYS D 161 18.20 -74.26 20.30
C LYS D 161 17.17 -75.19 20.95
N LEU D 162 16.13 -75.51 20.19
CA LEU D 162 15.02 -76.28 20.73
C LEU D 162 15.22 -77.78 20.52
N ASN D 163 16.27 -78.13 19.77
CA ASN D 163 16.57 -79.52 19.41
C ASN D 163 15.36 -80.20 18.71
N LYS D 164 14.76 -79.51 17.75
CA LYS D 164 13.59 -80.00 17.05
C LYS D 164 13.84 -79.98 15.54
N TYR D 165 13.78 -81.17 14.96
CA TYR D 165 14.10 -81.34 13.56
C TYR D 165 13.08 -82.21 12.85
N GLY D 166 12.82 -81.87 11.60
CA GLY D 166 12.18 -82.79 10.66
C GLY D 166 10.66 -82.83 10.72
N ARG D 167 10.04 -81.83 11.33
CA ARG D 167 8.59 -81.73 11.34
C ARG D 167 8.22 -80.29 11.63
N PRO D 168 7.01 -79.86 11.23
CA PRO D 168 6.46 -78.59 11.70
C PRO D 168 6.40 -78.58 13.21
N LEU D 169 6.55 -77.41 13.81
CA LEU D 169 6.30 -77.24 15.23
C LEU D 169 4.80 -77.10 15.48
N LEU D 170 4.36 -77.37 16.70
CA LEU D 170 2.93 -77.35 17.07
C LEU D 170 2.70 -76.47 18.26
N GLY D 171 1.67 -75.65 18.17
CA GLY D 171 1.29 -74.78 19.26
C GLY D 171 -0.20 -74.72 19.45
N CYS D 172 -0.60 -74.12 20.57
CA CYS D 172 -2.00 -73.91 20.88
C CYS D 172 -2.18 -72.58 21.58
N THR D 173 -3.15 -71.79 21.15
CA THR D 173 -3.44 -70.53 21.82
C THR D 173 -4.43 -70.78 22.95
N ILE D 174 -4.15 -70.24 24.13
CA ILE D 174 -4.99 -70.52 25.29
C ILE D 174 -6.27 -69.72 25.23
N LYS D 175 -7.39 -70.43 25.28
CA LYS D 175 -8.72 -69.84 25.21
C LYS D 175 -9.49 -70.24 26.47
N PRO D 176 -10.39 -69.38 26.95
CA PRO D 176 -10.73 -68.06 26.38
C PRO D 176 -9.60 -67.07 26.56
N LYS D 177 -9.42 -66.10 25.67
CA LYS D 177 -8.31 -65.16 25.83
C LYS D 177 -8.42 -64.45 27.17
N LEU D 178 -9.55 -63.77 27.43
CA LEU D 178 -9.79 -63.17 28.76
C LEU D 178 -10.87 -63.94 29.51
N GLY D 179 -10.70 -64.03 30.83
CA GLY D 179 -11.62 -64.75 31.70
C GLY D 179 -10.88 -65.41 32.86
N LEU D 180 -9.87 -66.21 32.53
CA LEU D 180 -9.16 -66.98 33.52
C LEU D 180 -8.31 -66.13 34.49
N SER D 181 -8.15 -66.65 35.71
CA SER D 181 -7.04 -66.28 36.58
C SER D 181 -5.75 -66.70 35.90
N ALA D 182 -4.65 -66.06 36.27
CA ALA D 182 -3.33 -66.44 35.81
C ALA D 182 -3.04 -67.91 36.12
N LYS D 183 -3.40 -68.37 37.31
CA LYS D 183 -3.19 -69.78 37.64
C LYS D 183 -3.98 -70.74 36.76
N ASN D 184 -5.25 -70.46 36.50
CA ASN D 184 -6.06 -71.35 35.65
C ASN D 184 -5.54 -71.32 34.22
N TYR D 185 -5.05 -70.16 33.80
CA TYR D 185 -4.43 -70.05 32.49
C TYR D 185 -3.18 -70.93 32.38
N GLY D 186 -2.34 -70.88 33.40
CA GLY D 186 -1.16 -71.73 33.45
C GLY D 186 -1.47 -73.21 33.48
N ARG D 187 -2.54 -73.56 34.16
CA ARG D 187 -2.96 -74.96 34.21
C ARG D 187 -3.27 -75.48 32.78
N ALA D 188 -4.02 -74.69 32.02
CA ALA D 188 -4.32 -75.01 30.63
C ALA D 188 -3.05 -75.19 29.80
N CYS D 189 -2.06 -74.31 29.99
CA CYS D 189 -0.77 -74.39 29.33
C CYS D 189 -0.04 -75.70 29.63
N TYR D 190 0.07 -76.05 30.92
CA TYR D 190 0.71 -77.31 31.32
C TYR D 190 0.07 -78.52 30.63
N GLU D 191 -1.26 -78.58 30.67
CA GLU D 191 -1.98 -79.75 30.12
C GLU D 191 -1.77 -79.85 28.59
N CYS D 192 -1.79 -78.73 27.87
CA CYS D 192 -1.44 -78.73 26.44
C CYS D 192 0.00 -79.18 26.13
N LEU D 193 0.97 -78.57 26.81
CA LEU D 193 2.37 -78.88 26.59
C LEU D 193 2.70 -80.35 26.91
N ARG D 194 2.09 -80.90 27.95
CA ARG D 194 2.47 -82.23 28.41
C ARG D 194 1.95 -83.28 27.44
N GLY D 195 0.94 -82.92 26.65
CA GLY D 195 0.40 -83.80 25.63
C GLY D 195 1.18 -83.93 24.33
N GLY D 196 2.19 -83.07 24.13
CA GLY D 196 2.98 -83.16 22.93
C GLY D 196 3.08 -81.91 22.08
N LEU D 197 2.48 -80.79 22.49
CA LEU D 197 2.69 -79.54 21.78
C LEU D 197 4.03 -78.98 22.19
N ASP D 198 4.66 -78.26 21.29
CA ASP D 198 5.92 -77.62 21.57
C ASP D 198 5.73 -76.26 22.30
N PHE D 199 4.66 -75.60 21.92
CA PHE D 199 4.36 -74.31 22.45
C PHE D 199 2.90 -74.02 22.80
N THR D 200 2.70 -73.14 23.77
CA THR D 200 1.43 -72.57 24.09
C THR D 200 1.60 -71.07 23.82
N ASP D 202 -0.01 -66.83 24.35
CA ASP D 202 -0.87 -65.81 24.89
C ASP D 202 -1.66 -65.26 23.68
N ASP D 203 -2.95 -65.09 23.85
CA ASP D 203 -3.74 -64.47 22.85
C ASP D 203 -3.23 -63.04 22.67
N GLU D 204 -3.36 -62.52 21.47
CA GLU D 204 -2.88 -61.21 21.16
C GLU D 204 -3.43 -60.14 22.09
N ASN D 205 -4.64 -60.32 22.51
CA ASN D 205 -5.30 -59.36 23.38
C ASN D 205 -4.78 -59.39 24.83
N VAL D 206 -4.15 -60.51 25.19
CA VAL D 206 -3.64 -60.74 26.54
C VAL D 206 -2.31 -60.03 26.69
N ASN D 207 -2.30 -58.90 27.40
CA ASN D 207 -1.08 -58.16 27.68
C ASN D 207 -1.02 -58.11 29.22
N SER D 208 -1.63 -57.10 29.81
CA SER D 208 -1.84 -57.05 31.28
C SER D 208 -3.21 -56.40 31.55
N GLN D 209 -4.06 -57.09 32.31
CA GLN D 209 -5.46 -56.68 32.48
C GLN D 209 -5.90 -57.02 33.91
N PRO D 210 -6.99 -56.41 34.37
CA PRO D 210 -7.39 -56.52 35.80
C PRO D 210 -7.38 -57.93 36.45
N PHE D 211 -7.92 -58.90 35.76
N PHE D 211 -7.93 -58.90 35.75
CA PHE D 211 -7.99 -60.23 36.32
CA PHE D 211 -8.02 -60.24 36.30
C PHE D 211 -6.76 -61.06 36.06
C PHE D 211 -6.87 -61.15 35.88
N MET D 212 -5.91 -60.60 35.15
CA MET D 212 -4.67 -61.31 34.87
C MET D 212 -3.54 -60.35 34.51
N ARG D 213 -2.83 -59.93 35.56
CA ARG D 213 -1.70 -59.04 35.41
C ARG D 213 -0.51 -59.86 34.84
N TRP D 214 0.29 -59.21 34.00
CA TRP D 214 1.31 -59.94 33.22
C TRP D 214 2.32 -60.70 34.10
N ARG D 215 2.72 -60.15 35.24
CA ARG D 215 3.82 -60.80 35.94
C ARG D 215 3.33 -62.09 36.60
N ASP D 216 2.10 -62.05 37.10
CA ASP D 216 1.42 -63.27 37.62
C ASP D 216 1.34 -64.34 36.53
N ARG D 217 0.89 -63.94 35.35
CA ARG D 217 0.78 -64.87 34.23
C ARG D 217 2.17 -65.47 33.89
N PHE D 218 3.21 -64.64 33.90
CA PHE D 218 4.56 -65.11 33.54
C PHE D 218 5.06 -66.14 34.56
N VAL D 219 4.76 -65.93 35.85
CA VAL D 219 5.13 -66.88 36.89
C VAL D 219 4.43 -68.23 36.69
N PHE D 220 3.12 -68.24 36.49
CA PHE D 220 2.40 -69.51 36.42
C PHE D 220 2.69 -70.22 35.10
N CYS D 221 2.84 -69.46 34.01
CA CYS D 221 3.21 -70.07 32.73
C CYS D 221 4.62 -70.71 32.80
N ALA D 222 5.56 -70.07 33.48
CA ALA D 222 6.88 -70.64 33.67
C ALA D 222 6.79 -71.97 34.45
N GLU D 223 5.99 -71.99 35.51
CA GLU D 223 5.83 -73.19 36.30
C GLU D 223 5.33 -74.28 35.38
N ALA D 224 4.36 -73.93 34.53
CA ALA D 224 3.78 -74.88 33.59
C ALA D 224 4.79 -75.35 32.53
N ILE D 225 5.57 -74.43 31.96
CA ILE D 225 6.63 -74.81 31.01
C ILE D 225 7.59 -75.85 31.60
N TYR D 226 8.09 -75.56 32.78
CA TYR D 226 9.09 -76.43 33.41
C TYR D 226 8.49 -77.75 33.87
N LYS D 227 7.23 -77.74 34.30
CA LYS D 227 6.60 -79.00 34.71
C LYS D 227 6.42 -79.96 33.51
N SER D 228 5.89 -79.41 32.41
CA SER D 228 5.67 -80.19 31.19
C SER D 228 6.99 -80.66 30.56
N GLN D 229 8.02 -79.80 30.57
CA GLN D 229 9.33 -80.17 30.04
C GLN D 229 9.97 -81.31 30.83
N ALA D 230 9.87 -81.23 32.15
CA ALA D 230 10.38 -82.28 33.03
C ALA D 230 9.62 -83.58 32.83
N GLU D 231 8.32 -83.49 32.60
CA GLU D 231 7.48 -84.68 32.44
C GLU D 231 7.74 -85.41 31.11
N THR D 232 7.84 -84.64 30.03
CA THR D 232 7.98 -85.22 28.68
C THR D 232 9.42 -85.45 28.23
N GLY D 233 10.37 -84.70 28.80
CA GLY D 233 11.73 -84.74 28.33
C GLY D 233 12.05 -83.91 27.11
N GLU D 234 11.05 -83.23 26.54
CA GLU D 234 11.22 -82.36 25.37
C GLU D 234 11.20 -80.88 25.80
N ILE D 235 11.90 -80.02 25.07
CA ILE D 235 11.90 -78.60 25.36
C ILE D 235 10.55 -77.98 25.01
N LYS D 236 10.08 -77.12 25.91
CA LYS D 236 8.76 -76.51 25.84
C LYS D 236 8.86 -75.01 25.98
N GLY D 237 7.90 -74.31 25.40
CA GLY D 237 7.83 -72.87 25.57
C GLY D 237 6.41 -72.35 25.54
N HIS D 238 6.26 -71.11 26.00
CA HIS D 238 4.98 -70.41 25.95
C HIS D 238 5.27 -69.02 25.45
N TYR D 239 4.59 -68.58 24.40
CA TYR D 239 4.90 -67.25 23.86
C TYR D 239 4.32 -66.23 24.80
N LEU D 240 5.18 -65.68 25.63
CA LEU D 240 4.78 -64.69 26.63
C LEU D 240 4.71 -63.29 26.00
N ASN D 241 3.52 -62.69 26.04
CA ASN D 241 3.28 -61.46 25.30
C ASN D 241 3.88 -60.27 26.02
N ALA D 242 4.86 -59.63 25.38
CA ALA D 242 5.52 -58.45 25.93
C ALA D 242 4.90 -57.16 25.40
N THR D 243 3.91 -57.27 24.51
CA THR D 243 3.32 -56.09 23.89
C THR D 243 2.79 -55.19 25.01
N ALA D 244 3.03 -53.89 24.91
CA ALA D 244 2.66 -52.99 26.01
C ALA D 244 2.47 -51.58 25.50
N GLY D 245 2.00 -50.70 26.40
CA GLY D 245 1.71 -49.33 26.05
C GLY D 245 2.86 -48.40 25.80
N THR D 246 4.01 -48.73 26.43
CA THR D 246 5.26 -48.00 26.33
C THR D 246 6.45 -48.95 26.15
N CYS D 247 7.54 -48.41 25.64
CA CYS D 247 8.78 -49.18 25.45
C CYS D 247 9.31 -49.70 26.77
N GLU D 248 9.20 -48.85 27.79
CA GLU D 248 9.70 -49.25 29.12
C GLU D 248 8.95 -50.47 29.66
N GLU D 249 7.63 -50.47 29.54
CA GLU D 249 6.82 -51.62 29.95
C GLU D 249 7.14 -52.86 29.13
N MET D 250 7.28 -52.70 27.81
CA MET D 250 7.60 -53.84 26.94
C MET D 250 8.90 -54.50 27.40
N ILE D 251 9.90 -53.69 27.63
CA ILE D 251 11.20 -54.25 28.02
C ILE D 251 11.16 -54.84 29.45
N LYS D 252 10.40 -54.24 30.39
CA LYS D 252 10.28 -54.85 31.70
C LYS D 252 9.77 -56.29 31.62
N ARG D 253 8.87 -56.53 30.68
CA ARG D 253 8.26 -57.84 30.53
C ARG D 253 9.27 -58.84 29.97
N ALA D 254 9.97 -58.43 28.92
CA ALA D 254 11.08 -59.23 28.34
C ALA D 254 12.20 -59.53 29.37
N VAL D 255 12.49 -58.55 30.22
CA VAL D 255 13.49 -58.73 31.28
C VAL D 255 13.08 -59.81 32.28
N PHE D 256 11.80 -59.88 32.63
CA PHE D 256 11.39 -60.89 33.61
C PHE D 256 11.39 -62.28 32.96
N ALA D 257 10.99 -62.34 31.68
CA ALA D 257 11.10 -63.60 30.94
C ALA D 257 12.56 -64.09 30.90
N ARG D 258 13.49 -63.18 30.67
CA ARG D 258 14.90 -63.47 30.76
C ARG D 258 15.28 -64.05 32.13
N GLU D 259 14.82 -63.42 33.19
CA GLU D 259 15.13 -63.89 34.56
C GLU D 259 14.60 -65.30 34.76
N LEU D 260 13.42 -65.60 34.22
CA LEU D 260 12.77 -66.92 34.38
C LEU D 260 13.45 -68.01 33.58
N GLY D 261 14.27 -67.60 32.63
CA GLY D 261 15.04 -68.50 31.79
C GLY D 261 14.27 -69.17 30.70
N VAL D 262 13.10 -68.62 30.34
CA VAL D 262 12.25 -69.27 29.37
C VAL D 262 12.74 -68.94 27.96
N PRO D 263 12.28 -69.71 26.97
CA PRO D 263 12.91 -69.57 25.65
C PRO D 263 12.30 -68.55 24.68
N ILE D 264 11.06 -68.10 24.90
CA ILE D 264 10.36 -67.34 23.86
C ILE D 264 9.40 -66.33 24.43
N VAL D 265 9.39 -65.15 23.82
CA VAL D 265 8.40 -64.11 24.09
C VAL D 265 7.72 -63.73 22.77
N MET D 266 6.71 -62.87 22.89
CA MET D 266 5.84 -62.51 21.79
C MET D 266 5.65 -60.99 21.67
N HIS D 267 5.44 -60.53 20.43
CA HIS D 267 5.11 -59.11 20.20
C HIS D 267 4.10 -58.98 19.07
N ASP D 268 3.18 -58.03 19.24
CA ASP D 268 2.19 -57.64 18.23
C ASP D 268 2.84 -56.49 17.42
N TYR D 269 3.52 -56.75 16.31
CA TYR D 269 4.40 -55.71 15.75
C TYR D 269 3.72 -54.57 15.07
N LEU D 270 2.53 -54.75 14.54
CA LEU D 270 1.82 -53.66 13.92
C LEU D 270 1.10 -52.75 14.90
N THR D 271 0.49 -53.31 15.94
CA THR D 271 -0.14 -52.44 16.93
C THR D 271 0.89 -51.83 17.93
N GLY D 272 1.94 -52.57 18.32
CA GLY D 272 3.03 -51.97 19.09
C GLY D 272 3.84 -51.02 18.21
N GLY D 273 4.09 -51.42 16.96
CA GLY D 273 4.78 -50.55 16.01
C GLY D 273 6.23 -50.93 15.77
N PHE D 274 6.76 -50.44 14.66
CA PHE D 274 8.08 -50.84 14.22
C PHE D 274 9.23 -50.32 15.06
N THR D 275 9.12 -49.13 15.64
CA THR D 275 10.21 -48.63 16.49
C THR D 275 10.32 -49.53 17.75
N ALA D 276 9.19 -49.81 18.38
CA ALA D 276 9.19 -50.74 19.51
C ALA D 276 9.62 -52.16 19.12
N ASN D 277 9.15 -52.65 17.97
CA ASN D 277 9.49 -54.00 17.58
C ASN D 277 10.99 -54.18 17.38
N THR D 278 11.63 -53.19 16.74
CA THR D 278 13.05 -53.28 16.45
C THR D 278 13.83 -53.26 17.78
N THR D 279 13.42 -52.40 18.72
CA THR D 279 13.98 -52.40 20.08
C THR D 279 13.89 -53.78 20.74
N LEU D 280 12.71 -54.40 20.66
CA LEU D 280 12.52 -55.73 21.26
C LEU D 280 13.37 -56.80 20.57
N ALA D 281 13.48 -56.73 19.24
CA ALA D 281 14.26 -57.68 18.50
C ALA D 281 15.74 -57.57 18.91
N HIS D 282 16.21 -56.36 19.14
CA HIS D 282 17.58 -56.23 19.62
C HIS D 282 17.77 -56.80 21.01
N TYR D 283 16.81 -56.54 21.90
CA TYR D 283 16.85 -57.11 23.26
C TYR D 283 16.90 -58.65 23.17
N CYS D 284 16.07 -59.21 22.29
CA CYS D 284 16.00 -60.67 22.19
C CYS D 284 17.30 -61.28 21.67
N ARG D 285 17.92 -60.62 20.70
CA ARG D 285 19.24 -61.03 20.22
C ARG D 285 20.27 -61.00 21.37
N ASP D 286 20.21 -59.92 22.15
CA ASP D 286 21.17 -59.68 23.21
C ASP D 286 21.03 -60.64 24.39
N ASN D 287 19.89 -61.33 24.51
CA ASN D 287 19.55 -62.09 25.71
C ASN D 287 19.09 -63.51 25.40
N GLY D 288 19.22 -63.94 24.14
CA GLY D 288 18.98 -65.31 23.74
C GLY D 288 17.52 -65.74 23.71
N LEU D 289 16.62 -64.78 23.57
CA LEU D 289 15.18 -65.05 23.53
C LEU D 289 14.64 -65.16 22.10
N LEU D 290 13.88 -66.20 21.81
CA LEU D 290 13.13 -66.27 20.56
C LEU D 290 11.99 -65.29 20.63
N LEU D 291 11.57 -64.82 19.46
CA LEU D 291 10.57 -63.75 19.36
C LEU D 291 9.48 -64.14 18.36
N HIS D 292 8.32 -64.48 18.91
CA HIS D 292 7.13 -64.78 18.15
C HIS D 292 6.37 -63.52 17.81
N ILE D 293 6.11 -63.31 16.51
CA ILE D 293 5.40 -62.13 16.06
C ILE D 293 3.99 -62.43 15.61
N HIS D 294 3.05 -61.76 16.25
CA HIS D 294 1.65 -61.77 15.84
C HIS D 294 1.31 -60.53 15.00
N ARG D 295 0.42 -60.70 14.05
CA ARG D 295 0.18 -59.65 13.06
C ARG D 295 -1.20 -59.00 13.26
N ALA D 296 -1.64 -58.83 14.51
CA ALA D 296 -2.89 -58.09 14.76
C ALA D 296 -2.96 -56.80 13.98
N MET D 297 -4.16 -56.55 13.45
CA MET D 297 -4.53 -55.39 12.65
C MET D 297 -4.09 -55.48 11.15
N HIS D 298 -3.39 -56.54 10.75
CA HIS D 298 -2.88 -56.60 9.37
C HIS D 298 -4.01 -56.42 8.34
N ALA D 299 -5.18 -56.98 8.60
CA ALA D 299 -6.26 -56.94 7.63
C ALA D 299 -6.91 -55.56 7.47
N VAL D 300 -6.68 -54.65 8.41
CA VAL D 300 -7.05 -53.24 8.22
C VAL D 300 -6.35 -52.66 6.97
N ILE D 301 -5.13 -53.12 6.74
CA ILE D 301 -4.19 -52.65 5.71
C ILE D 301 -4.17 -53.54 4.45
N ASP D 302 -4.24 -54.85 4.65
CA ASP D 302 -3.80 -55.79 3.62
C ASP D 302 -4.93 -56.60 2.95
N ARG D 303 -6.18 -56.34 3.32
CA ARG D 303 -7.30 -57.17 2.87
C ARG D 303 -7.72 -56.85 1.43
N GLN D 304 -7.89 -55.57 1.15
CA GLN D 304 -8.52 -55.14 -0.09
C GLN D 304 -7.51 -55.07 -1.25
N LYS D 305 -7.90 -55.63 -2.39
CA LYS D 305 -7.00 -55.63 -3.55
C LYS D 305 -6.74 -54.23 -4.12
N ASN D 306 -7.67 -53.30 -3.98
CA ASN D 306 -7.49 -52.00 -4.57
C ASN D 306 -6.71 -50.98 -3.74
N HIS D 307 -6.61 -51.18 -2.43
CA HIS D 307 -6.05 -50.14 -1.55
C HIS D 307 -5.43 -50.72 -0.30
N GLY D 308 -4.23 -50.23 0.02
CA GLY D 308 -3.53 -50.63 1.24
C GLY D 308 -2.12 -51.09 0.91
N MET D 309 -1.70 -52.12 1.61
CA MET D 309 -0.42 -52.80 1.40
C MET D 309 -0.62 -54.27 1.50
N HIS D 310 -0.10 -55.00 0.52
CA HIS D 310 -0.19 -56.45 0.56
C HIS D 310 0.63 -56.97 1.74
N PHE D 311 0.20 -58.09 2.29
CA PHE D 311 0.89 -58.64 3.45
C PHE D 311 2.37 -58.96 3.16
N ARG D 312 2.72 -59.26 1.92
CA ARG D 312 4.12 -59.62 1.66
C ARG D 312 5.05 -58.45 1.95
N VAL D 313 4.55 -57.22 1.81
CA VAL D 313 5.33 -56.04 2.18
C VAL D 313 5.52 -55.98 3.72
N LEU D 314 4.45 -56.20 4.45
CA LEU D 314 4.50 -56.24 5.91
C LEU D 314 5.38 -57.37 6.41
N ALA D 315 5.40 -58.47 5.65
CA ALA D 315 6.22 -59.63 5.99
C ALA D 315 7.71 -59.30 5.78
N LYS D 316 8.07 -58.69 4.65
CA LYS D 316 9.45 -58.27 4.45
C LYS D 316 9.92 -57.32 5.53
N ALA D 317 9.07 -56.36 5.88
CA ALA D 317 9.38 -55.37 6.92
C ALA D 317 9.63 -56.06 8.26
N LEU D 318 8.83 -57.08 8.59
CA LEU D 318 9.07 -57.81 9.83
C LEU D 318 10.40 -58.54 9.78
N ARG D 319 10.72 -59.20 8.67
CA ARG D 319 12.00 -59.90 8.61
C ARG D 319 13.15 -58.94 8.87
N MET D 320 13.06 -57.71 8.32
CA MET D 320 14.08 -56.67 8.55
C MET D 320 14.15 -56.17 10.03
N SER D 321 13.01 -55.79 10.57
CA SER D 321 12.89 -55.24 11.90
C SER D 321 13.25 -56.30 12.93
N GLY D 322 12.70 -57.50 12.74
CA GLY D 322 13.14 -58.66 13.47
C GLY D 322 12.04 -59.49 14.07
N GLY D 323 12.06 -60.77 13.76
CA GLY D 323 11.23 -61.72 14.47
C GLY D 323 11.66 -63.11 14.09
N ASP D 324 11.39 -64.10 14.93
CA ASP D 324 11.76 -65.49 14.65
C ASP D 324 10.59 -66.32 14.08
N HIS D 325 9.36 -65.97 14.48
CA HIS D 325 8.12 -66.52 13.93
C HIS D 325 7.25 -65.38 13.45
N ILE D 326 6.41 -65.59 12.44
CA ILE D 326 5.36 -64.62 12.09
C ILE D 326 4.11 -65.32 11.59
N HIS D 327 2.97 -64.90 12.14
CA HIS D 327 1.69 -65.37 11.65
C HIS D 327 1.53 -65.07 10.18
N SER D 328 1.09 -66.08 9.44
CA SER D 328 1.14 -66.09 8.00
C SER D 328 -0.14 -66.54 7.32
N GLY D 329 -1.12 -66.96 8.11
CA GLY D 329 -2.44 -67.15 7.59
C GLY D 329 -3.07 -68.38 8.15
N THR D 330 -3.99 -68.93 7.37
CA THR D 330 -4.66 -70.16 7.73
C THR D 330 -4.56 -71.16 6.56
N VAL D 331 -4.40 -70.65 5.33
CA VAL D 331 -4.55 -71.40 4.07
C VAL D 331 -5.46 -72.66 4.08
N VAL D 332 -6.71 -72.52 4.53
CA VAL D 332 -7.69 -73.63 4.47
C VAL D 332 -9.04 -73.27 5.11
N GLY D 333 -10.05 -74.12 4.91
CA GLY D 333 -11.29 -74.07 5.66
C GLY D 333 -11.08 -73.78 7.14
N GLY D 337 -7.32 -67.75 1.63
CA GLY D 337 -6.70 -67.02 0.53
C GLY D 337 -6.30 -67.89 -0.65
N GLU D 338 -5.49 -67.32 -1.54
CA GLU D 338 -4.95 -68.05 -2.68
C GLU D 338 -3.64 -68.74 -2.29
N ARG D 339 -3.57 -70.02 -2.63
CA ARG D 339 -2.45 -70.83 -2.29
C ARG D 339 -1.13 -70.26 -2.83
N GLU D 340 -1.15 -69.81 -4.09
CA GLU D 340 0.09 -69.42 -4.74
C GLU D 340 0.64 -68.15 -4.11
N MET D 341 -0.23 -67.22 -3.74
CA MET D 341 0.22 -65.97 -3.12
C MET D 341 0.82 -66.23 -1.73
N THR D 342 0.24 -67.17 -0.99
CA THR D 342 0.77 -67.54 0.31
C THR D 342 2.12 -68.22 0.18
N LEU D 343 2.26 -69.13 -0.78
CA LEU D 343 3.53 -69.81 -0.99
C LEU D 343 4.58 -68.78 -1.39
N GLY D 344 4.15 -67.76 -2.11
CA GLY D 344 5.05 -66.71 -2.53
C GLY D 344 5.66 -65.97 -1.35
N PHE D 345 4.83 -65.46 -0.43
CA PHE D 345 5.40 -64.68 0.66
C PHE D 345 5.99 -65.57 1.74
N VAL D 346 5.61 -66.85 1.80
CA VAL D 346 6.32 -67.76 2.68
C VAL D 346 7.77 -67.92 2.20
N ASP D 347 7.99 -68.01 0.90
CA ASP D 347 9.38 -68.09 0.44
C ASP D 347 10.13 -66.78 0.74
N LEU D 348 9.46 -65.64 0.58
CA LEU D 348 10.08 -64.37 0.91
C LEU D 348 10.47 -64.29 2.37
N LEU D 349 9.72 -64.96 3.24
CA LEU D 349 10.03 -64.97 4.69
C LEU D 349 11.15 -65.92 5.09
N ARG D 350 11.26 -67.04 4.37
CA ARG D 350 12.12 -68.15 4.76
C ARG D 350 13.43 -68.22 3.99
N ASP D 351 13.40 -67.92 2.69
CA ASP D 351 14.50 -68.29 1.82
C ASP D 351 15.54 -67.20 1.73
N ASP D 352 16.71 -67.57 1.21
CA ASP D 352 17.82 -66.62 1.02
C ASP D 352 17.68 -65.84 -0.30
N PHE D 353 17.18 -66.50 -1.32
CA PHE D 353 17.10 -65.90 -2.64
C PHE D 353 15.80 -66.31 -3.26
N ILE D 354 15.00 -65.33 -3.64
CA ILE D 354 13.66 -65.60 -4.20
C ILE D 354 13.56 -64.94 -5.55
N GLU D 355 13.52 -65.75 -6.60
CA GLU D 355 13.38 -65.23 -7.96
C GLU D 355 12.02 -64.60 -8.20
N LYS D 356 11.99 -63.50 -8.97
CA LYS D 356 10.73 -62.94 -9.44
C LYS D 356 9.79 -64.01 -9.97
N ASP D 357 8.51 -63.89 -9.64
CA ASP D 357 7.51 -64.92 -9.97
C ASP D 357 6.13 -64.32 -9.79
N ARG D 358 5.65 -63.65 -10.84
CA ARG D 358 4.37 -62.94 -10.74
C ARG D 358 3.19 -63.86 -10.46
N ALA D 359 3.29 -65.11 -10.87
CA ALA D 359 2.21 -66.07 -10.63
C ALA D 359 2.02 -66.29 -9.13
N ARG D 360 3.06 -65.99 -8.35
CA ARG D 360 2.99 -66.13 -6.89
C ARG D 360 3.08 -64.78 -6.20
N GLY D 361 2.86 -63.68 -6.92
CA GLY D 361 2.85 -62.35 -6.35
C GLY D 361 4.20 -61.77 -6.01
N ILE D 362 5.26 -62.38 -6.53
CA ILE D 362 6.62 -61.91 -6.29
C ILE D 362 7.00 -61.03 -7.47
N PHE D 363 6.91 -59.71 -7.27
CA PHE D 363 7.11 -58.73 -8.32
C PHE D 363 8.58 -58.42 -8.63
N PHE D 364 9.44 -58.75 -7.67
CA PHE D 364 10.87 -58.50 -7.74
C PHE D 364 11.69 -59.67 -7.25
N THR D 365 12.84 -59.91 -7.88
CA THR D 365 13.83 -60.81 -7.30
C THR D 365 14.36 -60.20 -5.98
N GLN D 366 14.40 -61.03 -4.95
CA GLN D 366 14.71 -60.60 -3.59
C GLN D 366 15.86 -61.45 -3.08
N ASP D 367 16.97 -60.79 -2.80
CA ASP D 367 18.17 -61.44 -2.27
C ASP D 367 18.40 -60.96 -0.84
N TRP D 368 18.40 -61.86 0.13
CA TRP D 368 18.54 -61.47 1.52
C TRP D 368 19.98 -61.53 2.08
N VAL D 369 20.95 -61.86 1.21
CA VAL D 369 22.40 -61.98 1.56
C VAL D 369 22.66 -62.50 2.98
N SER D 370 22.09 -63.68 3.21
CA SER D 370 22.27 -64.49 4.40
C SER D 370 21.60 -63.97 5.68
N MET D 371 20.69 -63.01 5.57
CA MET D 371 19.82 -62.67 6.70
C MET D 371 19.00 -63.91 6.99
N PRO D 372 18.94 -64.36 8.26
CA PRO D 372 18.15 -65.58 8.50
C PRO D 372 16.68 -65.43 8.13
N GLY D 373 16.02 -66.57 7.93
CA GLY D 373 14.59 -66.59 7.67
C GLY D 373 13.73 -66.63 8.91
N VAL D 374 12.43 -66.36 8.69
CA VAL D 374 11.42 -66.36 9.74
C VAL D 374 10.50 -67.57 9.57
N ILE D 375 10.11 -68.24 10.65
CA ILE D 375 9.19 -69.36 10.58
C ILE D 375 7.76 -68.84 10.43
N PRO D 376 7.06 -69.27 9.36
CA PRO D 376 5.65 -68.89 9.22
C PRO D 376 4.73 -69.73 10.14
N VAL D 377 3.71 -69.09 10.68
CA VAL D 377 2.79 -69.69 11.61
C VAL D 377 1.40 -69.73 11.01
N ALA D 378 0.83 -70.93 10.88
CA ALA D 378 -0.54 -71.11 10.43
C ALA D 378 -1.45 -71.25 11.63
N SER D 379 -2.54 -70.49 11.68
CA SER D 379 -3.49 -70.61 12.80
C SER D 379 -4.93 -70.49 12.34
N GLY D 380 -5.87 -70.59 13.28
CA GLY D 380 -7.26 -70.21 13.03
C GLY D 380 -8.16 -71.22 12.38
N GLY D 381 -8.76 -72.08 13.20
CA GLY D 381 -9.86 -72.92 12.74
C GLY D 381 -9.44 -74.27 12.18
N ILE D 382 -8.25 -74.72 12.58
CA ILE D 382 -7.67 -75.92 12.02
C ILE D 382 -7.77 -77.03 13.04
N HIS D 383 -7.90 -78.28 12.57
CA HIS D 383 -8.00 -79.47 13.41
C HIS D 383 -7.27 -80.62 12.73
N VAL D 384 -7.33 -81.81 13.33
CA VAL D 384 -6.52 -82.92 12.89
C VAL D 384 -6.64 -83.23 11.41
N TRP D 385 -7.83 -83.05 10.84
CA TRP D 385 -8.06 -83.48 9.45
C TRP D 385 -7.37 -82.52 8.49
N HIS D 386 -6.96 -81.37 9.01
CA HIS D 386 -6.16 -80.44 8.21
C HIS D 386 -4.66 -80.75 8.22
N MET D 387 -4.19 -81.68 9.06
CA MET D 387 -2.74 -81.90 9.18
C MET D 387 -2.07 -82.28 7.84
N PRO D 388 -2.68 -83.17 7.03
CA PRO D 388 -2.02 -83.52 5.76
C PRO D 388 -1.84 -82.30 4.83
N ALA D 389 -2.89 -81.48 4.68
CA ALA D 389 -2.85 -80.27 3.84
C ALA D 389 -1.81 -79.26 4.36
N LEU D 390 -1.82 -79.02 5.67
CA LEU D 390 -0.89 -78.03 6.24
C LEU D 390 0.57 -78.49 6.10
N THR D 391 0.82 -79.77 6.33
CA THR D 391 2.16 -80.31 6.21
C THR D 391 2.61 -80.18 4.73
N GLU D 392 1.72 -80.47 3.80
CA GLU D 392 2.07 -80.41 2.39
C GLU D 392 2.36 -78.96 1.90
N ILE D 393 1.55 -78.00 2.32
CA ILE D 393 1.66 -76.63 1.87
C ILE D 393 2.90 -75.95 2.44
N PHE D 394 3.08 -76.05 3.76
CA PHE D 394 4.17 -75.32 4.43
C PHE D 394 5.47 -76.10 4.56
N GLY D 395 5.40 -77.42 4.57
CA GLY D 395 6.59 -78.21 4.83
C GLY D 395 7.02 -78.11 6.30
N ASP D 396 8.24 -78.58 6.58
CA ASP D 396 8.68 -78.69 7.95
C ASP D 396 8.89 -77.35 8.63
N ASP D 397 9.29 -76.32 7.87
CA ASP D 397 9.66 -75.08 8.55
C ASP D 397 8.45 -74.18 8.72
N SER D 398 7.63 -74.56 9.69
CA SER D 398 6.40 -73.86 10.00
C SER D 398 5.99 -74.16 11.43
N VAL D 399 5.10 -73.33 11.95
CA VAL D 399 4.40 -73.65 13.19
C VAL D 399 2.91 -73.79 12.89
N LEU D 400 2.29 -74.88 13.32
CA LEU D 400 0.84 -75.06 13.13
C LEU D 400 0.23 -74.82 14.49
N GLN D 401 -0.60 -73.79 14.55
CA GLN D 401 -1.03 -73.19 15.79
C GLN D 401 -2.54 -73.42 15.89
N PHE D 402 -2.92 -74.33 16.75
CA PHE D 402 -4.31 -74.67 16.99
C PHE D 402 -4.86 -73.73 18.08
N GLY D 403 -6.09 -73.93 18.48
CA GLY D 403 -6.74 -72.96 19.33
C GLY D 403 -8.21 -73.13 19.08
N GLY D 404 -8.76 -74.14 19.79
CA GLY D 404 -9.99 -74.82 19.47
C GLY D 404 -9.68 -76.30 19.19
N GLY D 405 -8.66 -76.54 18.35
CA GLY D 405 -8.31 -77.90 17.93
C GLY D 405 -7.56 -78.74 18.96
N THR D 406 -7.19 -78.11 20.09
CA THR D 406 -6.62 -78.81 21.25
C THR D 406 -7.60 -78.73 22.42
N LEU D 407 -8.01 -77.49 22.72
CA LEU D 407 -8.86 -77.22 23.89
C LEU D 407 -10.32 -77.70 23.67
N GLY D 408 -10.63 -78.19 22.46
CA GLY D 408 -11.96 -78.70 22.11
C GLY D 408 -12.05 -80.22 22.01
N HIS D 409 -10.93 -80.90 22.26
CA HIS D 409 -10.94 -82.35 22.26
C HIS D 409 -11.83 -82.81 23.40
N PRO D 410 -12.63 -83.85 23.17
CA PRO D 410 -13.60 -84.27 24.20
C PRO D 410 -12.97 -84.84 25.47
N TRP D 411 -11.68 -85.21 25.42
CA TRP D 411 -10.99 -85.76 26.57
C TRP D 411 -10.08 -84.72 27.27
N GLY D 412 -10.09 -83.49 26.76
CA GLY D 412 -9.34 -82.40 27.37
C GLY D 412 -8.05 -82.05 26.65
N ASN D 413 -7.27 -81.14 27.24
CA ASN D 413 -6.11 -80.53 26.59
C ASN D 413 -4.97 -81.49 26.28
N ALA D 414 -4.59 -82.34 27.24
CA ALA D 414 -3.48 -83.24 27.01
C ALA D 414 -3.80 -84.28 25.91
N PRO D 415 -4.97 -84.94 25.96
CA PRO D 415 -5.27 -85.82 24.82
C PRO D 415 -5.46 -85.07 23.51
N GLY D 416 -5.93 -83.83 23.57
CA GLY D 416 -6.09 -83.04 22.36
C GLY D 416 -4.75 -82.76 21.71
N ALA D 417 -3.77 -82.46 22.55
CA ALA D 417 -2.42 -82.18 22.10
C ALA D 417 -1.84 -83.47 21.52
N ALA D 418 -2.07 -84.56 22.22
CA ALA D 418 -1.59 -85.86 21.78
C ALA D 418 -2.16 -86.21 20.42
N ALA D 419 -3.45 -85.98 20.23
CA ALA D 419 -4.07 -86.26 18.95
C ALA D 419 -3.43 -85.44 17.80
N ASN D 420 -3.19 -84.16 18.03
CA ASN D 420 -2.51 -83.33 17.03
C ASN D 420 -1.09 -83.79 16.71
N ARG D 421 -0.33 -84.12 17.74
CA ARG D 421 1.07 -84.52 17.59
C ARG D 421 1.13 -85.85 16.81
N VAL D 422 0.21 -86.75 17.15
CA VAL D 422 0.17 -88.04 16.47
C VAL D 422 -0.22 -87.84 15.01
N ALA D 423 -1.26 -87.04 14.77
CA ALA D 423 -1.67 -86.79 13.39
C ALA D 423 -0.51 -86.21 12.58
N LEU D 424 0.20 -85.24 13.15
CA LEU D 424 1.33 -84.63 12.47
C LEU D 424 2.43 -85.64 12.17
N GLU D 425 2.78 -86.46 13.16
CA GLU D 425 3.91 -87.37 12.96
C GLU D 425 3.50 -88.46 11.96
N ALA D 426 2.22 -88.80 11.92
CA ALA D 426 1.75 -89.81 10.96
C ALA D 426 1.89 -89.25 9.55
N CYS D 427 1.59 -87.97 9.38
CA CYS D 427 1.75 -87.28 8.10
C CYS D 427 3.20 -87.17 7.69
N VAL D 428 4.06 -86.77 8.63
CA VAL D 428 5.47 -86.67 8.34
C VAL D 428 6.03 -88.05 7.92
N GLN D 429 5.67 -89.10 8.64
CA GLN D 429 6.16 -90.43 8.34
C GLN D 429 5.78 -90.81 6.90
N ALA D 430 4.50 -90.63 6.57
CA ALA D 430 3.96 -91.02 5.27
C ALA D 430 4.62 -90.22 4.15
N ARG D 431 4.74 -88.90 4.33
CA ARG D 431 5.43 -88.04 3.37
C ARG D 431 6.88 -88.49 3.14
N ASN D 432 7.59 -88.82 4.20
CA ASN D 432 8.97 -89.21 4.09
C ASN D 432 9.09 -90.51 3.33
N GLU D 433 8.11 -91.40 3.48
CA GLU D 433 8.08 -92.65 2.75
C GLU D 433 7.78 -92.47 1.26
N GLY D 434 7.36 -91.26 0.88
CA GLY D 434 7.10 -90.98 -0.52
C GLY D 434 5.63 -90.93 -0.89
N ARG D 435 4.75 -91.01 0.11
CA ARG D 435 3.31 -90.90 -0.13
C ARG D 435 2.89 -89.46 -0.42
N ASP D 436 1.80 -89.32 -1.16
CA ASP D 436 1.25 -88.03 -1.56
C ASP D 436 0.23 -87.55 -0.54
N LEU D 437 0.60 -86.55 0.26
CA LEU D 437 -0.30 -86.06 1.33
C LEU D 437 -1.57 -85.45 0.77
N ALA D 438 -1.46 -84.84 -0.39
CA ALA D 438 -2.59 -84.18 -1.02
C ALA D 438 -3.68 -85.16 -1.44
N ARG D 439 -3.35 -86.42 -1.68
CA ARG D 439 -4.39 -87.36 -2.08
C ARG D 439 -4.57 -88.53 -1.12
N GLU D 440 -3.56 -88.84 -0.31
CA GLU D 440 -3.65 -89.96 0.62
C GLU D 440 -3.91 -89.49 2.06
N GLY D 441 -4.08 -88.19 2.24
CA GLY D 441 -4.17 -87.57 3.56
C GLY D 441 -5.22 -88.21 4.47
N ASN D 442 -6.45 -88.33 4.01
CA ASN D 442 -7.51 -88.91 4.85
C ASN D 442 -7.18 -90.37 5.22
N GLU D 443 -6.65 -91.16 4.28
CA GLU D 443 -6.22 -92.53 4.56
C GLU D 443 -5.14 -92.60 5.63
N ILE D 444 -4.20 -91.67 5.58
CA ILE D 444 -3.11 -91.67 6.54
C ILE D 444 -3.63 -91.43 7.97
N ILE D 445 -4.54 -90.47 8.11
CA ILE D 445 -5.14 -90.15 9.38
C ILE D 445 -6.00 -91.31 9.86
N ARG D 446 -6.81 -91.88 8.99
CA ARG D 446 -7.67 -92.94 9.48
C ARG D 446 -6.88 -94.20 9.85
N ALA D 447 -5.76 -94.51 9.19
CA ALA D 447 -4.90 -95.60 9.64
C ALA D 447 -4.35 -95.34 11.04
N ALA D 448 -3.95 -94.10 11.30
CA ALA D 448 -3.38 -93.78 12.60
C ALA D 448 -4.44 -93.83 13.71
N CYS D 449 -5.71 -93.60 13.36
CA CYS D 449 -6.80 -93.69 14.34
C CYS D 449 -6.91 -95.06 14.99
N LYS D 450 -6.46 -96.09 14.29
CA LYS D 450 -6.60 -97.44 14.81
C LYS D 450 -5.69 -97.69 15.98
N TRP D 451 -4.50 -97.08 16.03
CA TRP D 451 -3.59 -97.34 17.15
C TRP D 451 -3.52 -96.15 18.15
N SER D 452 -4.20 -95.06 17.85
CA SER D 452 -4.24 -93.90 18.75
C SER D 452 -5.67 -93.56 19.12
N PRO D 453 -6.12 -93.97 20.32
CA PRO D 453 -7.50 -93.65 20.70
C PRO D 453 -7.77 -92.15 20.81
N GLU D 454 -6.74 -91.41 21.20
CA GLU D 454 -6.83 -89.95 21.28
C GLU D 454 -7.13 -89.34 19.91
N LEU D 455 -6.42 -89.77 18.88
CA LEU D 455 -6.70 -89.30 17.53
C LEU D 455 -8.09 -89.79 17.06
N ALA D 456 -8.44 -91.03 17.34
CA ALA D 456 -9.76 -91.51 16.94
C ALA D 456 -10.89 -90.63 17.52
N ALA D 457 -10.77 -90.21 18.79
CA ALA D 457 -11.78 -89.39 19.43
C ALA D 457 -11.86 -87.98 18.83
N ALA D 458 -10.71 -87.44 18.45
CA ALA D 458 -10.64 -86.15 17.78
C ALA D 458 -11.34 -86.22 16.43
N CYS D 459 -11.10 -87.30 15.70
CA CYS D 459 -11.61 -87.45 14.33
C CYS D 459 -13.10 -87.66 14.30
N GLU D 460 -13.67 -88.07 15.42
CA GLU D 460 -15.11 -88.23 15.51
C GLU D 460 -15.80 -86.87 15.66
N VAL D 461 -15.15 -85.96 16.37
CA VAL D 461 -15.70 -84.65 16.66
C VAL D 461 -15.65 -83.74 15.45
N TRP D 462 -14.50 -83.73 14.77
CA TRP D 462 -14.30 -82.92 13.56
C TRP D 462 -14.31 -83.87 12.37
N LYS D 463 -14.83 -83.44 11.23
CA LYS D 463 -15.00 -84.36 10.10
C LYS D 463 -14.00 -84.11 8.96
N ALA D 464 -13.75 -85.18 8.20
CA ALA D 464 -12.83 -85.14 7.07
C ALA D 464 -13.27 -84.12 6.02
N MET E 48 -6.36 96.41 -11.87
CA MET E 48 -6.67 95.20 -12.66
C MET E 48 -6.81 95.57 -14.13
N GLN E 49 -6.02 94.93 -14.98
CA GLN E 49 -6.11 95.18 -16.41
C GLN E 49 -6.70 93.93 -17.05
N VAL E 50 -7.48 94.14 -18.10
CA VAL E 50 -8.13 93.07 -18.85
C VAL E 50 -7.32 92.73 -20.09
N TRP E 51 -7.09 91.44 -20.33
CA TRP E 51 -6.23 91.06 -21.43
C TRP E 51 -6.99 91.35 -22.72
N PRO E 52 -6.36 92.03 -23.70
CA PRO E 52 -7.16 92.42 -24.88
C PRO E 52 -7.77 91.27 -25.67
N ILE E 53 -8.93 91.51 -26.28
CA ILE E 53 -9.60 90.51 -27.10
C ILE E 53 -9.41 90.71 -28.60
N GLU E 54 -8.83 91.84 -28.98
CA GLU E 54 -8.57 92.11 -30.40
C GLU E 54 -7.26 92.85 -30.61
N GLY E 55 -6.73 92.72 -31.83
CA GLY E 55 -5.56 93.44 -32.27
C GLY E 55 -4.24 92.96 -31.72
N ILE E 56 -4.24 91.83 -31.00
CA ILE E 56 -3.01 91.22 -30.53
C ILE E 56 -2.99 89.73 -30.89
N LYS E 57 -3.37 89.41 -32.11
CA LYS E 57 -3.17 88.05 -32.57
C LYS E 57 -1.66 87.72 -32.63
N LYS E 58 -1.33 86.42 -32.59
CA LYS E 58 0.01 86.01 -32.23
C LYS E 58 0.64 85.09 -33.25
N PHE E 59 1.95 84.91 -33.13
CA PHE E 59 2.77 84.23 -34.11
C PHE E 59 3.75 83.27 -33.45
N GLU E 60 3.29 82.63 -32.37
CA GLU E 60 4.11 81.68 -31.64
C GLU E 60 5.35 82.35 -31.07
N THR E 61 6.48 81.64 -31.04
CA THR E 61 7.57 82.01 -30.15
C THR E 61 8.14 83.42 -30.36
N LEU E 62 8.20 84.17 -29.24
CA LEU E 62 8.71 85.55 -29.12
C LEU E 62 7.63 86.61 -29.42
N SER E 63 6.46 86.21 -29.87
CA SER E 63 5.44 87.17 -30.25
C SER E 63 4.71 87.79 -29.05
N TYR E 64 5.05 87.37 -27.83
CA TYR E 64 4.53 88.05 -26.64
C TYR E 64 5.52 89.09 -26.11
N LEU E 65 6.68 89.19 -26.75
CA LEU E 65 7.68 90.20 -26.36
C LEU E 65 7.39 91.49 -27.11
N PRO E 66 7.86 92.63 -26.59
CA PRO E 66 7.68 93.83 -27.42
C PRO E 66 8.46 93.68 -28.71
N PRO E 67 8.09 94.46 -29.74
CA PRO E 67 8.77 94.36 -31.04
C PRO E 67 10.29 94.36 -30.88
N LEU E 68 10.94 93.38 -31.48
CA LEU E 68 12.38 93.22 -31.32
C LEU E 68 13.10 94.29 -32.10
N SER E 69 14.06 94.93 -31.46
CA SER E 69 15.00 95.80 -32.15
C SER E 69 15.81 95.03 -33.20
N THR E 70 16.47 95.76 -34.09
CA THR E 70 17.35 95.13 -35.08
C THR E 70 18.48 94.41 -34.34
N GLU E 71 18.93 95.03 -33.26
CA GLU E 71 19.95 94.44 -32.41
C GLU E 71 19.46 93.10 -31.83
N ALA E 72 18.24 93.07 -31.31
CA ALA E 72 17.73 91.82 -30.71
C ALA E 72 17.41 90.76 -31.77
N LEU E 73 16.93 91.17 -32.92
CA LEU E 73 16.63 90.23 -34.00
C LEU E 73 17.90 89.57 -34.53
N LEU E 74 18.95 90.36 -34.73
CA LEU E 74 20.23 89.80 -35.14
C LEU E 74 20.74 88.75 -34.17
N LYS E 75 20.54 88.98 -32.87
CA LYS E 75 20.97 88.02 -31.86
C LYS E 75 20.23 86.69 -31.98
N GLN E 76 18.94 86.77 -32.30
CA GLN E 76 18.16 85.54 -32.48
C GLN E 76 18.64 84.79 -33.73
N VAL E 77 19.01 85.51 -34.77
CA VAL E 77 19.51 84.84 -35.97
C VAL E 77 20.90 84.27 -35.71
N ASP E 78 21.72 85.02 -34.97
CA ASP E 78 23.03 84.51 -34.52
C ASP E 78 22.92 83.22 -33.72
N TYR E 79 21.89 83.11 -32.92
CA TYR E 79 21.65 81.90 -32.16
C TYR E 79 21.46 80.71 -33.12
N LEU E 80 20.69 80.89 -34.19
CA LEU E 80 20.51 79.85 -35.23
C LEU E 80 21.83 79.43 -35.86
N ILE E 81 22.62 80.42 -36.27
CA ILE E 81 23.92 80.14 -36.88
C ILE E 81 24.87 79.43 -35.92
N ARG E 82 24.96 79.88 -34.67
CA ARG E 82 25.81 79.20 -33.68
C ARG E 82 25.38 77.77 -33.46
N SER E 83 24.08 77.53 -33.50
CA SER E 83 23.52 76.20 -33.30
C SER E 83 23.68 75.29 -34.52
N LYS E 84 24.21 75.86 -35.60
CA LYS E 84 24.45 75.15 -36.87
C LYS E 84 23.15 74.78 -37.54
N TRP E 85 22.11 75.59 -37.34
CA TRP E 85 20.87 75.44 -38.06
C TRP E 85 20.87 76.37 -39.26
N VAL E 86 20.05 76.05 -40.25
CA VAL E 86 19.97 76.81 -41.49
C VAL E 86 18.83 77.82 -41.42
N PRO E 87 19.14 79.13 -41.56
CA PRO E 87 18.06 80.11 -41.57
C PRO E 87 17.27 80.10 -42.89
N CYS E 88 16.02 80.49 -42.84
CA CYS E 88 15.21 80.59 -44.03
C CYS E 88 14.08 81.58 -43.76
N LEU E 89 13.67 82.35 -44.77
CA LEU E 89 12.55 83.27 -44.60
C LEU E 89 11.29 82.66 -45.20
N GLU E 90 10.15 82.99 -44.58
CA GLU E 90 8.80 82.64 -45.05
C GLU E 90 7.94 83.88 -44.97
N PHE E 91 6.92 83.92 -45.83
CA PHE E 91 6.07 85.09 -45.89
C PHE E 91 4.68 84.69 -46.31
N SER E 92 3.72 85.52 -45.90
CA SER E 92 2.31 85.29 -46.13
C SER E 92 1.51 86.59 -46.06
N LYS E 93 0.41 86.63 -46.80
CA LYS E 93 -0.56 87.72 -46.66
C LYS E 93 -1.61 87.37 -45.60
N VAL E 94 -1.64 86.11 -45.16
CA VAL E 94 -2.54 85.65 -44.11
C VAL E 94 -1.71 85.24 -42.92
N GLY E 95 -2.01 85.84 -41.78
CA GLY E 95 -1.15 85.75 -40.62
C GLY E 95 -1.38 84.53 -39.74
N PHE E 96 -2.55 83.90 -39.83
CA PHE E 96 -2.98 82.99 -38.74
C PHE E 96 -3.51 81.67 -39.23
N ILE E 97 -3.70 80.75 -38.28
CA ILE E 97 -4.20 79.41 -38.53
C ILE E 97 -5.71 79.45 -38.80
N PHE E 98 -6.20 78.60 -39.68
CA PHE E 98 -7.64 78.51 -39.92
C PHE E 98 -7.97 77.07 -40.36
N ARG E 99 -9.26 76.79 -40.50
CA ARG E 99 -9.73 75.49 -41.01
C ARG E 99 -10.74 75.68 -42.10
N GLU E 100 -10.32 75.52 -43.34
CA GLU E 100 -11.22 75.72 -44.46
C GLU E 100 -11.51 74.40 -45.18
N HIS E 101 -10.49 73.57 -45.35
CA HIS E 101 -10.59 72.44 -46.29
C HIS E 101 -10.82 71.10 -45.61
N ASN E 102 -10.62 71.05 -44.30
CA ASN E 102 -10.78 69.82 -43.54
C ASN E 102 -10.71 70.22 -42.08
N ALA E 103 -11.29 69.41 -41.21
CA ALA E 103 -11.28 69.69 -39.78
C ALA E 103 -11.04 68.45 -38.91
N SER E 104 -10.33 67.46 -39.44
CA SER E 104 -10.08 66.21 -38.67
C SER E 104 -8.90 66.48 -37.75
N PRO E 105 -8.70 65.61 -36.75
CA PRO E 105 -7.67 65.94 -35.75
C PRO E 105 -6.28 66.07 -36.34
N GLY E 106 -5.60 67.14 -35.92
CA GLY E 106 -4.27 67.47 -36.41
C GLY E 106 -4.22 68.14 -37.77
N TYR E 107 -5.37 68.31 -38.41
CA TYR E 107 -5.39 69.05 -39.67
C TYR E 107 -5.71 70.53 -39.42
N TYR E 108 -4.82 71.41 -39.86
CA TYR E 108 -5.12 72.85 -39.92
C TYR E 108 -4.63 73.46 -41.23
N ASP E 109 -5.34 74.48 -41.72
CA ASP E 109 -4.81 75.29 -42.81
C ASP E 109 -4.01 76.47 -42.24
N GLY E 110 -3.15 77.05 -43.07
CA GLY E 110 -2.39 78.21 -42.65
C GLY E 110 -1.15 77.95 -41.84
N ARG E 111 -0.78 76.67 -41.66
CA ARG E 111 0.46 76.36 -40.95
C ARG E 111 1.65 76.66 -41.86
N TYR E 112 1.57 76.17 -43.11
CA TYR E 112 2.51 76.54 -44.16
C TYR E 112 2.36 78.00 -44.56
N TRP E 113 3.49 78.69 -44.65
CA TRP E 113 3.59 79.97 -45.35
C TRP E 113 4.41 79.71 -46.63
N THR E 114 4.76 80.75 -47.38
CA THR E 114 5.49 80.57 -48.61
C THR E 114 6.98 80.83 -48.37
N MET E 115 7.83 80.01 -48.97
CA MET E 115 9.25 80.18 -48.82
C MET E 115 9.72 81.40 -49.63
N TRP E 116 10.52 82.23 -48.99
CA TRP E 116 11.30 83.26 -49.67
C TRP E 116 12.62 82.67 -50.11
N LYS E 117 12.82 82.59 -51.42
CA LYS E 117 14.03 82.02 -51.99
C LYS E 117 14.31 80.64 -51.39
N LEU E 118 15.53 80.41 -50.95
CA LEU E 118 15.92 79.10 -50.40
C LEU E 118 16.55 79.20 -49.01
N PRO E 119 16.65 78.06 -48.32
CA PRO E 119 17.34 78.14 -47.03
C PRO E 119 18.76 78.63 -47.26
N MET E 120 19.27 79.46 -46.36
CA MET E 120 20.54 80.12 -46.58
C MET E 120 21.70 79.25 -46.09
N PHE E 121 21.89 78.13 -46.76
CA PHE E 121 22.95 77.19 -46.43
C PHE E 121 24.30 77.91 -46.39
N GLY E 122 25.10 77.64 -45.36
CA GLY E 122 26.44 78.19 -45.23
C GLY E 122 26.47 79.64 -44.75
N CYS E 123 25.32 80.20 -44.45
CA CYS E 123 25.26 81.55 -43.90
C CYS E 123 26.03 81.63 -42.59
N THR E 124 26.94 82.60 -42.50
CA THR E 124 27.72 82.84 -41.29
C THR E 124 27.49 84.23 -40.73
N ASP E 125 26.75 85.05 -41.48
CA ASP E 125 26.53 86.44 -41.12
C ASP E 125 25.04 86.77 -41.00
N ALA E 126 24.59 86.99 -39.78
CA ALA E 126 23.18 87.27 -39.49
C ALA E 126 22.62 88.46 -40.25
N THR E 127 23.48 89.42 -40.58
CA THR E 127 23.02 90.59 -41.32
C THR E 127 22.53 90.20 -42.71
N GLN E 128 23.04 89.11 -43.26
CA GLN E 128 22.54 88.59 -44.53
C GLN E 128 21.06 88.23 -44.44
N VAL E 129 20.67 87.61 -43.32
CA VAL E 129 19.27 87.20 -43.12
C VAL E 129 18.37 88.43 -42.93
N ILE E 130 18.85 89.37 -42.15
CA ILE E 130 18.11 90.58 -41.88
C ILE E 130 17.97 91.43 -43.15
N ASN E 131 18.98 91.43 -44.02
CA ASN E 131 18.86 92.12 -45.30
C ASN E 131 17.82 91.49 -46.22
N GLU E 132 17.72 90.17 -46.25
CA GLU E 132 16.67 89.57 -47.03
C GLU E 132 15.31 89.94 -46.50
N VAL E 133 15.15 90.10 -45.18
CA VAL E 133 13.86 90.53 -44.65
C VAL E 133 13.43 91.82 -45.33
N GLU E 134 14.38 92.72 -45.59
CA GLU E 134 14.06 93.98 -46.24
C GLU E 134 13.71 93.80 -47.71
N GLU E 135 14.33 92.82 -48.37
CA GLU E 135 13.97 92.50 -49.75
C GLU E 135 12.52 92.02 -49.82
N VAL E 136 12.09 91.22 -48.83
CA VAL E 136 10.70 90.76 -48.79
C VAL E 136 9.76 91.95 -48.64
N LYS E 137 10.09 92.86 -47.73
CA LYS E 137 9.22 94.01 -47.48
C LYS E 137 9.09 94.90 -48.73
N LYS E 138 10.16 95.03 -49.50
CA LYS E 138 10.10 95.79 -50.74
C LYS E 138 9.17 95.14 -51.77
N GLU E 139 9.24 93.83 -51.91
CA GLU E 139 8.43 93.18 -52.92
C GLU E 139 6.98 92.94 -52.46
N TYR E 140 6.78 92.76 -51.15
CA TYR E 140 5.45 92.53 -50.56
C TYR E 140 5.26 93.38 -49.32
N PRO E 141 4.99 94.68 -49.49
CA PRO E 141 4.91 95.58 -48.32
C PRO E 141 3.89 95.18 -47.25
N ASP E 142 2.89 94.39 -47.61
CA ASP E 142 1.82 94.02 -46.68
C ASP E 142 1.85 92.53 -46.31
N ALA E 143 3.02 91.91 -46.47
CA ALA E 143 3.19 90.52 -46.06
C ALA E 143 3.73 90.42 -44.65
N TYR E 144 3.30 89.38 -43.96
CA TYR E 144 3.95 88.96 -42.74
C TYR E 144 5.22 88.25 -43.15
N VAL E 145 6.28 88.40 -42.36
CA VAL E 145 7.56 87.72 -42.62
C VAL E 145 8.04 87.04 -41.35
N ARG E 146 8.42 85.77 -41.46
CA ARG E 146 9.03 85.10 -40.33
C ARG E 146 10.32 84.40 -40.70
N ILE E 147 11.17 84.27 -39.68
CA ILE E 147 12.43 83.58 -39.80
C ILE E 147 12.23 82.21 -39.21
N ILE E 148 12.59 81.20 -39.99
CA ILE E 148 12.58 79.82 -39.51
C ILE E 148 13.97 79.20 -39.61
N GLY E 149 14.13 78.06 -38.98
CA GLY E 149 15.41 77.38 -38.98
C GLY E 149 15.26 75.90 -39.10
N PHE E 150 16.20 75.32 -39.84
CA PHE E 150 16.23 73.88 -40.12
C PHE E 150 17.43 73.23 -39.50
N ASP E 151 17.21 72.06 -38.94
CA ASP E 151 18.24 71.30 -38.29
C ASP E 151 18.42 70.06 -39.12
N ASN E 152 19.56 69.92 -39.80
CA ASN E 152 19.76 68.72 -40.61
C ASN E 152 20.13 67.50 -39.74
N MET E 153 20.50 67.74 -38.48
CA MET E 153 20.76 66.64 -37.52
C MET E 153 19.49 65.99 -36.97
N ARG E 154 18.63 66.79 -36.34
CA ARG E 154 17.32 66.32 -35.90
C ARG E 154 16.46 66.03 -37.13
N GLN E 155 16.86 66.62 -38.27
CA GLN E 155 16.23 66.43 -39.58
C GLN E 155 14.87 67.16 -39.70
N VAL E 156 14.74 68.27 -38.98
CA VAL E 156 13.45 68.90 -38.81
C VAL E 156 13.57 70.42 -38.82
N GLN E 157 12.44 71.08 -39.06
CA GLN E 157 12.34 72.48 -38.71
C GLN E 157 12.38 72.60 -37.19
N CYS E 158 13.11 73.58 -36.64
CA CYS E 158 13.20 73.66 -35.18
C CYS E 158 13.04 75.07 -34.63
N VAL E 159 12.95 76.08 -35.49
CA VAL E 159 12.64 77.43 -35.02
C VAL E 159 11.70 78.17 -35.99
N SER E 160 10.96 79.11 -35.43
CA SER E 160 10.11 80.02 -36.18
C SER E 160 9.82 81.24 -35.31
N PHE E 161 10.17 82.45 -35.78
CA PHE E 161 9.75 83.65 -35.04
C PHE E 161 9.45 84.79 -36.00
N ILE E 162 8.51 85.64 -35.62
CA ILE E 162 8.08 86.73 -36.49
C ILE E 162 9.19 87.80 -36.62
N ALA E 163 9.42 88.26 -37.85
CA ALA E 163 10.40 89.31 -38.15
C ALA E 163 9.72 90.60 -38.62
N PHE E 164 8.56 90.50 -39.27
CA PHE E 164 7.84 91.70 -39.72
C PHE E 164 6.33 91.48 -39.77
N LYS E 165 5.57 92.41 -39.19
CA LYS E 165 4.13 92.39 -39.34
C LYS E 165 3.74 93.69 -40.00
N PRO E 166 2.89 93.61 -41.01
CA PRO E 166 2.58 94.89 -41.66
C PRO E 166 1.80 95.79 -40.70
N PRO E 167 2.30 97.00 -40.40
CA PRO E 167 1.46 97.90 -39.61
C PRO E 167 0.19 98.26 -40.36
N GLY E 168 -0.90 98.39 -39.63
CA GLY E 168 -2.20 98.64 -40.22
C GLY E 168 -3.13 97.46 -40.01
N CYS E 169 -2.57 96.25 -39.95
CA CYS E 169 -3.37 95.03 -39.89
C CYS E 169 -4.11 94.91 -38.55
N MET F 48 6.33 1.80 -9.74
CA MET F 48 5.52 2.78 -10.46
C MET F 48 4.19 2.18 -10.89
N GLN F 49 3.09 2.77 -10.43
CA GLN F 49 1.78 2.31 -10.84
C GLN F 49 1.19 3.33 -11.81
N VAL F 50 0.43 2.85 -12.80
CA VAL F 50 -0.21 3.70 -13.79
C VAL F 50 -1.64 3.97 -13.32
N TRP F 51 -2.07 5.23 -13.34
CA TRP F 51 -3.44 5.55 -12.97
C TRP F 51 -4.39 4.93 -13.99
N PRO F 52 -5.43 4.21 -13.52
CA PRO F 52 -6.28 3.49 -14.48
C PRO F 52 -7.04 4.42 -15.45
N ILE F 53 -7.29 3.94 -16.67
CA ILE F 53 -8.01 4.74 -17.66
C ILE F 53 -9.46 4.34 -17.81
N GLU F 54 -9.88 3.30 -17.09
CA GLU F 54 -11.24 2.79 -17.21
C GLU F 54 -11.72 2.19 -15.91
N GLY F 55 -13.02 2.20 -15.71
CA GLY F 55 -13.63 1.54 -14.56
C GLY F 55 -13.60 2.34 -13.28
N ILE F 56 -13.09 3.58 -13.33
CA ILE F 56 -13.01 4.39 -12.10
C ILE F 56 -13.51 5.81 -12.36
N LYS F 57 -14.62 5.91 -13.09
CA LYS F 57 -15.32 7.18 -13.26
C LYS F 57 -15.77 7.64 -11.87
N LYS F 58 -15.90 8.95 -11.71
CA LYS F 58 -16.01 9.57 -10.40
C LYS F 58 -17.29 10.37 -10.23
N PHE F 59 -17.57 10.74 -8.98
CA PHE F 59 -18.85 11.34 -8.56
C PHE F 59 -18.60 12.50 -7.64
N GLU F 60 -17.51 13.22 -7.88
CA GLU F 60 -17.10 14.36 -7.08
C GLU F 60 -16.77 13.97 -5.64
N THR F 61 -17.23 14.73 -4.66
CA THR F 61 -16.60 14.68 -3.35
C THR F 61 -16.80 13.35 -2.62
N LEU F 62 -15.66 12.84 -2.17
CA LEU F 62 -15.45 11.57 -1.49
C LEU F 62 -15.37 10.37 -2.39
N SER F 63 -15.46 10.55 -3.72
CA SER F 63 -15.48 9.39 -4.60
C SER F 63 -14.06 8.89 -4.91
N TYR F 64 -13.03 9.54 -4.41
CA TYR F 64 -11.64 9.00 -4.52
C TYR F 64 -11.31 8.14 -3.29
N LEU F 65 -12.20 8.11 -2.32
CA LEU F 65 -12.02 7.27 -1.11
C LEU F 65 -12.56 5.89 -1.40
N PRO F 66 -12.14 4.87 -0.61
CA PRO F 66 -12.81 3.58 -0.78
C PRO F 66 -14.30 3.76 -0.51
N PRO F 67 -15.14 2.90 -1.10
CA PRO F 67 -16.58 3.13 -0.91
C PRO F 67 -16.95 3.21 0.58
N LEU F 68 -17.78 4.16 0.97
CA LEU F 68 -18.02 4.35 2.39
C LEU F 68 -18.94 3.25 2.95
N SER F 69 -18.48 2.66 4.04
CA SER F 69 -19.23 1.68 4.84
C SER F 69 -20.47 2.32 5.42
N THR F 70 -21.38 1.52 5.97
CA THR F 70 -22.59 2.09 6.55
C THR F 70 -22.27 3.05 7.70
N GLU F 71 -21.31 2.65 8.54
CA GLU F 71 -20.81 3.46 9.64
C GLU F 71 -20.27 4.82 9.15
N ALA F 72 -19.44 4.77 8.11
CA ALA F 72 -18.82 5.98 7.55
C ALA F 72 -19.86 6.91 6.90
N LEU F 73 -20.85 6.32 6.22
CA LEU F 73 -21.92 7.08 5.58
C LEU F 73 -22.74 7.78 6.63
N LEU F 74 -23.06 7.05 7.70
CA LEU F 74 -23.81 7.64 8.81
C LEU F 74 -23.13 8.87 9.38
N LYS F 75 -21.80 8.83 9.47
CA LYS F 75 -21.08 9.96 10.04
C LYS F 75 -21.16 11.19 9.12
N GLN F 76 -21.16 10.97 7.81
CA GLN F 76 -21.26 12.08 6.86
C GLN F 76 -22.68 12.69 6.90
N VAL F 77 -23.69 11.85 7.06
CA VAL F 77 -25.04 12.36 7.21
C VAL F 77 -25.18 13.12 8.53
N ASP F 78 -24.55 12.62 9.60
CA ASP F 78 -24.57 13.33 10.88
C ASP F 78 -23.93 14.71 10.75
N TYR F 79 -22.90 14.83 9.93
CA TYR F 79 -22.28 16.13 9.68
C TYR F 79 -23.30 17.14 9.09
N LEU F 80 -24.13 16.68 8.16
CA LEU F 80 -25.21 17.53 7.62
C LEU F 80 -26.16 17.98 8.69
N ILE F 81 -26.60 17.04 9.51
CA ILE F 81 -27.58 17.34 10.55
C ILE F 81 -27.03 18.32 11.57
N ARG F 82 -25.80 18.08 12.02
CA ARG F 82 -25.14 19.00 12.95
C ARG F 82 -24.96 20.38 12.37
N SER F 83 -24.79 20.46 11.05
CA SER F 83 -24.60 21.73 10.38
C SER F 83 -25.92 22.45 10.12
N LYS F 84 -27.03 21.81 10.45
CA LYS F 84 -28.39 22.32 10.21
C LYS F 84 -28.72 22.40 8.72
N TRP F 85 -28.11 21.53 7.95
CA TRP F 85 -28.38 21.38 6.53
C TRP F 85 -29.40 20.27 6.32
N VAL F 86 -30.18 20.37 5.24
CA VAL F 86 -31.26 19.44 5.00
C VAL F 86 -30.78 18.33 4.06
N PRO F 87 -30.83 17.05 4.50
CA PRO F 87 -30.43 15.97 3.59
C PRO F 87 -31.48 15.68 2.54
N CYS F 88 -31.05 15.17 1.40
CA CYS F 88 -31.96 14.79 0.35
C CYS F 88 -31.26 13.72 -0.47
N LEU F 89 -32.00 12.77 -1.01
CA LEU F 89 -31.42 11.79 -1.91
C LEU F 89 -31.73 12.13 -3.36
N GLU F 90 -30.75 11.87 -4.22
CA GLU F 90 -30.96 11.85 -5.67
C GLU F 90 -30.51 10.55 -6.27
N PHE F 91 -31.01 10.23 -7.46
CA PHE F 91 -30.66 8.97 -8.09
C PHE F 91 -30.74 9.16 -9.59
N SER F 92 -30.12 8.21 -10.30
CA SER F 92 -29.96 8.30 -11.74
C SER F 92 -29.54 6.97 -12.30
N LYS F 93 -29.95 6.67 -13.54
CA LYS F 93 -29.40 5.53 -14.27
C LYS F 93 -28.14 5.87 -15.08
N VAL F 94 -27.83 7.16 -15.20
CA VAL F 94 -26.65 7.67 -15.88
C VAL F 94 -25.76 8.36 -14.85
N GLY F 95 -24.49 7.96 -14.78
CA GLY F 95 -23.68 8.41 -13.65
C GLY F 95 -22.95 9.72 -13.81
N PHE F 96 -22.76 10.17 -15.05
CA PHE F 96 -21.75 11.18 -15.33
C PHE F 96 -22.22 12.34 -16.19
N ILE F 97 -21.43 13.38 -16.20
CA ILE F 97 -21.69 14.58 -17.01
C ILE F 97 -21.50 14.26 -18.47
N PHE F 98 -22.26 14.94 -19.33
CA PHE F 98 -22.11 14.82 -20.77
C PHE F 98 -22.61 16.10 -21.43
N ARG F 99 -22.46 16.19 -22.74
CA ARG F 99 -22.96 17.32 -23.52
C ARG F 99 -23.69 16.90 -24.77
N GLU F 100 -25.02 16.85 -24.67
CA GLU F 100 -25.86 16.39 -25.77
C GLU F 100 -26.68 17.53 -26.39
N HIS F 101 -27.22 18.43 -25.57
CA HIS F 101 -28.21 19.37 -26.08
C HIS F 101 -27.65 20.78 -26.35
N ASN F 102 -26.48 21.07 -25.80
CA ASN F 102 -25.84 22.35 -25.99
C ASN F 102 -24.41 22.20 -25.53
N ALA F 103 -23.52 23.07 -25.99
CA ALA F 103 -22.11 23.01 -25.58
C ALA F 103 -21.51 24.40 -25.40
N SER F 104 -22.33 25.38 -25.01
CA SER F 104 -21.81 26.71 -24.73
C SER F 104 -21.21 26.74 -23.31
N PRO F 105 -20.36 27.74 -23.01
CA PRO F 105 -19.64 27.72 -21.74
C PRO F 105 -20.56 27.62 -20.53
N GLY F 106 -20.22 26.72 -19.61
CA GLY F 106 -21.02 26.51 -18.43
C GLY F 106 -22.29 25.69 -18.61
N TYR F 107 -22.59 25.28 -19.84
CA TYR F 107 -23.70 24.36 -20.07
C TYR F 107 -23.18 22.92 -20.11
N TYR F 108 -23.72 22.06 -19.24
CA TYR F 108 -23.51 20.62 -19.33
C TYR F 108 -24.83 19.90 -19.07
N ASP F 109 -25.02 18.74 -19.68
CA ASP F 109 -26.11 17.84 -19.30
C ASP F 109 -25.64 16.87 -18.20
N GLY F 110 -26.60 16.27 -17.48
CA GLY F 110 -26.24 15.25 -16.49
C GLY F 110 -25.80 15.79 -15.15
N ARG F 111 -25.88 17.11 -14.95
CA ARG F 111 -25.62 17.67 -13.64
C ARG F 111 -26.79 17.40 -12.70
N TYR F 112 -28.02 17.67 -13.14
CA TYR F 112 -29.20 17.27 -12.41
C TYR F 112 -29.33 15.76 -12.46
N TRP F 113 -29.61 15.15 -11.31
CA TRP F 113 -30.20 13.82 -11.24
C TRP F 113 -31.66 13.98 -10.82
N THR F 114 -32.33 12.87 -10.53
CA THR F 114 -33.71 12.91 -10.11
C THR F 114 -33.84 12.87 -8.57
N MET F 115 -34.73 13.70 -8.04
CA MET F 115 -34.95 13.74 -6.60
C MET F 115 -35.72 12.51 -6.13
N TRP F 116 -35.25 11.91 -5.04
CA TRP F 116 -35.96 10.83 -4.39
C TRP F 116 -36.80 11.43 -3.29
N LYS F 117 -38.12 11.40 -3.50
CA LYS F 117 -39.08 11.95 -2.57
C LYS F 117 -38.81 13.44 -2.39
N LEU F 118 -38.70 13.88 -1.14
CA LEU F 118 -38.48 15.30 -0.83
C LEU F 118 -37.31 15.47 0.13
N PRO F 119 -36.78 16.70 0.23
CA PRO F 119 -35.72 16.91 1.24
C PRO F 119 -36.28 16.55 2.61
N MET F 120 -35.45 15.96 3.45
CA MET F 120 -35.90 15.47 4.75
C MET F 120 -35.79 16.57 5.82
N PHE F 121 -36.68 17.54 5.73
CA PHE F 121 -36.73 18.65 6.64
C PHE F 121 -36.92 18.17 8.07
N GLY F 122 -36.11 18.69 8.99
CA GLY F 122 -36.23 18.38 10.39
C GLY F 122 -35.71 17.00 10.77
N CYS F 123 -35.02 16.33 9.84
CA CYS F 123 -34.39 15.04 10.16
C CYS F 123 -33.35 15.24 11.25
N THR F 124 -33.45 14.46 12.33
CA THR F 124 -32.50 14.49 13.43
C THR F 124 -31.77 13.16 13.58
N ASP F 125 -32.11 12.19 12.73
CA ASP F 125 -31.61 10.82 12.83
C ASP F 125 -31.05 10.36 11.51
N ALA F 126 -29.73 10.24 11.45
CA ALA F 126 -29.03 9.86 10.24
C ALA F 126 -29.54 8.53 9.68
N THR F 127 -29.98 7.64 10.56
CA THR F 127 -30.41 6.32 10.13
C THR F 127 -31.63 6.43 9.20
N GLN F 128 -32.39 7.50 9.32
CA GLN F 128 -33.54 7.68 8.44
C GLN F 128 -33.08 7.85 6.99
N VAL F 129 -31.96 8.52 6.80
CA VAL F 129 -31.42 8.81 5.47
C VAL F 129 -30.89 7.53 4.84
N ILE F 130 -30.13 6.78 5.62
CA ILE F 130 -29.54 5.53 5.15
C ILE F 130 -30.63 4.52 4.81
N ASN F 131 -31.72 4.53 5.58
CA ASN F 131 -32.86 3.67 5.25
C ASN F 131 -33.46 4.01 3.90
N GLU F 132 -33.61 5.30 3.59
CA GLU F 132 -34.18 5.66 2.30
C GLU F 132 -33.24 5.20 1.19
N VAL F 133 -31.92 5.25 1.42
CA VAL F 133 -30.98 4.75 0.41
C VAL F 133 -31.30 3.31 0.07
N GLU F 134 -31.63 2.51 1.08
CA GLU F 134 -32.01 1.12 0.81
C GLU F 134 -33.34 1.02 0.04
N GLU F 135 -34.23 1.99 0.23
CA GLU F 135 -35.50 1.98 -0.48
C GLU F 135 -35.29 2.23 -1.97
N VAL F 136 -34.38 3.15 -2.30
CA VAL F 136 -34.10 3.44 -3.71
C VAL F 136 -33.51 2.21 -4.37
N LYS F 137 -32.59 1.59 -3.64
CA LYS F 137 -31.84 0.45 -4.12
C LYS F 137 -32.82 -0.66 -4.43
N LYS F 138 -33.88 -0.71 -3.64
CA LYS F 138 -34.92 -1.71 -3.79
C LYS F 138 -35.74 -1.44 -5.04
N GLU F 139 -36.11 -0.18 -5.28
CA GLU F 139 -37.00 0.13 -6.39
C GLU F 139 -36.23 0.27 -7.68
N TYR F 140 -34.98 0.70 -7.58
CA TYR F 140 -34.08 0.92 -8.72
C TYR F 140 -32.73 0.28 -8.49
N PRO F 141 -32.66 -1.06 -8.66
CA PRO F 141 -31.45 -1.85 -8.37
C PRO F 141 -30.20 -1.39 -9.12
N ASP F 142 -30.37 -0.83 -10.31
CA ASP F 142 -29.24 -0.45 -11.14
C ASP F 142 -29.10 1.07 -11.28
N ALA F 143 -29.58 1.81 -10.28
CA ALA F 143 -29.40 3.26 -10.21
C ALA F 143 -28.25 3.65 -9.29
N TYR F 144 -27.58 4.75 -9.63
CA TYR F 144 -26.67 5.44 -8.73
C TYR F 144 -27.51 6.23 -7.73
N VAL F 145 -27.01 6.36 -6.51
CA VAL F 145 -27.69 7.15 -5.48
C VAL F 145 -26.68 8.05 -4.84
N ARG F 146 -27.04 9.32 -4.67
CA ARG F 146 -26.19 10.22 -3.94
C ARG F 146 -26.99 10.99 -2.91
N ILE F 147 -26.27 11.43 -1.88
CA ILE F 147 -26.81 12.24 -0.81
C ILE F 147 -26.35 13.66 -1.03
N ILE F 148 -27.31 14.58 -1.01
CA ILE F 148 -27.04 16.01 -1.16
C ILE F 148 -27.59 16.72 0.07
N GLY F 149 -27.26 18.00 0.19
CA GLY F 149 -27.56 18.75 1.38
C GLY F 149 -27.85 20.17 1.02
N PHE F 150 -28.89 20.71 1.63
CA PHE F 150 -29.34 22.05 1.34
C PHE F 150 -29.10 22.94 2.53
N ASP F 151 -28.50 24.09 2.25
CA ASP F 151 -28.24 25.10 3.24
C ASP F 151 -29.30 26.20 3.07
N ASN F 152 -30.28 26.23 3.95
CA ASN F 152 -31.30 27.27 3.85
C ASN F 152 -30.80 28.65 4.33
N MET F 153 -29.54 28.74 4.76
CA MET F 153 -28.98 30.03 5.24
C MET F 153 -28.20 30.78 4.15
N ARG F 154 -27.31 30.10 3.43
CA ARG F 154 -26.69 30.72 2.26
C ARG F 154 -27.50 30.39 1.02
N GLN F 155 -28.63 29.69 1.21
CA GLN F 155 -29.67 29.52 0.17
C GLN F 155 -29.28 28.67 -1.03
N VAL F 156 -28.43 27.68 -0.80
CA VAL F 156 -27.90 26.91 -1.90
C VAL F 156 -27.77 25.46 -1.53
N GLN F 157 -27.55 24.64 -2.54
CA GLN F 157 -27.06 23.30 -2.32
C GLN F 157 -25.61 23.44 -1.89
N CYS F 158 -25.20 22.69 -0.88
CA CYS F 158 -23.82 22.81 -0.39
C CYS F 158 -23.11 21.48 -0.21
N VAL F 159 -23.80 20.37 -0.39
CA VAL F 159 -23.16 19.05 -0.30
C VAL F 159 -23.66 18.10 -1.39
N SER F 160 -22.80 17.18 -1.81
CA SER F 160 -23.14 16.08 -2.72
C SER F 160 -22.12 14.96 -2.57
N PHE F 161 -22.53 13.73 -2.25
CA PHE F 161 -21.58 12.60 -2.25
C PHE F 161 -22.29 11.30 -2.51
N ILE F 162 -21.57 10.40 -3.18
CA ILE F 162 -22.12 9.14 -3.66
C ILE F 162 -22.37 8.19 -2.49
N ALA F 163 -23.54 7.55 -2.52
CA ALA F 163 -23.95 6.58 -1.49
C ALA F 163 -23.98 5.16 -2.02
N PHE F 164 -24.31 5.01 -3.30
CA PHE F 164 -24.41 3.70 -3.90
C PHE F 164 -24.15 3.78 -5.38
N LYS F 165 -23.31 2.86 -5.84
CA LYS F 165 -23.03 2.68 -7.24
C LYS F 165 -23.43 1.26 -7.58
N PRO F 166 -24.21 1.07 -8.64
CA PRO F 166 -24.51 -0.33 -8.95
C PRO F 166 -23.23 -1.10 -9.31
N PRO F 167 -22.98 -2.25 -8.66
CA PRO F 167 -21.87 -3.04 -9.19
C PRO F 167 -22.30 -3.62 -10.54
N GLY F 168 -21.34 -3.94 -11.39
CA GLY F 168 -21.63 -4.31 -12.75
C GLY F 168 -21.32 -3.14 -13.66
N CYS F 169 -21.57 -1.93 -13.17
CA CYS F 169 -21.27 -0.71 -13.91
C CYS F 169 -19.82 -0.73 -14.39
N MET G 48 -13.39 -91.85 28.15
CA MET G 48 -12.36 -90.82 28.32
C MET G 48 -11.10 -91.48 28.86
N GLN G 49 -9.97 -91.29 28.19
CA GLN G 49 -8.70 -91.83 28.68
C GLN G 49 -7.82 -90.67 29.09
N VAL G 50 -6.99 -90.91 30.09
CA VAL G 50 -6.10 -89.91 30.67
C VAL G 50 -4.71 -90.08 30.08
N TRP G 51 -4.15 -88.99 29.57
CA TRP G 51 -2.83 -89.09 28.98
C TRP G 51 -1.82 -89.43 30.07
N PRO G 52 -1.00 -90.47 29.87
CA PRO G 52 -0.13 -90.93 30.97
C PRO G 52 0.85 -89.85 31.45
N ILE G 53 1.22 -89.91 32.73
CA ILE G 53 2.18 -88.94 33.29
C ILE G 53 3.58 -89.52 33.49
N GLU G 54 3.71 -90.82 33.32
CA GLU G 54 5.02 -91.48 33.45
C GLU G 54 5.16 -92.60 32.46
N GLY G 55 6.42 -92.93 32.15
CA GLY G 55 6.73 -94.03 31.25
C GLY G 55 6.67 -93.74 29.76
N ILE G 56 6.32 -92.51 29.38
CA ILE G 56 6.26 -92.14 27.97
C ILE G 56 7.02 -90.84 27.66
N LYS G 57 8.22 -90.69 28.22
CA LYS G 57 9.08 -89.57 27.84
C LYS G 57 9.46 -89.70 26.37
N LYS G 58 9.76 -88.58 25.74
CA LYS G 58 9.77 -88.52 24.29
C LYS G 58 11.10 -88.05 23.72
N PHE G 59 11.25 -88.20 22.41
CA PHE G 59 12.53 -88.04 21.72
C PHE G 59 12.34 -87.27 20.43
N GLU G 60 11.44 -86.29 20.47
CA GLU G 60 11.10 -85.49 19.33
C GLU G 60 10.54 -86.30 18.14
N THR G 61 10.90 -85.96 16.92
CA THR G 61 10.12 -86.39 15.77
C THR G 61 10.07 -87.90 15.57
N LEU G 62 8.82 -88.34 15.43
CA LEU G 62 8.39 -89.73 15.29
C LEU G 62 8.22 -90.48 16.59
N SER G 63 8.53 -89.86 17.74
CA SER G 63 8.46 -90.63 18.97
C SER G 63 7.02 -90.77 19.55
N TYR G 64 6.01 -90.13 18.94
CA TYR G 64 4.61 -90.37 19.29
C TYR G 64 3.96 -91.48 18.44
N LEU G 65 4.69 -92.01 17.47
CA LEU G 65 4.26 -93.21 16.77
C LEU G 65 4.63 -94.46 17.57
N PRO G 66 3.94 -95.59 17.32
CA PRO G 66 4.42 -96.85 17.85
C PRO G 66 5.85 -97.08 17.42
N PRO G 67 6.64 -97.82 18.23
CA PRO G 67 7.99 -98.20 17.83
C PRO G 67 8.01 -98.62 16.37
N LEU G 68 8.99 -98.12 15.63
CA LEU G 68 9.05 -98.36 14.21
C LEU G 68 9.72 -99.68 13.99
N SER G 69 9.16 -100.42 13.05
CA SER G 69 9.67 -101.70 12.57
C SER G 69 10.97 -101.47 11.82
N THR G 70 11.74 -102.52 11.60
CA THR G 70 12.93 -102.44 10.78
C THR G 70 12.61 -101.90 9.40
N GLU G 71 11.53 -102.39 8.79
CA GLU G 71 11.09 -101.93 7.48
C GLU G 71 10.79 -100.44 7.48
N ALA G 72 10.05 -99.97 8.47
CA ALA G 72 9.68 -98.56 8.60
C ALA G 72 10.92 -97.69 8.84
N LEU G 73 11.83 -98.18 9.65
CA LEU G 73 13.08 -97.48 9.95
C LEU G 73 13.94 -97.32 8.69
N LEU G 74 14.02 -98.39 7.90
CA LEU G 74 14.73 -98.34 6.64
C LEU G 74 14.15 -97.28 5.73
N LYS G 75 12.83 -97.17 5.71
CA LYS G 75 12.19 -96.17 4.85
C LYS G 75 12.53 -94.74 5.27
N GLN G 76 12.62 -94.49 6.57
CA GLN G 76 13.06 -93.17 7.05
C GLN G 76 14.53 -92.87 6.69
N VAL G 77 15.39 -93.88 6.79
CA VAL G 77 16.76 -93.68 6.36
C VAL G 77 16.84 -93.49 4.86
N ASP G 78 16.02 -94.21 4.09
CA ASP G 78 16.03 -94.01 2.65
C ASP G 78 15.61 -92.61 2.27
N TYR G 79 14.74 -92.00 3.06
CA TYR G 79 14.32 -90.63 2.83
C TYR G 79 15.52 -89.67 2.97
N LEU G 80 16.36 -89.90 3.97
CA LEU G 80 17.60 -89.12 4.09
C LEU G 80 18.47 -89.25 2.86
N ILE G 81 18.70 -90.49 2.46
CA ILE G 81 19.58 -90.75 1.33
C ILE G 81 19.02 -90.12 0.04
N ARG G 82 17.73 -90.28 -0.23
CA ARG G 82 17.11 -89.65 -1.39
C ARG G 82 17.22 -88.14 -1.35
N SER G 83 17.16 -87.59 -0.15
CA SER G 83 17.23 -86.16 0.06
C SER G 83 18.64 -85.60 -0.04
N LYS G 84 19.61 -86.50 -0.26
CA LYS G 84 21.03 -86.17 -0.36
C LYS G 84 21.58 -85.65 0.98
N TRP G 85 21.01 -86.14 2.07
CA TRP G 85 21.47 -85.81 3.41
C TRP G 85 22.34 -86.94 3.95
N VAL G 86 23.25 -86.60 4.84
CA VAL G 86 24.20 -87.56 5.38
C VAL G 86 23.70 -88.14 6.69
N PRO G 87 23.45 -89.46 6.73
CA PRO G 87 23.04 -90.07 8.00
C PRO G 87 24.17 -90.18 9.02
N CYS G 88 23.82 -90.14 10.32
CA CYS G 88 24.80 -90.31 11.38
C CYS G 88 24.06 -90.91 12.56
N LEU G 89 24.72 -91.75 13.35
CA LEU G 89 24.16 -92.22 14.58
C LEU G 89 24.68 -91.45 15.79
N GLU G 90 23.80 -91.28 16.79
CA GLU G 90 24.16 -90.74 18.12
C GLU G 90 23.61 -91.64 19.18
N PHE G 91 24.26 -91.64 20.32
CA PHE G 91 23.85 -92.50 21.42
C PHE G 91 24.11 -91.83 22.76
N SER G 92 23.36 -92.28 23.77
CA SER G 92 23.45 -91.71 25.10
C SER G 92 22.92 -92.66 26.13
N LYS G 93 23.42 -92.55 27.35
CA LYS G 93 22.78 -93.27 28.46
C LYS G 93 21.74 -92.41 29.17
N VAL G 94 21.66 -91.13 28.81
CA VAL G 94 20.66 -90.20 29.35
C VAL G 94 19.77 -89.75 28.21
N GLY G 95 18.47 -89.98 28.35
CA GLY G 95 17.57 -89.82 27.23
C GLY G 95 17.03 -88.43 26.95
N PHE G 96 17.06 -87.53 27.94
CA PHE G 96 16.22 -86.32 27.89
C PHE G 96 16.97 -85.04 28.22
N ILE G 97 16.35 -83.91 27.90
CA ILE G 97 16.90 -82.59 28.20
C ILE G 97 16.87 -82.32 29.71
N PHE G 98 17.80 -81.53 30.21
CA PHE G 98 17.81 -81.12 31.59
C PHE G 98 18.57 -79.81 31.67
N ARG G 99 18.59 -79.22 32.86
CA ARG G 99 19.39 -78.03 33.12
C ARG G 99 20.17 -78.18 34.38
N GLU G 100 21.46 -78.40 34.22
CA GLU G 100 22.34 -78.55 35.35
C GLU G 100 23.35 -77.39 35.44
N HIS G 101 23.92 -76.99 34.31
CA HIS G 101 25.13 -76.14 34.34
C HIS G 101 24.84 -74.68 34.14
N ASN G 102 23.66 -74.37 33.65
CA ASN G 102 23.26 -73.00 33.38
C ASN G 102 21.75 -73.05 33.10
N ALA G 103 21.04 -71.94 33.24
CA ALA G 103 19.60 -71.91 32.97
C ALA G 103 19.17 -70.61 32.33
N SER G 104 20.07 -69.97 31.57
CA SER G 104 19.71 -68.75 30.87
C SER G 104 18.92 -69.11 29.58
N PRO G 105 18.24 -68.12 28.98
CA PRO G 105 17.37 -68.46 27.84
C PRO G 105 18.13 -69.12 26.70
N GLY G 106 17.58 -70.24 26.24
CA GLY G 106 18.17 -70.97 25.13
C GLY G 106 19.28 -71.93 25.52
N TYR G 107 19.66 -71.93 26.80
CA TYR G 107 20.65 -72.88 27.29
C TYR G 107 19.93 -74.11 27.89
N TYR G 108 20.28 -75.31 27.42
CA TYR G 108 19.83 -76.57 28.02
C TYR G 108 20.99 -77.54 27.93
N ASP G 109 21.07 -78.44 28.89
CA ASP G 109 21.95 -79.58 28.79
C ASP G 109 21.21 -80.76 28.22
N GLY G 110 21.96 -81.73 27.74
CA GLY G 110 21.38 -82.93 27.18
C GLY G 110 20.89 -82.84 25.75
N ARG G 111 21.11 -81.71 25.07
CA ARG G 111 20.71 -81.63 23.66
C ARG G 111 21.68 -82.44 22.81
N TYR G 112 22.97 -82.24 23.07
CA TYR G 112 24.03 -83.09 22.50
C TYR G 112 23.98 -84.49 23.07
N TRP G 113 23.99 -85.49 22.19
CA TRP G 113 24.39 -86.85 22.57
C TRP G 113 25.81 -87.12 22.01
N THR G 114 26.29 -88.34 22.09
CA THR G 114 27.60 -88.68 21.58
C THR G 114 27.52 -89.30 20.18
N MET G 115 28.42 -88.89 19.30
CA MET G 115 28.44 -89.43 17.94
C MET G 115 29.00 -90.84 17.93
N TRP G 116 28.30 -91.72 17.22
CA TRP G 116 28.79 -93.06 16.94
C TRP G 116 29.59 -93.01 15.66
N LYS G 117 30.90 -93.21 15.78
CA LYS G 117 31.80 -93.17 14.64
C LYS G 117 31.66 -91.84 13.90
N LEU G 118 31.46 -91.89 12.60
CA LEU G 118 31.38 -90.65 11.82
C LEU G 118 30.12 -90.61 10.94
N PRO G 119 29.75 -89.41 10.48
CA PRO G 119 28.66 -89.34 9.51
C PRO G 119 29.00 -90.22 8.31
N MET G 120 27.99 -90.89 7.78
CA MET G 120 28.18 -91.90 6.75
C MET G 120 28.13 -91.27 5.37
N PHE G 121 29.16 -90.48 5.08
CA PHE G 121 29.26 -89.79 3.80
C PHE G 121 29.23 -90.78 2.65
N GLY G 122 28.40 -90.48 1.66
CA GLY G 122 28.35 -91.27 0.45
C GLY G 122 27.52 -92.55 0.59
N CYS G 123 26.92 -92.72 1.76
CA CYS G 123 26.04 -93.86 1.99
C CYS G 123 24.93 -93.92 0.92
N THR G 124 24.72 -95.09 0.34
CA THR G 124 23.67 -95.27 -0.66
C THR G 124 22.76 -96.43 -0.28
N ASP G 125 23.09 -97.12 0.81
CA ASP G 125 22.37 -98.30 1.23
C ASP G 125 21.89 -98.19 2.68
N ALA G 126 20.58 -98.04 2.85
CA ALA G 126 20.00 -97.77 4.16
C ALA G 126 20.26 -98.92 5.13
N THR G 127 20.53 -100.12 4.62
CA THR G 127 20.77 -101.24 5.52
C THR G 127 22.08 -101.08 6.30
N GLN G 128 23.03 -100.37 5.72
CA GLN G 128 24.30 -100.11 6.38
C GLN G 128 24.10 -99.22 7.60
N VAL G 129 23.14 -98.31 7.55
CA VAL G 129 22.82 -97.48 8.72
C VAL G 129 22.19 -98.34 9.80
N ILE G 130 21.24 -99.20 9.42
CA ILE G 130 20.53 -100.01 10.40
C ILE G 130 21.48 -101.04 11.01
N ASN G 131 22.43 -101.54 10.21
CA ASN G 131 23.43 -102.45 10.75
C ASN G 131 24.30 -101.78 11.80
N GLU G 132 24.62 -100.49 11.64
CA GLU G 132 25.38 -99.80 12.67
C GLU G 132 24.57 -99.64 13.95
N VAL G 133 23.25 -99.43 13.85
CA VAL G 133 22.43 -99.37 15.06
C VAL G 133 22.58 -100.65 15.86
N GLU G 134 22.61 -101.79 15.16
CA GLU G 134 22.82 -103.03 15.88
C GLU G 134 24.22 -103.12 16.50
N GLU G 135 25.22 -102.52 15.87
CA GLU G 135 26.56 -102.45 16.48
C GLU G 135 26.56 -101.61 17.77
N VAL G 136 25.84 -100.49 17.77
CA VAL G 136 25.75 -99.68 18.99
C VAL G 136 25.14 -100.49 20.12
N LYS G 137 24.04 -101.17 19.82
CA LYS G 137 23.31 -101.95 20.82
C LYS G 137 24.20 -103.02 21.43
N LYS G 138 25.13 -103.53 20.64
CA LYS G 138 26.07 -104.55 21.06
C LYS G 138 27.09 -104.02 22.05
N GLU G 139 27.64 -102.84 21.77
CA GLU G 139 28.62 -102.27 22.65
C GLU G 139 27.97 -101.59 23.85
N TYR G 140 26.78 -101.02 23.65
CA TYR G 140 26.10 -100.24 24.69
C TYR G 140 24.66 -100.66 24.83
N PRO G 141 24.41 -101.83 25.44
CA PRO G 141 23.03 -102.36 25.41
C PRO G 141 22.01 -101.48 26.14
N ASP G 142 22.45 -100.62 27.06
CA ASP G 142 21.53 -99.77 27.79
C ASP G 142 21.52 -98.33 27.29
N ALA G 143 22.00 -98.12 26.07
CA ALA G 143 22.00 -96.77 25.49
C ALA G 143 20.81 -96.52 24.60
N TYR G 144 20.34 -95.28 24.60
CA TYR G 144 19.43 -94.79 23.58
C TYR G 144 20.22 -94.55 22.31
N VAL G 145 19.58 -94.80 21.17
CA VAL G 145 20.21 -94.57 19.87
C VAL G 145 19.28 -93.80 18.94
N ARG G 146 19.81 -92.75 18.34
CA ARG G 146 19.04 -92.02 17.36
C ARG G 146 19.81 -91.85 16.07
N ILE G 147 19.04 -91.66 15.00
CA ILE G 147 19.55 -91.35 13.69
C ILE G 147 19.34 -89.88 13.41
N ILE G 148 20.40 -89.23 12.97
CA ILE G 148 20.33 -87.83 12.60
C ILE G 148 20.80 -87.69 11.14
N GLY G 149 20.56 -86.53 10.56
CA GLY G 149 20.92 -86.26 9.20
C GLY G 149 21.44 -84.85 9.05
N PHE G 150 22.50 -84.72 8.28
CA PHE G 150 23.11 -83.44 7.96
C PHE G 150 22.90 -83.08 6.52
N ASP G 151 22.50 -81.82 6.35
CA ASP G 151 22.28 -81.19 5.08
C ASP G 151 23.47 -80.31 4.78
N ASN G 152 24.32 -80.77 3.88
CA ASN G 152 25.46 -80.03 3.40
C ASN G 152 25.03 -78.71 2.72
N MET G 153 23.79 -78.64 2.24
CA MET G 153 23.31 -77.46 1.51
C MET G 153 22.74 -76.34 2.40
N ARG G 154 21.85 -76.68 3.32
CA ARG G 154 21.39 -75.69 4.30
C ARG G 154 22.43 -75.53 5.41
N GLN G 155 23.37 -76.46 5.47
CA GLN G 155 24.61 -76.37 6.28
C GLN G 155 24.37 -76.71 7.77
N VAL G 156 23.31 -77.47 7.97
CA VAL G 156 22.80 -77.75 9.27
C VAL G 156 22.44 -79.21 9.44
N GLN G 157 22.26 -79.58 10.67
CA GLN G 157 21.54 -80.75 11.03
C GLN G 157 20.08 -80.53 10.62
N CYS G 158 19.43 -81.52 10.04
CA CYS G 158 18.05 -81.30 9.62
C CYS G 158 17.09 -82.43 9.97
N VAL G 159 17.62 -83.50 10.54
CA VAL G 159 16.82 -84.65 10.95
C VAL G 159 17.33 -85.24 12.27
N SER G 160 16.41 -85.77 13.06
CA SER G 160 16.71 -86.53 14.26
C SER G 160 15.52 -87.43 14.64
N PHE G 161 15.70 -88.76 14.66
CA PHE G 161 14.64 -89.65 15.18
C PHE G 161 15.20 -90.85 15.90
N ILE G 162 14.46 -91.28 16.92
CA ILE G 162 14.90 -92.36 17.80
C ILE G 162 14.82 -93.70 17.05
N ALA G 163 15.86 -94.52 17.24
CA ALA G 163 16.00 -95.81 16.55
C ALA G 163 15.95 -96.97 17.52
N PHE G 164 16.34 -96.72 18.75
CA PHE G 164 16.35 -97.74 19.80
C PHE G 164 16.28 -97.11 21.16
N LYS G 165 15.42 -97.69 22.00
CA LYS G 165 15.43 -97.38 23.42
C LYS G 165 15.64 -98.64 24.24
N PRO G 166 16.40 -98.52 25.33
CA PRO G 166 16.63 -99.67 26.18
C PRO G 166 15.39 -99.96 27.07
N PRO G 167 15.38 -101.11 27.77
CA PRO G 167 14.21 -101.46 28.61
C PRO G 167 13.98 -100.47 29.78
N MET H 48 13.20 -6.88 -6.05
CA MET H 48 13.13 -7.64 -4.81
C MET H 48 13.45 -6.72 -3.64
N GLN H 49 12.74 -6.86 -2.52
CA GLN H 49 13.03 -6.07 -1.35
C GLN H 49 13.55 -7.05 -0.29
N VAL H 50 14.46 -6.57 0.54
CA VAL H 50 15.06 -7.39 1.60
C VAL H 50 14.36 -7.12 2.91
N TRP H 51 13.98 -8.19 3.60
CA TRP H 51 13.26 -8.02 4.86
C TRP H 51 14.22 -7.45 5.90
N PRO H 52 13.83 -6.36 6.57
CA PRO H 52 14.78 -5.67 7.46
C PRO H 52 15.33 -6.54 8.61
N ILE H 53 16.57 -6.29 9.02
CA ILE H 53 17.19 -7.07 10.12
C ILE H 53 17.20 -6.34 11.44
N GLU H 54 16.80 -5.07 11.43
CA GLU H 54 16.77 -4.26 12.66
C GLU H 54 15.64 -3.24 12.62
N GLY H 55 15.23 -2.81 13.82
CA GLY H 55 14.23 -1.77 13.96
C GLY H 55 12.79 -2.23 13.78
N ILE H 56 12.56 -3.52 13.57
CA ILE H 56 11.21 -4.04 13.42
C ILE H 56 11.01 -5.28 14.29
N LYS H 57 11.52 -5.21 15.52
CA LYS H 57 11.17 -6.24 16.50
C LYS H 57 9.66 -6.26 16.76
N LYS H 58 9.15 -7.41 17.16
CA LYS H 58 7.72 -7.66 17.09
C LYS H 58 7.11 -8.04 18.43
N PHE H 59 5.77 -8.06 18.44
CA PHE H 59 4.98 -8.15 19.65
C PHE H 59 3.79 -9.09 19.46
N GLU H 60 4.02 -10.15 18.73
CA GLU H 60 3.00 -11.13 18.45
C GLU H 60 1.79 -10.52 17.73
N THR H 61 0.57 -10.91 18.08
CA THR H 61 -0.55 -10.73 17.16
C THR H 61 -0.87 -9.26 16.88
N LEU H 62 -0.97 -9.00 15.57
CA LEU H 62 -1.22 -7.69 14.93
C LEU H 62 0.02 -6.81 14.75
N SER H 63 1.19 -7.23 15.21
CA SER H 63 2.36 -6.34 15.12
C SER H 63 3.01 -6.35 13.74
N TYR H 64 2.53 -7.15 12.79
CA TYR H 64 2.97 -7.06 11.39
C TYR H 64 2.07 -6.11 10.56
N LEU H 65 0.99 -5.61 11.16
CA LEU H 65 0.18 -4.59 10.50
C LEU H 65 0.79 -3.21 10.74
N PRO H 66 0.44 -2.22 9.91
CA PRO H 66 0.91 -0.87 10.22
C PRO H 66 0.39 -0.50 11.59
N PRO H 67 1.10 0.35 12.33
CA PRO H 67 0.61 0.73 13.66
C PRO H 67 -0.87 1.10 13.64
N LEU H 68 -1.64 0.53 14.56
CA LEU H 68 -3.08 0.71 14.59
C LEU H 68 -3.47 2.11 15.05
N SER H 69 -4.43 2.69 14.34
CA SER H 69 -5.04 3.95 14.74
C SER H 69 -5.89 3.78 16.00
N THR H 70 -6.30 4.90 16.58
CA THR H 70 -7.18 4.83 17.74
C THR H 70 -8.48 4.13 17.38
N GLU H 71 -9.01 4.42 16.20
CA GLU H 71 -10.25 3.79 15.76
C GLU H 71 -10.10 2.27 15.64
N ALA H 72 -8.97 1.85 15.07
CA ALA H 72 -8.70 0.42 14.84
C ALA H 72 -8.51 -0.30 16.17
N LEU H 73 -7.88 0.36 17.14
CA LEU H 73 -7.66 -0.22 18.46
C LEU H 73 -8.97 -0.40 19.21
N LEU H 74 -9.82 0.61 19.12
CA LEU H 74 -11.14 0.49 19.73
C LEU H 74 -11.89 -0.69 19.19
N LYS H 75 -11.75 -0.96 17.88
CA LYS H 75 -12.47 -2.08 17.31
C LYS H 75 -11.93 -3.42 17.85
N GLN H 76 -10.62 -3.51 18.08
CA GLN H 76 -10.04 -4.73 18.66
C GLN H 76 -10.49 -4.89 20.12
N VAL H 77 -10.59 -3.79 20.86
CA VAL H 77 -11.09 -3.88 22.21
C VAL H 77 -12.57 -4.23 22.20
N ASP H 78 -13.33 -3.66 21.27
CA ASP H 78 -14.74 -4.04 21.13
C ASP H 78 -14.93 -5.54 20.91
N TYR H 79 -14.02 -6.17 20.17
CA TYR H 79 -14.11 -7.60 19.93
C TYR H 79 -13.96 -8.38 21.23
N LEU H 80 -13.01 -7.97 22.08
CA LEU H 80 -12.87 -8.54 23.44
C LEU H 80 -14.15 -8.50 24.23
N ILE H 81 -14.73 -7.31 24.29
CA ILE H 81 -15.92 -7.08 25.08
C ILE H 81 -17.08 -7.89 24.56
N ARG H 82 -17.31 -7.89 23.24
CA ARG H 82 -18.42 -8.67 22.63
C ARG H 82 -18.25 -10.16 22.87
N SER H 83 -17.00 -10.61 22.91
CA SER H 83 -16.67 -12.00 23.17
C SER H 83 -16.79 -12.38 24.64
N LYS H 84 -17.13 -11.41 25.49
CA LYS H 84 -17.28 -11.66 26.93
C LYS H 84 -15.93 -11.94 27.58
N TRP H 85 -14.87 -11.40 27.02
CA TRP H 85 -13.56 -11.53 27.63
C TRP H 85 -13.27 -10.25 28.39
N VAL H 86 -12.35 -10.35 29.35
CA VAL H 86 -12.04 -9.25 30.24
C VAL H 86 -10.76 -8.56 29.79
N PRO H 87 -10.83 -7.28 29.44
CA PRO H 87 -9.64 -6.55 29.03
C PRO H 87 -8.71 -6.23 30.19
N CYS H 88 -7.42 -6.16 29.91
CA CYS H 88 -6.46 -5.78 30.93
C CYS H 88 -5.27 -5.17 30.22
N LEU H 89 -4.63 -4.19 30.84
CA LEU H 89 -3.43 -3.61 30.31
C LEU H 89 -2.20 -4.18 31.03
N GLU H 90 -1.12 -4.33 30.26
CA GLU H 90 0.22 -4.65 30.78
C GLU H 90 1.25 -3.70 30.19
N PHE H 91 2.36 -3.50 30.90
CA PHE H 91 3.37 -2.57 30.44
C PHE H 91 4.74 -3.04 30.89
N SER H 92 5.76 -2.55 30.22
CA SER H 92 7.12 -2.99 30.43
C SER H 92 8.10 -2.00 29.85
N LYS H 93 9.30 -1.92 30.42
CA LYS H 93 10.38 -1.13 29.81
C LYS H 93 11.19 -1.97 28.84
N VAL H 94 10.97 -3.27 28.88
CA VAL H 94 11.68 -4.24 28.07
C VAL H 94 10.66 -4.90 27.17
N GLY H 95 10.88 -4.85 25.86
CA GLY H 95 9.85 -5.23 24.91
C GLY H 95 9.76 -6.69 24.52
N PHE H 96 10.84 -7.44 24.75
CA PHE H 96 11.00 -8.71 24.06
C PHE H 96 11.41 -9.82 24.98
N ILE H 97 11.36 -11.04 24.47
CA ILE H 97 11.65 -12.24 25.26
C ILE H 97 13.15 -12.42 25.28
N PHE H 98 13.67 -13.01 26.35
CA PHE H 98 15.10 -13.25 26.48
C PHE H 98 15.30 -14.46 27.43
N ARG H 99 16.53 -14.90 27.60
CA ARG H 99 16.86 -15.95 28.56
C ARG H 99 18.03 -15.53 29.39
N GLU H 100 17.77 -15.24 30.65
CA GLU H 100 18.82 -14.79 31.55
C GLU H 100 19.00 -15.77 32.70
N HIS H 101 17.89 -16.28 33.22
CA HIS H 101 17.91 -16.96 34.52
C HIS H 101 17.84 -18.46 34.42
N ASN H 102 17.49 -18.97 33.24
CA ASN H 102 17.39 -20.40 32.95
C ASN H 102 17.22 -20.57 31.45
N ALA H 103 17.55 -21.74 30.91
CA ALA H 103 17.42 -21.98 29.48
C ALA H 103 16.90 -23.39 29.15
N SER H 104 16.15 -23.98 30.07
CA SER H 104 15.63 -25.32 29.86
C SER H 104 14.39 -25.22 28.96
N PRO H 105 13.95 -26.34 28.36
CA PRO H 105 12.86 -26.23 27.39
C PRO H 105 11.58 -25.62 27.97
N GLY H 106 11.07 -24.64 27.23
CA GLY H 106 9.84 -23.98 27.60
C GLY H 106 10.06 -22.88 28.62
N TYR H 107 11.28 -22.69 29.10
CA TYR H 107 11.57 -21.58 30.00
C TYR H 107 12.11 -20.37 29.22
N TYR H 108 11.44 -19.23 29.36
CA TYR H 108 11.89 -17.95 28.84
C TYR H 108 11.62 -16.86 29.88
N ASP H 109 12.47 -15.86 29.87
CA ASP H 109 12.22 -14.63 30.60
C ASP H 109 11.56 -13.62 29.67
N GLY H 110 10.88 -12.66 30.27
CA GLY H 110 10.30 -11.56 29.53
C GLY H 110 8.94 -11.85 28.96
N ARG H 111 8.36 -13.02 29.25
CA ARG H 111 7.01 -13.32 28.77
C ARG H 111 5.98 -12.53 29.60
N TYR H 112 6.12 -12.59 30.93
CA TYR H 112 5.37 -11.69 31.81
C TYR H 112 5.81 -10.24 31.63
N TRP H 113 4.83 -9.35 31.50
CA TRP H 113 5.04 -7.93 31.70
C TRP H 113 4.40 -7.57 33.05
N THR H 114 4.24 -6.30 33.35
CA THR H 114 3.64 -5.89 34.62
C THR H 114 2.16 -5.49 34.40
N MET H 115 1.28 -5.90 35.30
CA MET H 115 -0.12 -5.53 35.19
C MET H 115 -0.31 -4.07 35.49
N TRP H 116 -1.09 -3.38 34.67
CA TRP H 116 -1.22 -1.96 34.94
C TRP H 116 -2.05 -1.76 36.19
N LYS H 117 -3.34 -2.05 36.17
CA LYS H 117 -4.07 -1.95 37.43
C LYS H 117 -4.64 -3.34 37.69
N LEU H 118 -5.94 -3.49 37.48
CA LEU H 118 -6.56 -4.82 37.49
C LEU H 118 -7.31 -5.06 36.17
N PRO H 119 -7.64 -6.31 35.87
CA PRO H 119 -8.51 -6.56 34.73
C PRO H 119 -9.81 -5.79 34.92
N MET H 120 -10.34 -5.27 33.83
CA MET H 120 -11.47 -4.36 33.87
C MET H 120 -12.76 -5.17 33.78
N PHE H 121 -13.02 -5.90 34.85
CA PHE H 121 -14.22 -6.72 34.94
C PHE H 121 -15.45 -5.84 34.75
N GLY H 122 -16.38 -6.28 33.93
CA GLY H 122 -17.63 -5.55 33.72
C GLY H 122 -17.53 -4.37 32.76
N CYS H 123 -16.39 -4.21 32.12
CA CYS H 123 -16.21 -3.19 31.10
C CYS H 123 -17.16 -3.39 29.90
N THR H 124 -17.92 -2.35 29.55
CA THR H 124 -18.81 -2.39 28.37
C THR H 124 -18.44 -1.32 27.35
N ASP H 125 -17.45 -0.49 27.68
CA ASP H 125 -17.09 0.68 26.88
C ASP H 125 -15.60 0.63 26.53
N ALA H 126 -15.29 0.32 25.27
CA ALA H 126 -13.89 0.19 24.84
C ALA H 126 -13.12 1.46 25.09
N THR H 127 -13.79 2.61 25.08
CA THR H 127 -13.06 3.85 25.27
C THR H 127 -12.40 3.92 26.66
N GLN H 128 -12.95 3.22 27.64
CA GLN H 128 -12.34 3.17 28.96
C GLN H 128 -10.97 2.51 28.93
N VAL H 129 -10.83 1.52 28.07
CA VAL H 129 -9.55 0.79 27.95
C VAL H 129 -8.56 1.70 27.26
N ILE H 130 -8.99 2.34 26.19
CA ILE H 130 -8.09 3.24 25.51
C ILE H 130 -7.68 4.41 26.39
N ASN H 131 -8.59 4.89 27.23
CA ASN H 131 -8.26 5.96 28.16
C ASN H 131 -7.16 5.55 29.13
N GLU H 132 -7.20 4.31 29.62
CA GLU H 132 -6.17 3.83 30.53
C GLU H 132 -4.84 3.76 29.83
N VAL H 133 -4.84 3.40 28.54
CA VAL H 133 -3.59 3.33 27.77
C VAL H 133 -2.91 4.68 27.86
N GLU H 134 -3.70 5.75 27.69
CA GLU H 134 -3.15 7.10 27.85
C GLU H 134 -2.68 7.39 29.28
N GLU H 135 -3.31 6.80 30.29
CA GLU H 135 -2.82 6.98 31.66
C GLU H 135 -1.45 6.32 31.89
N VAL H 136 -1.24 5.14 31.31
CA VAL H 136 0.06 4.47 31.43
C VAL H 136 1.11 5.34 30.81
N LYS H 137 0.81 5.85 29.61
CA LYS H 137 1.76 6.64 28.85
C LYS H 137 2.17 7.91 29.61
N LYS H 138 1.24 8.45 30.37
CA LYS H 138 1.53 9.61 31.18
C LYS H 138 2.51 9.27 32.30
N GLU H 139 2.29 8.14 32.97
CA GLU H 139 3.14 7.78 34.10
C GLU H 139 4.44 7.13 33.66
N TYR H 140 4.43 6.44 32.53
CA TYR H 140 5.60 5.75 31.96
C TYR H 140 5.75 6.05 30.47
N PRO H 141 6.23 7.26 30.13
CA PRO H 141 6.36 7.66 28.72
C PRO H 141 7.25 6.76 27.88
N ASP H 142 8.13 6.01 28.55
CA ASP H 142 9.10 5.19 27.87
C ASP H 142 8.75 3.70 27.94
N ALA H 143 7.52 3.39 28.35
CA ALA H 143 7.08 1.99 28.45
C ALA H 143 6.37 1.47 27.21
N TYR H 144 6.53 0.19 26.93
CA TYR H 144 5.61 -0.51 26.03
C TYR H 144 4.31 -0.79 26.74
N VAL H 145 3.21 -0.78 25.99
CA VAL H 145 1.90 -1.07 26.58
C VAL H 145 1.16 -2.02 25.68
N ARG H 146 0.61 -3.09 26.24
CA ARG H 146 -0.22 -4.00 25.46
C ARG H 146 -1.56 -4.26 26.13
N ILE H 147 -2.50 -4.69 25.31
CA ILE H 147 -3.83 -5.03 25.78
C ILE H 147 -3.98 -6.53 25.72
N ILE H 148 -4.35 -7.13 26.84
CA ILE H 148 -4.64 -8.54 26.88
C ILE H 148 -6.07 -8.80 27.26
N GLY H 149 -6.48 -10.05 27.11
CA GLY H 149 -7.81 -10.44 27.46
C GLY H 149 -7.81 -11.77 28.15
N PHE H 150 -8.72 -11.91 29.10
CA PHE H 150 -8.93 -13.13 29.87
C PHE H 150 -10.31 -13.71 29.60
N ASP H 151 -10.31 -15.01 29.32
CA ASP H 151 -11.51 -15.79 29.10
C ASP H 151 -11.75 -16.61 30.35
N ASN H 152 -12.72 -16.20 31.17
CA ASN H 152 -12.95 -16.95 32.38
C ASN H 152 -13.62 -18.30 32.09
N MET H 153 -14.06 -18.53 30.86
CA MET H 153 -14.73 -19.81 30.54
C MET H 153 -13.74 -20.89 30.11
N ARG H 154 -12.77 -20.51 29.29
CA ARG H 154 -11.65 -21.40 28.97
C ARG H 154 -10.57 -21.33 30.05
N GLN H 155 -10.67 -20.33 30.93
CA GLN H 155 -9.83 -20.19 32.13
C GLN H 155 -8.37 -19.82 31.81
N VAL H 156 -8.22 -19.00 30.78
CA VAL H 156 -6.90 -18.65 30.29
C VAL H 156 -6.87 -17.21 29.78
N GLN H 157 -5.67 -16.69 29.65
CA GLN H 157 -5.46 -15.52 28.82
C GLN H 157 -5.73 -15.98 27.38
N CYS H 158 -6.35 -15.14 26.57
CA CYS H 158 -6.62 -15.55 25.19
C CYS H 158 -6.31 -14.49 24.14
N VAL H 159 -5.94 -13.29 24.57
CA VAL H 159 -5.60 -12.21 23.66
C VAL H 159 -4.37 -11.47 24.14
N SER H 160 -3.61 -10.91 23.21
CA SER H 160 -2.54 -9.98 23.54
C SER H 160 -2.11 -9.20 22.29
N PHE H 161 -2.28 -7.88 22.29
CA PHE H 161 -1.76 -7.06 21.17
C PHE H 161 -1.21 -5.74 21.65
N ILE H 162 -0.21 -5.26 20.92
CA ILE H 162 0.54 -4.06 21.29
C ILE H 162 -0.37 -2.83 21.08
N ALA H 163 -0.39 -1.94 22.06
CA ALA H 163 -1.16 -0.68 21.95
C ALA H 163 -0.26 0.55 21.87
N PHE H 164 0.95 0.47 22.40
CA PHE H 164 1.87 1.60 22.34
C PHE H 164 3.31 1.15 22.47
N LYS H 165 4.15 1.71 21.60
CA LYS H 165 5.58 1.49 21.66
C LYS H 165 6.25 2.83 21.85
N PRO H 166 7.19 2.92 22.83
CA PRO H 166 7.81 4.21 23.13
C PRO H 166 8.66 4.70 21.97
N PRO H 167 8.95 6.01 21.94
CA PRO H 167 9.70 6.62 20.84
C PRO H 167 11.17 6.24 20.90
N GLY H 168 11.64 5.46 19.93
CA GLY H 168 13.04 5.04 19.89
C GLY H 168 13.29 3.56 19.67
N CYS H 169 14.29 3.05 20.38
CA CYS H 169 14.89 1.73 20.14
C CYS H 169 13.90 0.63 19.71
#